data_6WB9
#
_entry.id   6WB9
#
_cell.length_a   1.00
_cell.length_b   1.00
_cell.length_c   1.00
_cell.angle_alpha   90.00
_cell.angle_beta   90.00
_cell.angle_gamma   90.00
#
_symmetry.space_group_name_H-M   'P 1'
#
loop_
_entity.id
_entity.type
_entity.pdbx_description
1 polymer 'Endoplasmic reticulum membrane protein complex subunit 10'
2 polymer 'ER membrane protein complex subunit 1'
3 polymer 'ER membrane protein complex subunit 2'
4 polymer 'ER membrane protein complex subunit 3'
5 polymer 'ER membrane protein complex subunit 4'
6 polymer 'ER membrane protein complex subunit 5'
7 polymer 'ER membrane protein complex subunit 6'
8 polymer 'Protein SOP4'
9 non-polymer 2-acetamido-2-deoxy-beta-D-glucopyranose
10 non-polymer '(2S)-3-(hexadecanoyloxy)-2-[(9Z)-octadec-9-enoyloxy]propyl 2-(trimethylammonio)ethyl phosphate'
#
loop_
_entity_poly.entity_id
_entity_poly.type
_entity_poly.pdbx_seq_one_letter_code
_entity_poly.pdbx_strand_id
1 'polypeptide(L)'
;MLVRLLRVILLASMVFCADILQLSYSDDAKDAIPLGTFEIDSTSDGNVTVTTVNIQDVEVSGEYCLNAQIEGKLDMPCFS
YMKLRTPLKYDLIVDVDEDNEVKQVSLSYDETNDAITATVRYPEAGPTAPVTKLKKKTKTYADKKASKNKDGSTAQFEED
EEVKEVSWFQKNWKMLLLGLLIYNFVAGSAKKQQQGGAGADQKTE
;
0
2 'polypeptide(L)'
;MKITCTDLVYVFILLFLNTSCVQAVFSDDAFITDWQLANLGPWEKVIPDSRDRNRVLILSNPTETSCLVSSFNVSSGQIL
FRNVLPFTIDEIQLDSNDHNAMVCVNSSSNHWQKYDLHDWFLLEEGVDNAPSTTILPQSSYLNDQVSIKNNELHILDEQS
KLAEWKLELPQGFNKVEYFHREDPLALVLNVNDTQYMGFSANGTELIPVWQRDEWLTNVVDYAVLDVFDSRDVELNKDMK
AELDSNSLWNAYWLRLTTNWNRLINLLKENQFSPGRVFTKLLALDAKDTTVSDLKFGFAKILIVLTHDGFIGGLDMVNKG
QLIWKLDLEIDQGVKMFWTDKNHDELVVFSHDGHYLTIEVTKDQPIIKSRSPLSERKTVDSVIRLNEHDHQYLIKFEDKD
HLLFKLNPGKNTDVPIVANNHSSSHIFVTEHDTNGIYGYIIENDTVKQTWKKAVNSKEKMVAYSKRETTNLNTLGITLGD
KSVLYKYLYPNLAAYLIANEEHHTITFNLIDTITGEILITQEHKDSPDFRFPMDIVFGEYWVVYSYFSSEPVPEQKLVVV
ELYESLTPDERLSNSSDNFSYDPLTGHINKPQFQTKQFIFPEIIKTMSISKTTDDITTKAIVMELENGQITYIPKLLLNA
RGKPAEEMAKDKKKEFMATPYTPVIPINDNFIITHFRNLLPGSDSQLISIPTNLESTSIICDLGLDVFCTRITPSGQFDL
MSPTFEKGKLLITIFVLLVITYFIRPSVSNKKLKSQWLIK
;
1
3 'polypeptide(L)'
;MLKDLVREKLLTIMNTKAYTQFNPEQLLQLENEMKIYMKSGDSALTEGNYFFLMEMLFYVLVYRNQDVDAQVVYNTLRDR
LGENSYKMVIMKATLLQINGNDKGAIEYLENLLNDDLEYETDFVTYVSIAKKLIAIKTTSKNLSQESVLKEVVALTDKFP
LDAELWWYASEIYFEMGQFEKACYCLEQVLCITPFNYACFGRLSETLYYEALRSKKQTKTELLEKALKNALRSVELSELY
LKGWALVNIISRELGRNKQNDLIKLSASKLKEISAKSNNKDKITAELILNKI
;
2
4 'polypeptide(L)'
;MLLDDQLKYWVLLPISIVMVLTGVLKQYIMTLITGSSANEAQPRVKLTEWQYLQWAQLLIGNGGNLSSDAFAAKKEFLVK
DLTEERHLAKAKQQDGSQAGEVPNPFNDPSMSNAMMNMAKGNMASFIPQTIIMWWVNHFFAGFILMQLPFPLTAKFKEML
QTGIICQDLDVRWVSSISWYFISVLGLNPVYNLIGLNDQDMGIQAGIGGPQGPQGPPQSQVDKAMHAMANDLTIIQHETC
LDNVEQRVLKQYM
;
3
5 'polypeptide(L)'
;MSEQEPYEWAKHLLDTKYIEKYNIQNSNTLPSPPGFEGNSSKGNVTRKQQDATSQTTSLAQKNQITVLQVQKAWQIALQP
AKSIPMNIFMSYMSGTSLQIIPIMTALMLLSGPIKAIFSTRSAFKPVLGNKATQSQVQTAMFMYIVFQGVLMYIGYRKLN
SMGLIPNAKGDWLPWERIAHYNNGLQWFSD
;
4
6 'polypeptide(L)'
;MSFVSKLLYTVSALVLFHSGFSSYEFHHLLKLNSLNNAQGAISKLPKDIMYETYAGLILFVLAVFTSFEKLQYLPIESND
GKIISQGNYLKEIALNKATNVDNLIGSNPNGEIIFTPSFVDVHMKRKICREWASNTVKKEK
;
5
7 'polypeptide(L)'
;MSSNEEVFTQINATANVVDNKKRLLFVQDSSALVLGLVAGFLQIESVHGFIWFLILYNLINVIYIVWICQLQPGKFYQSP
LQDIFFESFFREITGFVMAWTFGYALIG
;
6
8 'polypeptide(L)'
;MFSQIVLLLSAFIYVASATARRGTIKGRLDLAASNITGFVSTRTSFKLYQIGNFSTEYPYTSTTMFQDDEGNFEFANLPL
NDGVNETTYYVMYPASMDFNLKPNRILIEFKNLENGTLQLNAFKNFFGREYFPSKDITYPEKLQSMKVHPYITVELLHKA
PIRSYLQARNVSIFSTGIVGNILNSRWKLAGVITLIALVVFPIIVEKLDPETARAIREEAKRKQREKYAAVASK
;
7
#
# COMPACT_ATOMS: atom_id res chain seq x y z
N ASP A 19 -20.43 -22.88 -57.59
CA ASP A 19 -21.20 -24.00 -58.13
C ASP A 19 -21.69 -24.91 -57.01
N ILE A 20 -21.29 -26.17 -57.06
CA ILE A 20 -21.69 -27.17 -56.07
C ILE A 20 -20.46 -27.59 -55.28
N LEU A 21 -20.52 -27.38 -53.97
CA LEU A 21 -19.42 -27.70 -53.06
C LEU A 21 -19.67 -29.09 -52.49
N GLN A 22 -18.81 -30.04 -52.83
CA GLN A 22 -18.87 -31.39 -52.27
C GLN A 22 -17.97 -31.44 -51.04
N LEU A 23 -18.57 -31.59 -49.87
CA LEU A 23 -17.86 -31.82 -48.62
C LEU A 23 -17.72 -33.32 -48.42
N SER A 24 -16.49 -33.77 -48.15
CA SER A 24 -16.18 -35.19 -48.14
C SER A 24 -15.05 -35.46 -47.16
N TYR A 25 -15.26 -36.34 -46.19
CA TYR A 25 -14.15 -36.68 -45.32
C TYR A 25 -13.30 -37.77 -45.95
N SER A 26 -12.11 -37.96 -45.38
CA SER A 26 -11.16 -38.93 -45.92
C SER A 26 -10.19 -39.34 -44.82
N ASP A 27 -9.57 -40.49 -45.04
CA ASP A 27 -8.56 -41.03 -44.13
C ASP A 27 -7.19 -40.57 -44.59
N ASP A 28 -6.13 -41.21 -44.09
CA ASP A 28 -4.76 -40.77 -44.39
C ASP A 28 -4.39 -41.03 -45.85
N ALA A 29 -4.40 -42.29 -46.27
CA ALA A 29 -3.99 -42.65 -47.62
C ALA A 29 -5.15 -43.02 -48.54
N LYS A 30 -6.30 -43.40 -47.99
CA LYS A 30 -7.43 -43.85 -48.79
C LYS A 30 -8.16 -42.66 -49.41
N ASP A 31 -9.15 -42.97 -50.24
CA ASP A 31 -9.87 -41.96 -50.99
C ASP A 31 -10.92 -41.28 -50.10
N ALA A 32 -11.63 -40.32 -50.69
CA ALA A 32 -12.60 -39.53 -49.94
C ALA A 32 -13.93 -40.25 -49.85
N ILE A 33 -14.66 -39.95 -48.78
CA ILE A 33 -16.00 -40.46 -48.54
C ILE A 33 -16.93 -39.26 -48.41
N PRO A 34 -17.95 -39.13 -49.26
CA PRO A 34 -18.72 -37.88 -49.30
C PRO A 34 -19.64 -37.70 -48.10
N LEU A 35 -19.62 -36.48 -47.55
CA LEU A 35 -20.50 -36.10 -46.46
C LEU A 35 -21.67 -35.24 -46.91
N GLY A 36 -21.58 -34.58 -48.05
CA GLY A 36 -22.69 -33.79 -48.53
C GLY A 36 -22.30 -32.97 -49.74
N THR A 37 -23.33 -32.40 -50.36
CA THR A 37 -23.16 -31.44 -51.44
C THR A 37 -24.06 -30.24 -51.16
N PHE A 38 -23.49 -29.05 -51.28
CA PHE A 38 -24.18 -27.79 -51.03
C PHE A 38 -24.10 -26.93 -52.28
N GLU A 39 -24.97 -25.92 -52.37
CA GLU A 39 -25.10 -25.12 -53.58
C GLU A 39 -24.80 -23.66 -53.28
N ILE A 40 -23.75 -23.14 -53.89
CA ILE A 40 -23.40 -21.72 -53.82
C ILE A 40 -24.11 -21.01 -54.97
N ASP A 41 -24.96 -20.04 -54.63
CA ASP A 41 -25.71 -19.26 -55.61
C ASP A 41 -25.33 -17.80 -55.47
N SER A 42 -24.86 -17.19 -56.55
CA SER A 42 -24.27 -15.85 -56.51
C SER A 42 -25.37 -14.82 -56.76
N THR A 43 -25.87 -14.23 -55.66
CA THR A 43 -26.72 -13.04 -55.62
C THR A 43 -28.01 -13.22 -56.43
N SER A 44 -28.86 -14.12 -55.93
CA SER A 44 -30.22 -14.22 -56.46
C SER A 44 -31.01 -12.95 -56.15
N ASP A 45 -31.22 -12.66 -54.88
CA ASP A 45 -31.75 -11.39 -54.42
C ASP A 45 -30.88 -10.75 -53.35
N GLY A 46 -30.29 -11.57 -52.47
CA GLY A 46 -29.43 -11.06 -51.42
C GLY A 46 -27.98 -11.48 -51.57
N ASN A 47 -27.43 -12.10 -50.52
CA ASN A 47 -26.03 -12.50 -50.49
C ASN A 47 -25.84 -13.84 -51.18
N VAL A 48 -24.68 -14.45 -50.96
CA VAL A 48 -24.25 -15.66 -51.67
C VAL A 48 -24.45 -16.86 -50.75
N THR A 49 -25.39 -16.73 -49.81
CA THR A 49 -25.60 -17.71 -48.75
C THR A 49 -26.05 -19.07 -49.28
N VAL A 50 -25.56 -20.14 -48.65
CA VAL A 50 -25.63 -21.48 -49.20
C VAL A 50 -27.02 -22.07 -49.03
N THR A 51 -27.29 -23.12 -49.80
CA THR A 51 -28.39 -24.03 -49.59
C THR A 51 -27.86 -25.46 -49.63
N THR A 52 -28.52 -26.36 -48.91
CA THR A 52 -28.08 -27.75 -48.82
C THR A 52 -28.78 -28.58 -49.88
N VAL A 53 -28.00 -29.15 -50.80
CA VAL A 53 -28.58 -30.05 -51.80
C VAL A 53 -28.75 -31.45 -51.23
N ASN A 54 -27.66 -32.09 -50.83
CA ASN A 54 -27.71 -33.44 -50.32
C ASN A 54 -26.88 -33.56 -49.05
N ILE A 55 -27.43 -34.26 -48.07
CA ILE A 55 -26.68 -34.68 -46.89
C ILE A 55 -26.48 -36.19 -46.98
N GLN A 56 -25.48 -36.68 -46.27
CA GLN A 56 -25.13 -38.09 -46.30
C GLN A 56 -25.25 -38.67 -44.89
N ASP A 57 -26.12 -39.65 -44.74
CA ASP A 57 -26.34 -40.32 -43.45
C ASP A 57 -25.43 -41.54 -43.34
N VAL A 58 -24.13 -41.23 -43.23
CA VAL A 58 -23.08 -42.24 -43.15
C VAL A 58 -22.50 -42.22 -41.75
N GLU A 59 -22.29 -43.41 -41.18
CA GLU A 59 -21.68 -43.53 -39.86
C GLU A 59 -20.19 -43.19 -39.96
N VAL A 60 -19.80 -42.05 -39.38
CA VAL A 60 -18.42 -41.59 -39.40
C VAL A 60 -18.00 -41.29 -37.97
N SER A 61 -16.89 -41.87 -37.53
CA SER A 61 -16.36 -41.62 -36.21
C SER A 61 -14.85 -41.79 -36.26
N GLY A 62 -14.12 -40.78 -35.77
CA GLY A 62 -12.68 -40.80 -35.77
C GLY A 62 -12.11 -39.53 -36.35
N GLU A 63 -10.78 -39.45 -36.35
CA GLU A 63 -10.07 -38.27 -36.83
C GLU A 63 -9.91 -38.36 -38.34
N TYR A 64 -10.48 -37.39 -39.05
CA TYR A 64 -10.51 -37.43 -40.51
C TYR A 64 -10.18 -36.07 -41.09
N CYS A 65 -9.72 -36.10 -42.35
CA CYS A 65 -9.39 -34.93 -43.15
C CYS A 65 -10.61 -34.57 -44.00
N LEU A 66 -11.15 -33.37 -43.82
CA LEU A 66 -12.33 -32.95 -44.56
C LEU A 66 -11.91 -32.16 -45.80
N ASN A 67 -12.52 -32.47 -46.94
CA ASN A 67 -12.31 -31.77 -48.19
C ASN A 67 -13.58 -31.05 -48.60
N ALA A 68 -13.42 -29.96 -49.34
CA ALA A 68 -14.51 -29.06 -49.73
C ALA A 68 -14.43 -28.74 -51.21
N GLN A 69 -14.36 -29.77 -52.04
CA GLN A 69 -14.04 -29.58 -53.46
C GLN A 69 -15.22 -28.99 -54.22
N ILE A 70 -14.98 -27.90 -54.92
CA ILE A 70 -15.89 -27.40 -55.94
C ILE A 70 -15.30 -27.77 -57.30
N GLU A 71 -16.09 -28.47 -58.11
CA GLU A 71 -15.57 -29.03 -59.36
C GLU A 71 -15.31 -27.98 -60.43
N GLY A 72 -15.82 -26.77 -60.26
CA GLY A 72 -15.64 -25.75 -61.27
C GLY A 72 -14.62 -24.69 -60.92
N LYS A 73 -14.56 -24.28 -59.65
CA LYS A 73 -13.80 -23.11 -59.27
C LYS A 73 -12.65 -23.40 -58.31
N LEU A 74 -12.90 -24.06 -57.19
CA LEU A 74 -11.93 -24.13 -56.10
C LEU A 74 -11.82 -25.55 -55.59
N ASP A 75 -10.60 -26.07 -55.53
CA ASP A 75 -10.31 -27.37 -54.94
C ASP A 75 -9.60 -27.18 -53.61
N MET A 76 -10.02 -27.94 -52.61
CA MET A 76 -9.39 -27.94 -51.29
C MET A 76 -9.07 -29.38 -50.91
N PRO A 77 -7.79 -29.76 -50.92
CA PRO A 77 -7.44 -31.16 -50.62
C PRO A 77 -7.73 -31.56 -49.19
N CYS A 78 -7.53 -30.66 -48.22
CA CYS A 78 -7.98 -30.88 -46.84
C CYS A 78 -8.03 -29.54 -46.14
N PHE A 79 -9.22 -29.12 -45.70
CA PHE A 79 -9.34 -27.84 -45.00
C PHE A 79 -9.41 -27.97 -43.49
N SER A 80 -9.84 -29.12 -42.97
CA SER A 80 -9.94 -29.31 -41.53
C SER A 80 -9.60 -30.75 -41.17
N TYR A 81 -9.18 -30.94 -39.93
CA TYR A 81 -8.86 -32.26 -39.38
C TYR A 81 -9.65 -32.40 -38.10
N MET A 82 -10.74 -33.15 -38.13
CA MET A 82 -11.64 -33.17 -36.99
C MET A 82 -11.88 -34.59 -36.51
N LYS A 83 -12.18 -34.70 -35.22
CA LYS A 83 -12.63 -35.96 -34.62
C LYS A 83 -14.14 -35.99 -34.79
N LEU A 84 -14.59 -36.55 -35.91
CA LEU A 84 -16.00 -36.56 -36.26
C LEU A 84 -16.75 -37.66 -35.53
N ARG A 85 -17.96 -37.32 -35.08
CA ARG A 85 -18.90 -38.24 -34.48
C ARG A 85 -20.09 -38.40 -35.41
N THR A 86 -20.85 -39.48 -35.22
CA THR A 86 -21.94 -39.84 -36.13
C THR A 86 -23.11 -38.83 -36.10
N PRO A 87 -23.54 -38.27 -34.93
CA PRO A 87 -24.37 -37.06 -35.03
C PRO A 87 -23.53 -35.84 -35.35
N LEU A 88 -23.29 -35.59 -36.63
CA LEU A 88 -22.41 -34.50 -37.06
C LEU A 88 -23.05 -33.15 -36.81
N LYS A 89 -22.78 -32.58 -35.63
CA LYS A 89 -23.34 -31.28 -35.25
C LYS A 89 -22.38 -30.15 -35.63
N TYR A 90 -22.12 -30.05 -36.93
CA TYR A 90 -21.14 -29.11 -37.44
C TYR A 90 -21.81 -28.06 -38.32
N ASP A 91 -21.02 -27.06 -38.69
CA ASP A 91 -21.49 -25.89 -39.40
C ASP A 91 -20.44 -25.55 -40.45
N LEU A 92 -20.78 -25.77 -41.72
CA LEU A 92 -19.84 -25.54 -42.81
C LEU A 92 -19.78 -24.04 -43.08
N ILE A 93 -18.76 -23.39 -42.55
CA ILE A 93 -18.57 -21.96 -42.75
C ILE A 93 -17.81 -21.76 -44.06
N VAL A 94 -18.45 -21.11 -45.02
CA VAL A 94 -17.86 -20.83 -46.32
C VAL A 94 -17.45 -19.36 -46.30
N ASP A 95 -16.18 -19.09 -46.02
CA ASP A 95 -15.67 -17.73 -46.01
C ASP A 95 -15.52 -17.25 -47.45
N VAL A 96 -16.25 -16.20 -47.79
CA VAL A 96 -16.33 -15.71 -49.17
C VAL A 96 -15.62 -14.36 -49.28
N ASP A 97 -15.61 -13.80 -50.49
CA ASP A 97 -14.86 -12.57 -50.79
C ASP A 97 -15.83 -11.45 -51.17
N GLU A 98 -15.25 -10.32 -51.57
CA GLU A 98 -16.05 -9.19 -52.04
C GLU A 98 -16.66 -9.49 -53.41
N ASP A 99 -15.94 -10.21 -54.26
CA ASP A 99 -16.45 -10.62 -55.57
C ASP A 99 -17.17 -11.96 -55.52
N ASN A 100 -17.57 -12.41 -54.32
CA ASN A 100 -18.41 -13.59 -54.09
C ASN A 100 -17.76 -14.88 -54.60
N GLU A 101 -16.46 -15.00 -54.42
CA GLU A 101 -15.76 -16.26 -54.65
C GLU A 101 -15.43 -16.91 -53.31
N VAL A 102 -15.42 -18.23 -53.30
CA VAL A 102 -15.15 -18.99 -52.08
C VAL A 102 -13.66 -18.85 -51.77
N LYS A 103 -13.33 -18.07 -50.73
CA LYS A 103 -11.94 -17.98 -50.31
C LYS A 103 -11.54 -19.21 -49.51
N GLN A 104 -12.19 -19.42 -48.37
CA GLN A 104 -11.85 -20.54 -47.52
C GLN A 104 -13.10 -21.27 -47.10
N VAL A 105 -12.92 -22.53 -46.69
CA VAL A 105 -13.98 -23.33 -46.08
C VAL A 105 -13.45 -23.82 -44.75
N SER A 106 -14.30 -23.81 -43.73
CA SER A 106 -13.95 -24.35 -42.42
C SER A 106 -15.18 -25.04 -41.84
N LEU A 107 -14.95 -25.85 -40.82
CA LEU A 107 -16.03 -26.59 -40.16
C LEU A 107 -16.06 -26.19 -38.70
N SER A 108 -17.05 -25.38 -38.33
CA SER A 108 -17.25 -25.00 -36.94
C SER A 108 -18.13 -26.02 -36.23
N TYR A 109 -18.08 -26.01 -34.92
CA TYR A 109 -18.98 -26.83 -34.12
C TYR A 109 -20.18 -26.00 -33.70
N ASP A 110 -21.35 -26.63 -33.69
CA ASP A 110 -22.58 -25.96 -33.28
C ASP A 110 -23.43 -26.98 -32.53
N GLU A 111 -23.74 -26.68 -31.27
CA GLU A 111 -24.48 -27.62 -30.44
C GLU A 111 -25.92 -27.77 -30.92
N THR A 112 -26.53 -26.67 -31.36
CA THR A 112 -27.90 -26.70 -31.87
C THR A 112 -27.92 -26.76 -33.40
N ASN A 113 -27.38 -27.85 -33.94
CA ASN A 113 -27.30 -27.91 -35.40
C ASN A 113 -27.95 -29.14 -35.99
N ASP A 114 -27.77 -30.31 -35.38
CA ASP A 114 -28.37 -31.62 -35.68
C ASP A 114 -27.92 -32.22 -37.01
N ALA A 115 -27.15 -31.51 -37.83
CA ALA A 115 -26.68 -31.94 -39.14
C ALA A 115 -25.58 -30.96 -39.56
N ILE A 116 -25.09 -31.09 -40.78
CA ILE A 116 -24.11 -30.16 -41.33
C ILE A 116 -24.87 -29.18 -42.22
N THR A 117 -25.18 -28.01 -41.67
CA THR A 117 -25.73 -26.92 -42.45
C THR A 117 -24.60 -25.98 -42.84
N ALA A 118 -24.71 -25.41 -44.04
CA ALA A 118 -23.67 -24.55 -44.59
C ALA A 118 -24.11 -23.09 -44.50
N THR A 119 -23.25 -22.26 -43.90
CA THR A 119 -23.47 -20.82 -43.80
C THR A 119 -22.33 -20.10 -44.48
N VAL A 120 -22.66 -19.13 -45.32
CA VAL A 120 -21.65 -18.26 -45.90
C VAL A 120 -21.26 -17.21 -44.87
N ARG A 121 -19.97 -17.01 -44.67
CA ARG A 121 -19.46 -15.97 -43.81
C ARG A 121 -18.76 -14.94 -44.68
N TYR A 122 -19.25 -13.71 -44.60
CA TYR A 122 -18.51 -12.59 -45.14
C TYR A 122 -17.52 -12.10 -44.09
N PRO A 123 -16.30 -11.77 -44.51
CA PRO A 123 -15.29 -11.29 -43.55
C PRO A 123 -15.67 -9.94 -42.98
N GLU A 124 -15.38 -9.76 -41.70
CA GLU A 124 -15.76 -8.54 -41.01
C GLU A 124 -14.98 -7.35 -41.56
N ALA A 125 -15.65 -6.21 -41.65
CA ALA A 125 -14.96 -4.98 -41.99
C ALA A 125 -14.04 -4.61 -40.84
N GLY A 126 -12.76 -4.45 -41.14
CA GLY A 126 -11.79 -4.05 -40.14
C GLY A 126 -12.04 -2.64 -39.70
N PRO A 127 -11.55 -2.29 -38.51
CA PRO A 127 -11.81 -0.95 -37.98
C PRO A 127 -11.04 0.11 -38.73
N THR A 128 -11.62 1.31 -38.76
CA THR A 128 -11.00 2.47 -39.35
C THR A 128 -10.80 3.51 -38.26
N ALA A 129 -9.68 4.23 -38.32
CA ALA A 129 -9.53 5.12 -37.18
C ALA A 129 -10.19 6.47 -37.47
N PRO A 130 -10.86 7.05 -36.48
CA PRO A 130 -11.39 8.40 -36.64
C PRO A 130 -10.32 9.46 -36.55
N VAL A 131 -9.63 9.73 -37.66
CA VAL A 131 -8.66 10.82 -37.69
C VAL A 131 -9.38 12.16 -37.70
N THR A 132 -8.61 13.22 -37.43
CA THR A 132 -9.17 14.56 -37.41
C THR A 132 -9.57 15.01 -38.81
N LYS A 133 -10.77 15.57 -38.93
CA LYS A 133 -11.29 16.01 -40.21
C LYS A 133 -11.00 17.48 -40.43
N LEU A 134 -11.24 17.93 -41.66
CA LEU A 134 -11.11 19.33 -42.03
C LEU A 134 -12.46 20.00 -41.85
N LYS A 135 -12.58 20.79 -40.79
CA LYS A 135 -13.86 21.37 -40.39
C LYS A 135 -14.28 22.52 -41.31
N VAL B 25 13.74 9.10 -15.87
CA VAL B 25 13.91 7.68 -15.58
C VAL B 25 14.91 7.14 -16.59
N PHE B 26 15.40 8.02 -17.45
CA PHE B 26 16.12 7.64 -18.66
C PHE B 26 17.53 8.18 -18.76
N SER B 27 17.80 9.39 -18.24
CA SER B 27 19.07 10.06 -18.54
C SER B 27 20.23 9.41 -17.81
N ASP B 28 20.01 8.84 -16.63
CA ASP B 28 21.07 8.11 -15.95
C ASP B 28 21.22 6.69 -16.47
N ASP B 29 20.36 6.25 -17.38
CA ASP B 29 20.41 4.91 -17.95
C ASP B 29 20.85 4.89 -19.41
N ALA B 30 21.00 6.05 -20.05
CA ALA B 30 21.42 6.09 -21.44
C ALA B 30 22.86 5.63 -21.59
N PHE B 31 23.08 4.71 -22.53
CA PHE B 31 24.37 4.06 -22.82
C PHE B 31 24.91 3.27 -21.63
N ILE B 32 24.06 2.93 -20.66
CA ILE B 32 24.49 2.23 -19.45
C ILE B 32 23.67 0.97 -19.27
N THR B 33 22.35 1.10 -19.23
CA THR B 33 21.48 -0.06 -19.13
C THR B 33 21.32 -0.79 -20.46
N ASP B 34 21.77 -0.18 -21.56
CA ASP B 34 21.67 -0.76 -22.88
C ASP B 34 23.05 -0.81 -23.51
N TRP B 35 23.15 -1.58 -24.58
CA TRP B 35 24.39 -1.67 -25.33
C TRP B 35 24.08 -2.07 -26.75
N GLN B 36 25.00 -1.74 -27.65
CA GLN B 36 24.85 -2.04 -29.06
C GLN B 36 26.18 -2.53 -29.60
N LEU B 37 26.16 -3.67 -30.26
CA LEU B 37 27.33 -4.16 -31.00
C LEU B 37 27.15 -3.66 -32.43
N ALA B 38 27.65 -2.45 -32.68
CA ALA B 38 27.54 -1.82 -33.99
C ALA B 38 28.45 -2.55 -34.96
N ASN B 39 27.87 -3.46 -35.74
CA ASN B 39 28.63 -4.36 -36.59
C ASN B 39 28.54 -3.94 -38.04
N LEU B 40 29.65 -4.11 -38.76
CA LEU B 40 29.64 -4.22 -40.21
C LEU B 40 29.68 -5.69 -40.55
N GLY B 41 29.77 -6.00 -41.84
CA GLY B 41 30.03 -7.35 -42.25
C GLY B 41 31.51 -7.58 -42.36
N PRO B 42 31.92 -8.56 -43.15
CA PRO B 42 33.33 -8.61 -43.58
C PRO B 42 33.58 -7.46 -44.55
N TRP B 43 34.67 -6.74 -44.31
CA TRP B 43 34.96 -5.51 -45.04
C TRP B 43 35.37 -5.88 -46.46
N GLU B 44 34.46 -5.72 -47.42
CA GLU B 44 34.74 -6.12 -48.79
C GLU B 44 35.71 -5.15 -49.45
N LYS B 45 35.39 -3.86 -49.43
CA LYS B 45 36.28 -2.83 -49.97
C LYS B 45 36.40 -1.70 -48.95
N VAL B 46 37.60 -1.15 -48.84
CA VAL B 46 37.89 -0.05 -47.92
C VAL B 46 38.42 1.11 -48.75
N ILE B 47 37.79 2.28 -48.62
CA ILE B 47 38.08 3.45 -49.44
C ILE B 47 38.51 4.57 -48.52
N PRO B 48 39.66 5.19 -48.74
CA PRO B 48 40.10 6.28 -47.87
C PRO B 48 39.36 7.58 -48.17
N ASP B 49 39.07 8.33 -47.11
CA ASP B 49 38.44 9.63 -47.25
C ASP B 49 39.51 10.67 -47.58
N SER B 50 39.34 11.36 -48.70
CA SER B 50 40.33 12.33 -49.14
C SER B 50 40.24 13.65 -48.40
N ARG B 51 39.10 13.96 -47.80
CA ARG B 51 38.90 15.24 -47.12
C ARG B 51 39.42 15.25 -45.69
N ASP B 52 39.55 14.07 -45.07
CA ASP B 52 39.97 13.99 -43.67
C ASP B 52 41.30 13.26 -43.50
N ARG B 53 41.42 12.06 -44.09
CA ARG B 53 42.50 11.06 -44.00
C ARG B 53 42.53 10.36 -42.63
N ASN B 54 41.75 10.83 -41.66
CA ASN B 54 41.51 10.10 -40.43
C ASN B 54 40.22 9.30 -40.47
N ARG B 55 39.42 9.48 -41.52
CA ARG B 55 38.21 8.71 -41.78
C ARG B 55 38.48 7.72 -42.90
N VAL B 56 37.61 6.72 -43.00
CA VAL B 56 37.70 5.73 -44.07
C VAL B 56 36.29 5.29 -44.41
N LEU B 57 36.09 4.81 -45.64
CA LEU B 57 34.79 4.40 -46.11
C LEU B 57 34.83 2.93 -46.49
N ILE B 58 34.07 2.13 -45.75
CA ILE B 58 34.07 0.68 -45.90
C ILE B 58 32.79 0.25 -46.60
N LEU B 59 32.93 -0.50 -47.68
CA LEU B 59 31.85 -1.29 -48.22
C LEU B 59 31.89 -2.64 -47.55
N SER B 60 30.74 -3.13 -47.08
CA SER B 60 30.69 -4.39 -46.36
C SER B 60 29.30 -4.98 -46.49
N ASN B 61 29.14 -6.16 -45.89
CA ASN B 61 27.89 -6.92 -45.83
C ASN B 61 27.21 -7.12 -47.19
N PRO B 62 27.87 -7.81 -48.14
CA PRO B 62 27.33 -7.85 -49.51
C PRO B 62 26.17 -8.82 -49.67
N THR B 63 24.96 -8.28 -49.76
CA THR B 63 23.81 -9.10 -50.09
C THR B 63 23.53 -9.00 -51.59
N GLU B 64 22.54 -9.75 -52.06
CA GLU B 64 22.22 -9.75 -53.47
C GLU B 64 21.43 -8.53 -53.92
N THR B 65 20.92 -7.74 -52.97
CA THR B 65 20.16 -6.53 -53.30
C THR B 65 20.67 -5.28 -52.59
N SER B 66 21.63 -5.39 -51.68
CA SER B 66 22.02 -4.25 -50.87
C SER B 66 23.48 -4.39 -50.47
N CYS B 67 24.02 -3.31 -49.91
CA CYS B 67 25.39 -3.29 -49.40
C CYS B 67 25.50 -2.21 -48.35
N LEU B 68 26.23 -2.50 -47.27
CA LEU B 68 26.38 -1.55 -46.18
C LEU B 68 27.59 -0.67 -46.46
N VAL B 69 27.36 0.62 -46.68
CA VAL B 69 28.43 1.60 -46.85
C VAL B 69 28.55 2.37 -45.54
N SER B 70 29.74 2.40 -44.97
CA SER B 70 29.94 2.99 -43.66
C SER B 70 31.15 3.92 -43.68
N SER B 71 31.09 4.98 -42.89
CA SER B 71 32.24 5.81 -42.61
C SER B 71 32.70 5.54 -41.20
N PHE B 72 34.01 5.42 -41.04
CA PHE B 72 34.64 4.70 -39.94
C PHE B 72 35.92 5.41 -39.54
N ASN B 73 36.12 5.61 -38.24
CA ASN B 73 37.38 6.15 -37.73
C ASN B 73 38.43 5.05 -37.72
N VAL B 74 39.49 5.24 -38.51
CA VAL B 74 40.61 4.29 -38.46
C VAL B 74 41.54 4.55 -37.29
N SER B 75 41.36 5.67 -36.59
CA SER B 75 42.16 5.97 -35.41
C SER B 75 41.41 5.72 -34.11
N SER B 76 40.09 5.63 -34.15
CA SER B 76 39.30 5.35 -32.95
C SER B 76 38.60 4.00 -33.00
N GLY B 77 38.39 3.43 -34.18
CA GLY B 77 37.71 2.16 -34.30
C GLY B 77 36.21 2.25 -34.21
N GLN B 78 35.64 3.45 -34.24
CA GLN B 78 34.20 3.64 -34.15
C GLN B 78 33.65 4.05 -35.51
N ILE B 79 32.48 3.50 -35.83
CA ILE B 79 31.82 3.80 -37.10
C ILE B 79 31.17 5.17 -36.99
N LEU B 80 31.46 6.05 -37.95
CA LEU B 80 30.88 7.37 -37.93
C LEU B 80 29.44 7.35 -38.44
N PHE B 81 29.19 6.67 -39.55
CA PHE B 81 27.81 6.38 -39.94
C PHE B 81 27.74 5.10 -40.77
N ARG B 82 26.52 4.57 -40.91
CA ARG B 82 26.24 3.40 -41.71
C ARG B 82 25.01 3.64 -42.57
N ASN B 83 25.01 3.08 -43.76
CA ASN B 83 23.87 3.21 -44.68
C ASN B 83 23.74 1.94 -45.49
N VAL B 84 22.60 1.26 -45.40
CA VAL B 84 22.31 0.14 -46.27
C VAL B 84 21.83 0.70 -47.60
N LEU B 85 22.66 0.62 -48.62
CA LEU B 85 22.36 1.09 -49.96
C LEU B 85 21.75 -0.02 -50.80
N PRO B 86 20.81 0.31 -51.68
CA PRO B 86 20.18 -0.70 -52.54
C PRO B 86 21.03 -1.16 -53.72
N PHE B 87 22.31 -0.85 -53.73
CA PHE B 87 23.23 -1.21 -54.80
C PHE B 87 24.25 -2.20 -54.26
N THR B 88 24.74 -3.07 -55.14
CA THR B 88 25.68 -4.11 -54.72
C THR B 88 27.09 -3.55 -54.65
N ILE B 89 28.07 -4.43 -54.41
CA ILE B 89 29.47 -4.01 -54.38
C ILE B 89 29.94 -3.68 -55.80
N ASP B 90 29.50 -4.48 -56.78
CA ASP B 90 29.90 -4.25 -58.17
C ASP B 90 29.27 -2.99 -58.74
N GLU B 91 28.05 -2.65 -58.31
CA GLU B 91 27.38 -1.47 -58.84
C GLU B 91 27.92 -0.19 -58.23
N ILE B 92 28.35 -0.22 -56.97
CA ILE B 92 28.92 0.95 -56.31
C ILE B 92 30.35 1.12 -56.79
N GLN B 93 30.66 2.29 -57.35
CA GLN B 93 31.99 2.59 -57.87
C GLN B 93 32.35 4.01 -57.48
N LEU B 94 33.54 4.45 -57.87
CA LEU B 94 34.05 5.77 -57.53
C LEU B 94 34.02 6.68 -58.75
N ASP B 95 33.67 7.94 -58.54
CA ASP B 95 33.55 8.90 -59.64
C ASP B 95 34.93 9.33 -60.13
N SER B 96 35.06 9.47 -61.45
CA SER B 96 36.35 9.77 -62.04
C SER B 96 36.73 11.24 -61.88
N ASN B 97 35.77 12.15 -62.01
CA ASN B 97 36.05 13.57 -61.88
C ASN B 97 36.09 14.03 -60.42
N ASP B 98 35.71 13.18 -59.48
CA ASP B 98 35.69 13.54 -58.07
C ASP B 98 35.87 12.25 -57.27
N HIS B 99 37.08 12.04 -56.76
CA HIS B 99 37.37 10.84 -55.98
C HIS B 99 36.82 10.89 -54.57
N ASN B 100 36.28 12.02 -54.14
CA ASN B 100 35.59 12.15 -52.86
C ASN B 100 34.09 11.99 -53.01
N ALA B 101 33.65 11.22 -53.99
CA ALA B 101 32.23 11.00 -54.25
C ALA B 101 32.06 9.67 -54.97
N MET B 102 31.12 8.86 -54.50
CA MET B 102 30.87 7.54 -55.07
C MET B 102 29.61 7.54 -55.91
N VAL B 103 29.68 6.91 -57.07
CA VAL B 103 28.53 6.78 -57.97
C VAL B 103 28.07 5.33 -57.93
N CYS B 104 26.79 5.13 -57.62
CA CYS B 104 26.20 3.80 -57.52
C CYS B 104 25.16 3.67 -58.62
N VAL B 105 25.39 2.74 -59.55
CA VAL B 105 24.60 2.62 -60.77
C VAL B 105 23.95 1.24 -60.76
N ASN B 106 22.66 1.19 -60.46
CA ASN B 106 21.85 0.01 -60.73
C ASN B 106 21.68 -0.08 -62.24
N SER B 107 22.43 -1.00 -62.86
CA SER B 107 22.44 -1.13 -64.32
C SER B 107 21.24 -1.89 -64.85
N SER B 108 20.52 -2.61 -64.00
CA SER B 108 19.30 -3.29 -64.43
C SER B 108 18.17 -2.31 -64.72
N SER B 109 18.24 -1.09 -64.18
CA SER B 109 17.27 -0.06 -64.50
C SER B 109 17.92 1.29 -64.73
N ASN B 110 19.26 1.33 -64.83
CA ASN B 110 20.07 2.52 -65.09
C ASN B 110 19.89 3.63 -64.05
N HIS B 111 19.50 3.28 -62.83
CA HIS B 111 19.29 4.28 -61.78
C HIS B 111 20.61 4.54 -61.08
N TRP B 112 21.11 5.76 -61.15
CA TRP B 112 22.38 6.10 -60.55
C TRP B 112 22.19 7.16 -59.47
N GLN B 113 23.03 7.08 -58.45
CA GLN B 113 23.04 8.04 -57.35
C GLN B 113 24.48 8.36 -56.98
N LYS B 114 24.79 9.64 -56.82
CA LYS B 114 26.12 10.10 -56.46
C LYS B 114 26.09 10.58 -55.03
N TYR B 115 26.98 10.06 -54.20
CA TYR B 115 27.02 10.37 -52.78
C TYR B 115 28.35 10.99 -52.41
N ASP B 116 28.31 12.00 -51.55
CA ASP B 116 29.52 12.55 -50.95
C ASP B 116 30.08 11.54 -49.96
N LEU B 117 31.40 11.52 -49.82
CA LEU B 117 32.02 10.55 -48.92
C LEU B 117 32.20 11.08 -47.50
N HIS B 118 32.22 12.40 -47.32
CA HIS B 118 32.49 12.95 -45.99
C HIS B 118 31.27 12.85 -45.09
N ASP B 119 30.17 13.49 -45.47
CA ASP B 119 28.97 13.54 -44.65
C ASP B 119 27.80 12.79 -45.26
N TRP B 120 28.04 12.03 -46.34
CA TRP B 120 27.02 11.26 -47.07
C TRP B 120 25.89 12.13 -47.59
N PHE B 121 26.24 13.32 -48.07
CA PHE B 121 25.28 14.16 -48.76
C PHE B 121 24.98 13.57 -50.13
N LEU B 122 23.72 13.33 -50.42
CA LEU B 122 23.33 12.80 -51.72
C LEU B 122 23.47 13.90 -52.76
N LEU B 123 24.45 13.73 -53.66
CA LEU B 123 24.67 14.66 -54.76
C LEU B 123 23.69 14.35 -55.90
N GLU B 124 24.04 14.79 -57.11
CA GLU B 124 23.23 14.57 -58.32
C GLU B 124 22.81 13.12 -58.48
N GLU B 125 21.62 12.92 -59.05
CA GLU B 125 21.10 11.58 -59.31
C GLU B 125 20.14 11.67 -60.48
N GLY B 126 19.83 10.50 -61.06
CA GLY B 126 18.92 10.48 -62.19
C GLY B 126 18.76 9.07 -62.71
N VAL B 127 17.98 8.97 -63.78
CA VAL B 127 17.74 7.69 -64.45
C VAL B 127 18.43 7.64 -65.81
N ASP B 128 18.72 8.77 -66.44
CA ASP B 128 19.12 8.78 -67.84
C ASP B 128 20.58 8.38 -68.02
N ASN B 129 21.50 9.18 -67.51
CA ASN B 129 22.91 9.07 -67.85
C ASN B 129 23.75 9.01 -66.57
N ALA B 130 24.45 7.90 -66.38
CA ALA B 130 25.40 7.79 -65.28
C ALA B 130 26.71 8.48 -65.66
N PRO B 131 27.39 9.11 -64.70
CA PRO B 131 28.66 9.77 -65.02
C PRO B 131 29.76 8.75 -65.23
N SER B 132 30.85 9.22 -65.85
CA SER B 132 32.04 8.42 -66.04
C SER B 132 32.67 8.14 -64.68
N THR B 133 32.72 6.86 -64.30
CA THR B 133 33.13 6.47 -62.97
C THR B 133 34.25 5.43 -63.05
N THR B 134 35.22 5.55 -62.16
CA THR B 134 36.35 4.63 -62.10
C THR B 134 36.00 3.41 -61.26
N ILE B 135 36.98 2.56 -61.01
CA ILE B 135 36.80 1.40 -60.16
C ILE B 135 37.62 1.61 -58.89
N LEU B 136 37.25 0.87 -57.85
CA LEU B 136 37.91 0.99 -56.55
C LEU B 136 39.31 0.39 -56.58
N GLN B 171 53.54 -9.04 -36.02
CA GLN B 171 52.21 -8.90 -36.60
C GLN B 171 51.16 -9.52 -35.69
N GLY B 172 49.92 -9.57 -36.17
CA GLY B 172 48.86 -10.21 -35.44
C GLY B 172 48.98 -11.72 -35.44
N PHE B 173 48.14 -12.36 -34.63
CA PHE B 173 48.14 -13.81 -34.52
C PHE B 173 47.48 -14.39 -35.75
N ASN B 174 48.32 -14.83 -36.70
CA ASN B 174 47.92 -15.42 -37.99
C ASN B 174 47.05 -14.45 -38.79
N LYS B 175 47.68 -13.35 -39.20
CA LYS B 175 47.01 -12.35 -40.01
C LYS B 175 46.72 -12.90 -41.40
N VAL B 176 45.75 -12.29 -42.08
CA VAL B 176 45.38 -12.73 -43.42
C VAL B 176 45.32 -11.60 -44.44
N GLU B 177 45.20 -10.33 -44.05
CA GLU B 177 45.11 -9.26 -45.05
C GLU B 177 45.54 -7.93 -44.45
N TYR B 178 46.00 -7.04 -45.31
CA TYR B 178 46.23 -5.64 -44.99
C TYR B 178 44.98 -4.83 -45.33
N PHE B 179 44.87 -3.65 -44.71
CA PHE B 179 43.76 -2.75 -44.96
C PHE B 179 44.16 -1.33 -44.60
N HIS B 180 43.88 -0.40 -45.51
CA HIS B 180 44.12 1.04 -45.36
C HIS B 180 45.58 1.35 -45.01
N ARG B 181 46.46 1.04 -45.95
CA ARG B 181 47.87 1.38 -45.79
C ARG B 181 48.02 2.88 -45.99
N GLU B 182 47.94 3.64 -44.91
CA GLU B 182 48.16 5.07 -44.92
C GLU B 182 49.53 5.34 -44.32
N ASP B 183 50.34 6.15 -45.01
CA ASP B 183 51.76 6.30 -44.69
C ASP B 183 52.06 7.07 -43.39
N PRO B 184 51.29 8.14 -42.98
CA PRO B 184 51.52 8.66 -41.62
C PRO B 184 51.18 7.69 -40.50
N LEU B 185 49.95 7.19 -40.46
CA LEU B 185 49.50 6.34 -39.36
C LEU B 185 48.31 5.52 -39.85
N ALA B 186 47.59 4.89 -38.90
CA ALA B 186 46.30 4.22 -39.10
C ALA B 186 46.40 3.05 -40.09
N LEU B 187 47.14 2.04 -39.65
CA LEU B 187 47.19 0.75 -40.35
C LEU B 187 46.11 -0.16 -39.79
N VAL B 188 45.47 -0.96 -40.65
CA VAL B 188 44.47 -1.93 -40.24
C VAL B 188 44.92 -3.30 -40.71
N LEU B 189 44.92 -4.26 -39.80
CA LEU B 189 45.25 -5.65 -40.11
C LEU B 189 43.98 -6.48 -40.01
N ASN B 190 43.55 -7.04 -41.14
CA ASN B 190 42.51 -8.06 -41.13
C ASN B 190 43.19 -9.34 -40.67
N VAL B 191 43.08 -9.62 -39.37
CA VAL B 191 43.90 -10.67 -38.76
C VAL B 191 43.26 -12.03 -39.01
N ASN B 192 42.11 -12.27 -38.42
CA ASN B 192 41.41 -13.51 -38.68
C ASN B 192 40.51 -13.32 -39.90
N ASP B 193 39.58 -14.24 -40.12
CA ASP B 193 38.68 -14.10 -41.27
C ASP B 193 37.69 -12.96 -41.07
N THR B 194 37.32 -12.67 -39.81
CA THR B 194 36.35 -11.63 -39.49
C THR B 194 36.82 -10.73 -38.36
N GLN B 195 38.13 -10.53 -38.25
CA GLN B 195 38.69 -9.71 -37.18
C GLN B 195 39.62 -8.65 -37.78
N TYR B 196 39.51 -7.43 -37.27
CA TYR B 196 40.23 -6.27 -37.78
C TYR B 196 40.83 -5.52 -36.62
N MET B 197 42.16 -5.45 -36.58
CA MET B 197 42.88 -4.68 -35.59
C MET B 197 43.40 -3.40 -36.22
N GLY B 198 43.60 -2.38 -35.40
CA GLY B 198 44.03 -1.09 -35.91
C GLY B 198 45.12 -0.47 -35.07
N PHE B 199 46.25 -0.20 -35.72
CA PHE B 199 47.47 0.28 -35.07
C PHE B 199 47.79 1.69 -35.57
N SER B 200 48.19 2.55 -34.65
CA SER B 200 48.78 3.84 -34.97
C SER B 200 50.23 3.86 -34.51
N ALA B 201 50.98 4.85 -34.98
CA ALA B 201 52.40 4.89 -34.72
C ALA B 201 52.82 6.10 -33.91
N ASN B 202 52.07 6.41 -32.85
CA ASN B 202 52.41 7.52 -31.96
C ASN B 202 53.55 7.07 -31.05
N GLY B 203 54.78 7.28 -31.54
CA GLY B 203 55.96 6.85 -30.82
C GLY B 203 56.84 5.93 -31.64
N THR B 204 56.46 5.76 -32.92
CA THR B 204 57.15 4.91 -33.91
C THR B 204 57.34 3.48 -33.42
N GLU B 205 56.28 2.92 -32.83
CA GLU B 205 56.34 1.55 -32.32
C GLU B 205 55.15 0.69 -32.70
N LEU B 206 54.11 1.26 -33.35
CA LEU B 206 52.92 0.56 -33.83
C LEU B 206 52.18 -0.15 -32.70
N ILE B 207 51.68 0.65 -31.77
CA ILE B 207 50.91 0.14 -30.64
C ILE B 207 49.52 -0.27 -31.13
N PRO B 208 48.87 -1.26 -30.51
CA PRO B 208 47.49 -1.57 -30.88
C PRO B 208 46.53 -0.53 -30.30
N VAL B 209 45.77 0.10 -31.17
CA VAL B 209 44.85 1.17 -30.78
C VAL B 209 43.43 0.67 -30.65
N TRP B 210 42.88 0.07 -31.71
CA TRP B 210 41.52 -0.44 -31.65
C TRP B 210 41.44 -1.86 -32.17
N GLN B 211 40.33 -2.53 -31.84
CA GLN B 211 40.12 -3.90 -32.24
C GLN B 211 38.64 -4.10 -32.52
N ARG B 212 38.34 -5.01 -33.45
CA ARG B 212 36.98 -5.16 -33.94
C ARG B 212 36.80 -6.58 -34.44
N ASP B 213 35.67 -7.19 -34.09
CA ASP B 213 35.38 -8.57 -34.45
C ASP B 213 34.05 -8.60 -35.20
N GLU B 214 34.12 -8.67 -36.52
CA GLU B 214 32.91 -8.71 -37.35
C GLU B 214 32.49 -10.13 -37.69
N TRP B 215 32.44 -10.99 -36.68
CA TRP B 215 31.94 -12.34 -36.86
C TRP B 215 30.42 -12.38 -36.81
N LEU B 216 29.81 -11.40 -36.15
CA LEU B 216 28.37 -11.34 -35.93
C LEU B 216 27.78 -10.43 -37.02
N THR B 217 27.22 -11.05 -38.05
CA THR B 217 26.67 -10.28 -39.16
C THR B 217 25.18 -10.49 -39.34
N ASN B 218 24.74 -11.74 -39.46
CA ASN B 218 23.40 -12.07 -39.94
C ASN B 218 22.78 -13.14 -39.04
N VAL B 219 22.73 -12.83 -37.74
CA VAL B 219 22.23 -13.68 -36.65
C VAL B 219 20.91 -14.36 -36.96
N VAL B 220 20.88 -15.69 -36.88
CA VAL B 220 19.70 -16.46 -37.25
C VAL B 220 18.92 -16.82 -35.99
N ASP B 221 19.53 -17.58 -35.09
CA ASP B 221 18.89 -18.01 -33.87
C ASP B 221 19.63 -17.44 -32.68
N TYR B 222 19.16 -17.82 -31.48
CA TYR B 222 19.75 -17.33 -30.24
C TYR B 222 19.41 -18.32 -29.13
N ALA B 223 20.06 -18.13 -27.99
CA ALA B 223 19.77 -18.89 -26.79
C ALA B 223 20.20 -18.04 -25.60
N VAL B 224 19.47 -18.13 -24.50
CA VAL B 224 19.74 -17.32 -23.32
C VAL B 224 20.20 -18.25 -22.20
N LEU B 225 21.43 -18.07 -21.77
CA LEU B 225 21.96 -18.79 -20.62
C LEU B 225 21.82 -17.90 -19.39
N ASP B 226 21.06 -18.34 -18.41
CA ASP B 226 20.97 -17.61 -17.15
C ASP B 226 22.16 -17.98 -16.28
N VAL B 227 22.89 -16.97 -15.83
CA VAL B 227 24.09 -17.22 -15.03
C VAL B 227 23.89 -16.66 -13.63
N SER B 247 17.18 -34.89 16.84
CA SER B 247 16.99 -34.61 15.42
C SER B 247 16.83 -33.11 15.16
N LEU B 248 15.75 -32.52 15.69
CA LEU B 248 15.54 -31.10 15.55
C LEU B 248 16.45 -30.28 16.46
N TRP B 249 16.87 -30.86 17.58
CA TRP B 249 17.79 -30.16 18.48
C TRP B 249 19.16 -29.99 17.85
N ASN B 250 19.61 -30.97 17.05
CA ASN B 250 20.90 -30.85 16.38
C ASN B 250 20.86 -29.77 15.31
N ALA B 251 19.75 -29.66 14.58
CA ALA B 251 19.59 -28.60 13.59
C ALA B 251 19.50 -27.24 14.26
N TYR B 252 18.81 -27.16 15.41
CA TYR B 252 18.72 -25.89 16.13
C TYR B 252 20.07 -25.46 16.70
N TRP B 253 20.85 -26.41 17.22
CA TRP B 253 22.17 -26.06 17.75
C TRP B 253 23.15 -25.74 16.64
N LEU B 254 23.01 -26.38 15.48
CA LEU B 254 23.83 -26.02 14.31
C LEU B 254 23.49 -24.61 13.84
N ARG B 255 22.21 -24.27 13.79
CA ARG B 255 21.79 -22.91 13.42
C ARG B 255 22.29 -21.88 14.41
N LEU B 256 22.18 -22.18 15.71
CA LEU B 256 22.59 -21.24 16.74
C LEU B 256 24.10 -21.05 16.76
N THR B 257 24.87 -22.12 16.56
CA THR B 257 26.32 -22.01 16.54
C THR B 257 26.81 -21.30 15.27
N THR B 258 26.17 -21.55 14.12
CA THR B 258 26.58 -20.86 12.90
C THR B 258 26.23 -19.38 12.95
N ASN B 259 25.07 -19.02 13.50
CA ASN B 259 24.75 -17.61 13.65
C ASN B 259 25.59 -16.94 14.73
N TRP B 260 26.00 -17.70 15.76
CA TRP B 260 26.90 -17.18 16.79
C TRP B 260 28.27 -16.89 16.20
N ASN B 261 28.81 -17.82 15.40
CA ASN B 261 30.10 -17.60 14.77
C ASN B 261 30.04 -16.49 13.73
N ARG B 262 28.91 -16.34 13.03
CA ARG B 262 28.77 -15.26 12.06
C ARG B 262 28.68 -13.91 12.75
N LEU B 263 27.98 -13.83 13.89
CA LEU B 263 27.93 -12.59 14.64
C LEU B 263 29.28 -12.27 15.28
N ILE B 264 30.04 -13.29 15.68
CA ILE B 264 31.39 -13.09 16.20
C ILE B 264 32.30 -12.52 15.11
N ASN B 265 32.23 -13.10 13.90
CA ASN B 265 33.05 -12.60 12.80
C ASN B 265 32.63 -11.22 12.34
N LEU B 266 31.33 -10.90 12.44
CA LEU B 266 30.87 -9.56 12.08
C LEU B 266 31.30 -8.52 13.10
N LEU B 267 31.23 -8.85 14.40
CA LEU B 267 31.68 -7.93 15.43
C LEU B 267 33.20 -7.89 15.58
N LYS B 268 33.92 -8.83 14.97
CA LYS B 268 35.38 -8.76 14.95
C LYS B 268 35.92 -8.08 13.70
N GLU B 269 35.20 -8.17 12.57
CA GLU B 269 35.61 -7.43 11.39
C GLU B 269 35.25 -5.95 11.47
N ASN B 270 34.26 -5.59 12.29
CA ASN B 270 33.86 -4.19 12.44
C ASN B 270 34.55 -3.51 13.61
N GLN B 271 35.21 -4.25 14.48
CA GLN B 271 35.95 -3.67 15.60
C GLN B 271 37.43 -3.93 15.48
N THR B 289 25.73 -2.53 -11.25
CA THR B 289 26.32 -3.38 -10.21
C THR B 289 26.76 -4.72 -10.78
N THR B 290 27.29 -5.57 -9.91
CA THR B 290 27.70 -6.91 -10.31
C THR B 290 27.23 -7.99 -9.36
N VAL B 291 26.47 -7.66 -8.33
CA VAL B 291 25.91 -8.62 -7.38
C VAL B 291 24.39 -8.68 -7.48
N SER B 292 23.75 -7.51 -7.57
CA SER B 292 22.29 -7.48 -7.70
C SER B 292 21.86 -7.91 -9.09
N ASP B 293 22.72 -7.75 -10.09
CA ASP B 293 22.41 -8.22 -11.44
C ASP B 293 22.34 -9.74 -11.51
N LEU B 294 23.08 -10.43 -10.65
CA LEU B 294 22.93 -11.88 -10.54
C LEU B 294 21.62 -12.25 -9.85
N LYS B 295 21.20 -11.42 -8.89
CA LYS B 295 19.96 -11.70 -8.16
C LYS B 295 18.73 -11.41 -9.02
N PHE B 296 18.73 -10.28 -9.72
CA PHE B 296 17.57 -9.84 -10.49
C PHE B 296 17.46 -10.53 -11.84
N GLY B 297 18.39 -11.44 -12.17
CA GLY B 297 18.36 -12.08 -13.46
C GLY B 297 18.79 -11.22 -14.62
N PHE B 298 19.42 -10.08 -14.35
CA PHE B 298 19.94 -9.25 -15.45
C PHE B 298 21.16 -9.89 -16.07
N ALA B 299 21.95 -10.60 -15.27
CA ALA B 299 23.17 -11.25 -15.74
C ALA B 299 22.78 -12.47 -16.55
N LYS B 300 22.82 -12.35 -17.87
CA LYS B 300 22.53 -13.44 -18.78
C LYS B 300 23.59 -13.46 -19.87
N ILE B 301 23.59 -14.53 -20.66
CA ILE B 301 24.53 -14.70 -21.75
C ILE B 301 23.73 -14.99 -23.02
N LEU B 302 23.85 -14.11 -24.01
CA LEU B 302 23.27 -14.36 -25.30
C LEU B 302 24.16 -15.33 -26.08
N ILE B 303 23.56 -16.37 -26.62
CA ILE B 303 24.27 -17.46 -27.28
C ILE B 303 23.87 -17.41 -28.75
N VAL B 304 23.92 -16.20 -29.29
CA VAL B 304 23.73 -15.84 -30.70
C VAL B 304 24.38 -16.84 -31.66
N LEU B 305 23.60 -17.32 -32.62
CA LEU B 305 24.06 -18.19 -33.70
C LEU B 305 23.95 -17.41 -35.00
N THR B 306 25.07 -17.26 -35.70
CA THR B 306 25.12 -16.41 -36.87
C THR B 306 24.94 -17.23 -38.15
N HIS B 307 24.88 -16.51 -39.27
CA HIS B 307 24.64 -17.15 -40.57
C HIS B 307 25.87 -17.90 -41.06
N ASP B 308 27.07 -17.51 -40.63
CA ASP B 308 28.28 -18.20 -41.05
C ASP B 308 28.53 -19.49 -40.28
N GLY B 309 27.79 -19.74 -39.20
CA GLY B 309 28.00 -20.91 -38.39
C GLY B 309 28.82 -20.69 -37.14
N PHE B 310 28.74 -19.51 -36.53
CA PHE B 310 29.46 -19.20 -35.31
C PHE B 310 28.50 -19.19 -34.12
N ILE B 311 29.04 -19.45 -32.94
CA ILE B 311 28.31 -19.36 -31.69
C ILE B 311 29.02 -18.36 -30.80
N GLY B 312 28.26 -17.45 -30.19
CA GLY B 312 28.83 -16.41 -29.36
C GLY B 312 28.36 -16.48 -27.93
N GLY B 313 28.88 -15.58 -27.12
CA GLY B 313 28.66 -15.61 -25.69
C GLY B 313 28.42 -14.25 -25.08
N LEU B 314 27.70 -13.37 -25.79
CA LEU B 314 27.55 -11.96 -25.45
C LEU B 314 26.98 -11.75 -24.06
N ASP B 315 27.80 -11.16 -23.18
CA ASP B 315 27.38 -10.89 -21.81
C ASP B 315 26.38 -9.75 -21.78
N MET B 316 25.25 -9.98 -21.12
CA MET B 316 24.16 -8.99 -21.14
C MET B 316 24.44 -7.81 -20.22
N VAL B 317 24.96 -8.07 -19.02
CA VAL B 317 25.23 -6.99 -18.07
C VAL B 317 26.53 -6.25 -18.36
N ASN B 318 27.37 -6.80 -19.23
CA ASN B 318 28.47 -6.04 -19.81
C ASN B 318 27.94 -5.21 -20.97
N LYS B 319 28.84 -4.69 -21.81
CA LYS B 319 28.44 -3.94 -22.98
C LYS B 319 28.36 -4.81 -24.23
N GLY B 320 27.96 -6.07 -24.06
CA GLY B 320 28.00 -7.03 -25.14
C GLY B 320 29.34 -7.68 -25.29
N GLN B 321 30.09 -7.80 -24.19
CA GLN B 321 31.44 -8.33 -24.24
C GLN B 321 31.41 -9.82 -24.54
N LEU B 322 32.15 -10.20 -25.59
CA LEU B 322 32.18 -11.58 -26.05
C LEU B 322 32.92 -12.44 -25.04
N ILE B 323 32.18 -13.22 -24.26
CA ILE B 323 32.79 -14.08 -23.26
C ILE B 323 33.52 -15.24 -23.93
N TRP B 324 32.88 -15.87 -24.91
CA TRP B 324 33.52 -16.94 -25.67
C TRP B 324 32.90 -17.00 -27.06
N LYS B 325 33.66 -17.58 -27.98
CA LYS B 325 33.21 -17.73 -29.36
C LYS B 325 33.61 -19.12 -29.85
N LEU B 326 32.87 -19.63 -30.83
CA LEU B 326 33.14 -20.96 -31.34
C LEU B 326 32.77 -21.03 -32.82
N ASP B 327 33.72 -21.49 -33.63
CA ASP B 327 33.51 -21.74 -35.04
C ASP B 327 33.12 -23.21 -35.22
N LEU B 328 31.92 -23.45 -35.72
CA LEU B 328 31.42 -24.81 -35.87
C LEU B 328 31.85 -25.47 -37.16
N GLU B 329 32.60 -24.75 -38.00
CA GLU B 329 32.95 -25.09 -39.40
C GLU B 329 31.79 -25.76 -40.15
N ILE B 330 30.63 -25.11 -40.09
CA ILE B 330 29.46 -25.55 -40.83
C ILE B 330 29.09 -24.47 -41.84
N ASP B 331 28.15 -24.80 -42.71
CA ASP B 331 27.61 -23.86 -43.69
C ASP B 331 26.17 -23.56 -43.32
N GLN B 332 25.91 -22.31 -42.94
CA GLN B 332 24.57 -21.75 -42.72
C GLN B 332 23.81 -22.50 -41.62
N GLY B 333 24.29 -22.30 -40.38
CA GLY B 333 23.54 -22.71 -39.21
C GLY B 333 22.13 -22.16 -39.18
N VAL B 334 21.16 -22.98 -38.79
CA VAL B 334 19.74 -22.68 -38.97
C VAL B 334 19.06 -22.39 -37.63
N LYS B 335 19.04 -23.36 -36.73
CA LYS B 335 18.38 -23.21 -35.44
C LYS B 335 19.31 -23.66 -34.34
N MET B 336 18.91 -23.39 -33.09
CA MET B 336 19.72 -23.74 -31.93
C MET B 336 18.80 -23.85 -30.73
N PHE B 337 18.76 -25.03 -30.12
CA PHE B 337 17.92 -25.30 -28.97
C PHE B 337 18.76 -25.92 -27.86
N TRP B 338 18.31 -25.72 -26.62
CA TRP B 338 18.88 -26.47 -25.51
C TRP B 338 18.41 -27.92 -25.57
N THR B 339 19.21 -28.81 -24.99
CA THR B 339 18.82 -30.21 -24.90
C THR B 339 17.94 -30.46 -23.69
N ASP B 340 18.46 -30.18 -22.50
CA ASP B 340 17.79 -30.45 -21.25
C ASP B 340 17.38 -29.13 -20.59
N LYS B 341 16.74 -29.25 -19.43
CA LYS B 341 16.24 -28.09 -18.69
C LYS B 341 17.31 -27.39 -17.88
N ASN B 342 18.51 -27.98 -17.75
CA ASN B 342 19.57 -27.40 -16.94
C ASN B 342 20.47 -26.46 -17.71
N HIS B 343 20.24 -26.31 -19.03
CA HIS B 343 20.92 -25.36 -19.92
C HIS B 343 22.44 -25.57 -19.93
N ASP B 344 22.83 -26.77 -20.38
CA ASP B 344 24.22 -27.15 -20.40
C ASP B 344 24.71 -27.58 -21.77
N GLU B 345 23.83 -27.70 -22.76
CA GLU B 345 24.21 -28.24 -24.06
C GLU B 345 23.24 -27.73 -25.11
N LEU B 346 23.76 -27.42 -26.29
CA LEU B 346 22.99 -26.92 -27.41
C LEU B 346 22.97 -27.94 -28.53
N VAL B 347 21.91 -27.89 -29.34
CA VAL B 347 21.84 -28.61 -30.60
C VAL B 347 21.73 -27.56 -31.70
N VAL B 348 22.77 -27.40 -32.49
CA VAL B 348 22.78 -26.48 -33.61
C VAL B 348 22.61 -27.28 -34.89
N PHE B 349 21.52 -27.00 -35.60
CA PHE B 349 21.28 -27.61 -36.90
C PHE B 349 21.84 -26.71 -37.98
N SER B 350 22.15 -27.30 -39.14
CA SER B 350 22.74 -26.55 -40.23
C SER B 350 21.98 -26.81 -41.52
N HIS B 351 22.22 -25.94 -42.50
CA HIS B 351 21.52 -26.01 -43.78
C HIS B 351 21.98 -27.17 -44.67
N ASP B 352 22.98 -27.94 -44.26
CA ASP B 352 23.43 -29.10 -45.00
C ASP B 352 22.93 -30.41 -44.41
N GLY B 353 22.15 -30.35 -43.33
CA GLY B 353 21.62 -31.55 -42.72
C GLY B 353 22.48 -32.15 -41.64
N HIS B 354 23.22 -31.33 -40.89
CA HIS B 354 24.03 -31.81 -39.79
C HIS B 354 23.55 -31.16 -38.50
N TYR B 355 23.44 -31.96 -37.44
CA TYR B 355 23.17 -31.44 -36.11
C TYR B 355 24.43 -31.59 -35.27
N LEU B 356 24.70 -30.60 -34.43
CA LEU B 356 25.89 -30.55 -33.61
C LEU B 356 25.45 -30.35 -32.16
N THR B 357 25.86 -31.26 -31.30
CA THR B 357 25.63 -31.08 -29.86
C THR B 357 26.89 -30.46 -29.27
N ILE B 358 26.73 -29.30 -28.67
CA ILE B 358 27.83 -28.47 -28.18
C ILE B 358 27.61 -28.26 -26.69
N GLU B 359 28.50 -28.83 -25.88
CA GLU B 359 28.41 -28.66 -24.44
C GLU B 359 28.93 -27.28 -24.05
N VAL B 360 28.09 -26.49 -23.39
CA VAL B 360 28.39 -25.10 -23.05
C VAL B 360 28.78 -25.05 -21.58
N THR B 361 30.06 -24.76 -21.32
CA THR B 361 30.55 -24.60 -19.96
C THR B 361 30.46 -23.14 -19.55
N LYS B 362 31.09 -22.79 -18.43
CA LYS B 362 31.12 -21.40 -17.99
C LYS B 362 32.14 -20.58 -18.77
N ASP B 363 33.23 -21.20 -19.23
CA ASP B 363 34.34 -20.49 -19.85
C ASP B 363 34.36 -20.62 -21.36
N GLN B 364 34.31 -21.86 -21.89
CA GLN B 364 34.43 -22.04 -23.34
C GLN B 364 33.78 -23.36 -23.72
N PRO B 365 33.03 -23.42 -24.82
CA PRO B 365 32.37 -24.66 -25.22
C PRO B 365 33.20 -25.50 -26.17
N ILE B 366 32.93 -26.81 -26.14
CA ILE B 366 33.55 -27.78 -27.03
C ILE B 366 32.43 -28.48 -27.80
N ILE B 367 32.62 -28.68 -29.10
CA ILE B 367 31.67 -29.48 -29.87
C ILE B 367 31.78 -30.93 -29.43
N LYS B 368 30.65 -31.50 -29.01
CA LYS B 368 30.65 -32.87 -28.48
C LYS B 368 30.16 -33.89 -29.49
N SER B 369 29.28 -33.52 -30.41
CA SER B 369 28.83 -34.44 -31.44
C SER B 369 28.54 -33.66 -32.73
N ARG B 370 28.86 -34.29 -33.85
CA ARG B 370 28.71 -33.68 -35.17
C ARG B 370 28.04 -34.64 -36.13
N SER B 371 27.05 -35.38 -35.65
CA SER B 371 26.43 -36.44 -36.44
C SER B 371 25.50 -35.85 -37.50
N PRO B 372 25.27 -36.56 -38.60
CA PRO B 372 24.30 -36.07 -39.59
C PRO B 372 22.89 -36.55 -39.31
N LEU B 373 21.95 -36.20 -40.19
CA LEU B 373 20.56 -36.59 -40.04
C LEU B 373 20.29 -37.87 -40.83
N SER B 374 19.03 -38.26 -40.94
CA SER B 374 18.66 -39.45 -41.70
C SER B 374 18.59 -39.16 -43.20
N GLU B 375 17.90 -38.10 -43.59
CA GLU B 375 17.82 -37.66 -44.98
C GLU B 375 18.36 -36.24 -45.03
N ARG B 376 19.68 -36.11 -45.14
CA ARG B 376 20.33 -34.80 -45.06
C ARG B 376 20.45 -34.21 -46.45
N LYS B 377 19.51 -33.34 -46.81
CA LYS B 377 19.65 -32.56 -48.04
C LYS B 377 19.77 -31.07 -47.76
N THR B 378 18.75 -30.44 -47.15
CA THR B 378 18.78 -29.01 -46.87
C THR B 378 17.75 -28.74 -45.78
N VAL B 379 18.20 -28.37 -44.59
CA VAL B 379 17.29 -28.07 -43.49
C VAL B 379 16.78 -26.65 -43.65
N ASP B 380 15.45 -26.48 -43.58
CA ASP B 380 14.82 -25.17 -43.67
C ASP B 380 14.53 -24.56 -42.31
N SER B 381 13.83 -25.28 -41.43
CA SER B 381 13.55 -24.81 -40.09
C SER B 381 13.30 -26.00 -39.19
N VAL B 382 13.65 -25.86 -37.92
CA VAL B 382 13.47 -26.90 -36.92
C VAL B 382 12.53 -26.39 -35.84
N ILE B 383 11.59 -27.23 -35.42
CA ILE B 383 10.63 -26.93 -34.37
C ILE B 383 10.86 -27.91 -33.22
N ARG B 384 11.00 -27.38 -32.01
CA ARG B 384 11.21 -28.21 -30.84
C ARG B 384 9.86 -28.58 -30.23
N LEU B 385 9.66 -29.88 -29.99
CA LEU B 385 8.43 -30.38 -29.41
C LEU B 385 8.73 -31.11 -28.10
N ASN B 386 8.04 -30.70 -27.03
CA ASN B 386 7.92 -31.45 -25.78
C ASN B 386 9.30 -31.66 -25.13
N GLU B 387 9.85 -30.56 -24.61
CA GLU B 387 11.17 -30.44 -23.99
C GLU B 387 11.59 -31.57 -23.06
N HIS B 388 10.63 -32.16 -22.34
CA HIS B 388 10.92 -33.29 -21.46
C HIS B 388 11.11 -34.60 -22.21
N ASP B 389 10.73 -34.67 -23.50
CA ASP B 389 10.93 -35.85 -24.34
C ASP B 389 11.51 -35.34 -25.65
N HIS B 390 12.84 -35.29 -25.72
CA HIS B 390 13.56 -34.42 -26.64
C HIS B 390 13.45 -34.85 -28.10
N GLN B 391 12.42 -34.39 -28.78
CA GLN B 391 12.27 -34.62 -30.22
C GLN B 391 12.02 -33.29 -30.92
N TYR B 392 12.29 -33.30 -32.21
CA TYR B 392 12.30 -32.11 -33.06
C TYR B 392 11.62 -32.45 -34.37
N LEU B 393 11.26 -31.41 -35.13
CA LEU B 393 10.43 -31.54 -36.33
C LEU B 393 11.13 -30.87 -37.51
N ILE B 394 12.30 -31.37 -37.85
CA ILE B 394 13.15 -30.79 -38.88
C ILE B 394 12.45 -30.75 -40.23
N LYS B 395 12.18 -29.54 -40.71
CA LYS B 395 11.53 -29.33 -41.99
C LYS B 395 12.58 -29.03 -43.04
N PHE B 396 12.48 -29.68 -44.18
CA PHE B 396 13.48 -29.54 -45.23
C PHE B 396 13.06 -28.51 -46.26
N GLU B 397 14.00 -28.17 -47.14
CA GLU B 397 13.74 -27.21 -48.22
C GLU B 397 12.80 -27.78 -49.28
N ASP B 398 12.73 -29.11 -49.40
CA ASP B 398 11.85 -29.78 -50.35
C ASP B 398 10.47 -30.05 -49.78
N LYS B 399 10.05 -29.28 -48.77
CA LYS B 399 8.78 -29.41 -48.04
C LYS B 399 8.61 -30.78 -47.38
N ASP B 400 9.72 -31.47 -47.10
CA ASP B 400 9.69 -32.74 -46.41
C ASP B 400 9.84 -32.52 -44.92
N HIS B 401 9.64 -33.58 -44.14
CA HIS B 401 9.71 -33.49 -42.69
C HIS B 401 10.47 -34.66 -42.12
N LEU B 402 11.04 -34.45 -40.94
CA LEU B 402 11.77 -35.50 -40.25
C LEU B 402 11.58 -35.31 -38.76
N LEU B 403 10.92 -36.27 -38.12
CA LEU B 403 10.89 -36.32 -36.67
C LEU B 403 12.22 -36.85 -36.18
N PHE B 404 12.95 -36.02 -35.44
CA PHE B 404 14.31 -36.30 -35.02
C PHE B 404 14.34 -36.39 -33.51
N LYS B 405 15.25 -37.20 -32.98
CA LYS B 405 15.30 -37.38 -31.53
C LYS B 405 16.75 -37.58 -31.08
N LEU B 406 17.11 -36.91 -29.99
CA LEU B 406 18.39 -37.15 -29.32
C LEU B 406 18.15 -37.17 -27.82
N ASN B 407 19.24 -37.26 -27.06
CA ASN B 407 19.15 -37.28 -25.61
C ASN B 407 19.91 -36.10 -25.00
N SER B 424 -1.65 -37.10 -25.55
CA SER B 424 -1.27 -38.19 -26.45
C SER B 424 -0.87 -37.63 -27.81
N HIS B 425 -1.73 -36.84 -28.41
CA HIS B 425 -1.46 -36.23 -29.71
C HIS B 425 -0.51 -35.06 -29.57
N ILE B 426 0.24 -34.79 -30.64
CA ILE B 426 1.10 -33.62 -30.74
C ILE B 426 0.81 -32.96 -32.08
N PHE B 427 0.30 -31.73 -32.04
CA PHE B 427 -0.04 -30.98 -33.23
C PHE B 427 1.00 -29.91 -33.50
N VAL B 428 1.35 -29.73 -34.77
CA VAL B 428 2.36 -28.77 -35.17
C VAL B 428 1.82 -27.99 -36.36
N THR B 429 1.72 -26.68 -36.23
CA THR B 429 1.36 -25.84 -37.36
C THR B 429 2.61 -25.17 -37.92
N GLU B 430 2.57 -24.89 -39.22
CA GLU B 430 3.73 -24.37 -39.94
C GLU B 430 3.25 -23.37 -40.98
N HIS B 431 3.75 -22.15 -40.90
CA HIS B 431 3.38 -21.14 -41.87
C HIS B 431 4.40 -21.07 -43.00
N ASP B 432 3.93 -20.58 -44.15
CA ASP B 432 4.77 -20.35 -45.31
C ASP B 432 4.30 -19.04 -45.94
N THR B 433 4.94 -18.66 -47.05
CA THR B 433 4.49 -17.46 -47.74
C THR B 433 3.15 -17.68 -48.44
N ASN B 434 2.78 -18.93 -48.70
CA ASN B 434 1.49 -19.27 -49.27
C ASN B 434 0.85 -20.36 -48.41
N GLY B 435 0.20 -19.96 -47.33
CA GLY B 435 -0.65 -20.86 -46.58
C GLY B 435 -0.06 -21.24 -45.23
N ILE B 436 -0.91 -21.87 -44.43
CA ILE B 436 -0.57 -22.37 -43.10
C ILE B 436 -1.04 -23.81 -43.02
N TYR B 437 -0.15 -24.71 -42.63
CA TYR B 437 -0.39 -26.14 -42.69
C TYR B 437 -0.31 -26.75 -41.30
N GLY B 438 -1.01 -27.87 -41.13
CA GLY B 438 -1.01 -28.57 -39.87
C GLY B 438 -0.42 -29.96 -40.00
N TYR B 439 0.09 -30.50 -38.91
CA TYR B 439 0.73 -31.80 -38.89
C TYR B 439 0.43 -32.44 -37.54
N ILE B 440 0.30 -33.76 -37.52
CA ILE B 440 0.14 -34.49 -36.27
C ILE B 440 1.30 -35.48 -36.16
N ILE B 441 1.74 -35.72 -34.93
CA ILE B 441 2.74 -36.74 -34.64
C ILE B 441 2.02 -37.84 -33.87
N GLU B 442 1.76 -38.96 -34.54
CA GLU B 442 0.94 -40.00 -33.94
C GLU B 442 1.76 -40.86 -32.98
N ASN B 443 2.72 -41.61 -33.52
CA ASN B 443 3.71 -42.29 -32.70
C ASN B 443 5.12 -41.83 -33.03
N ASP B 444 5.54 -41.92 -34.29
CA ASP B 444 6.79 -41.33 -34.74
C ASP B 444 6.71 -40.77 -36.15
N THR B 445 5.52 -40.72 -36.75
CA THR B 445 5.35 -40.26 -38.11
C THR B 445 4.78 -38.85 -38.11
N VAL B 446 5.05 -38.11 -39.18
CA VAL B 446 4.58 -36.74 -39.35
C VAL B 446 3.58 -36.76 -40.50
N LYS B 447 2.29 -36.73 -40.17
CA LYS B 447 1.23 -36.73 -41.15
C LYS B 447 0.56 -35.36 -41.18
N GLN B 448 0.40 -34.81 -42.37
CA GLN B 448 -0.25 -33.51 -42.51
C GLN B 448 -1.74 -33.61 -42.24
N THR B 449 -2.31 -32.58 -41.63
CA THR B 449 -3.68 -32.65 -41.16
C THR B 449 -4.61 -31.62 -41.78
N TRP B 450 -4.15 -30.44 -42.14
CA TRP B 450 -4.98 -29.46 -42.83
C TRP B 450 -4.06 -28.46 -43.51
N LYS B 451 -4.64 -27.67 -44.42
CA LYS B 451 -3.88 -26.61 -45.06
C LYS B 451 -4.82 -25.45 -45.33
N LYS B 452 -4.49 -24.29 -44.78
CA LYS B 452 -5.20 -23.05 -45.10
C LYS B 452 -4.41 -22.27 -46.15
N ALA B 453 -4.32 -22.88 -47.34
CA ALA B 453 -3.53 -22.34 -48.42
C ALA B 453 -4.21 -21.12 -49.03
N VAL B 454 -3.42 -20.32 -49.74
CA VAL B 454 -3.91 -19.11 -50.36
C VAL B 454 -3.97 -19.32 -51.87
N ASN B 455 -4.63 -18.40 -52.57
CA ASN B 455 -4.74 -18.49 -54.02
C ASN B 455 -3.56 -17.77 -54.67
N SER B 456 -3.63 -17.55 -55.98
CA SER B 456 -2.49 -17.04 -56.73
C SER B 456 -2.27 -15.55 -56.50
N LYS B 457 -3.30 -14.81 -56.13
CA LYS B 457 -3.18 -13.37 -55.91
C LYS B 457 -2.94 -13.00 -54.45
N GLU B 458 -2.92 -13.98 -53.56
CA GLU B 458 -2.78 -13.73 -52.13
C GLU B 458 -1.41 -14.22 -51.65
N LYS B 459 -1.02 -13.72 -50.48
CA LYS B 459 0.27 -14.06 -49.90
C LYS B 459 0.18 -13.89 -48.39
N MET B 460 0.59 -14.91 -47.65
CA MET B 460 0.66 -14.78 -46.19
C MET B 460 1.86 -13.91 -45.84
N VAL B 461 1.60 -12.76 -45.23
CA VAL B 461 2.63 -11.75 -45.03
C VAL B 461 3.05 -11.62 -43.57
N ALA B 462 2.27 -12.14 -42.63
CA ALA B 462 2.61 -12.07 -41.22
C ALA B 462 1.98 -13.27 -40.54
N TYR B 463 2.54 -13.65 -39.40
CA TYR B 463 2.10 -14.82 -38.65
C TYR B 463 2.66 -14.75 -37.25
N SER B 464 1.84 -15.11 -36.26
CA SER B 464 2.34 -15.29 -34.91
C SER B 464 1.46 -16.29 -34.18
N LYS B 465 2.09 -17.27 -33.56
CA LYS B 465 1.41 -18.18 -32.67
C LYS B 465 0.98 -17.45 -31.40
N ARG B 466 0.00 -18.02 -30.71
CA ARG B 466 -0.37 -17.49 -29.41
C ARG B 466 0.70 -17.87 -28.40
N GLU B 467 1.33 -16.86 -27.81
CA GLU B 467 2.42 -17.10 -26.88
C GLU B 467 1.89 -17.68 -25.57
N THR B 468 2.57 -18.73 -25.08
CA THR B 468 2.17 -19.40 -23.85
C THR B 468 2.52 -18.51 -22.67
N THR B 469 1.61 -17.60 -22.36
CA THR B 469 1.78 -16.69 -21.24
C THR B 469 1.25 -17.31 -19.97
N ASN B 470 1.80 -16.85 -18.84
CA ASN B 470 1.34 -17.30 -17.53
C ASN B 470 0.02 -16.60 -17.19
N LEU B 471 -0.95 -17.39 -16.73
CA LEU B 471 -2.28 -16.87 -16.45
C LEU B 471 -2.33 -16.27 -15.06
N ASN B 472 -2.73 -15.00 -14.98
CA ASN B 472 -2.89 -14.31 -13.72
C ASN B 472 -4.35 -13.96 -13.42
N THR B 473 -5.06 -13.38 -14.38
CA THR B 473 -6.46 -13.03 -14.24
C THR B 473 -7.26 -13.66 -15.36
N LEU B 474 -8.39 -14.27 -15.01
CA LEU B 474 -9.25 -14.93 -15.99
C LEU B 474 -10.02 -13.94 -16.85
N GLY B 475 -10.18 -12.70 -16.41
CA GLY B 475 -10.94 -11.74 -17.16
C GLY B 475 -10.62 -10.33 -16.73
N ILE B 476 -11.37 -9.39 -17.28
CA ILE B 476 -11.19 -7.96 -17.02
C ILE B 476 -12.36 -7.47 -16.17
N THR B 477 -12.06 -6.98 -14.98
CA THR B 477 -13.09 -6.42 -14.10
C THR B 477 -13.39 -4.99 -14.53
N LEU B 478 -14.66 -4.72 -14.83
CA LEU B 478 -15.09 -3.40 -15.26
C LEU B 478 -15.37 -2.54 -14.02
N GLY B 479 -15.98 -1.37 -14.23
CA GLY B 479 -16.30 -0.49 -13.11
C GLY B 479 -17.47 -0.99 -12.28
N ASP B 480 -18.35 -1.79 -12.88
CA ASP B 480 -19.45 -2.41 -12.16
C ASP B 480 -19.07 -3.74 -11.54
N LYS B 481 -17.77 -4.04 -11.46
CA LYS B 481 -17.22 -5.32 -11.00
C LYS B 481 -17.78 -6.50 -11.80
N SER B 482 -18.05 -6.28 -13.08
CA SER B 482 -18.59 -7.31 -13.97
C SER B 482 -17.47 -7.74 -14.90
N VAL B 483 -17.19 -9.04 -14.92
CA VAL B 483 -16.01 -9.56 -15.60
C VAL B 483 -16.31 -9.72 -17.09
N LEU B 484 -15.42 -9.18 -17.92
CA LEU B 484 -15.32 -9.58 -19.32
C LEU B 484 -14.23 -10.63 -19.40
N TYR B 485 -14.62 -11.88 -19.64
CA TYR B 485 -13.69 -13.00 -19.57
C TYR B 485 -12.85 -13.05 -20.83
N LYS B 486 -11.54 -13.21 -20.66
CA LYS B 486 -10.65 -13.29 -21.81
C LYS B 486 -10.81 -14.62 -22.52
N TYR B 487 -10.56 -14.60 -23.82
CA TYR B 487 -10.56 -15.85 -24.59
C TYR B 487 -9.21 -16.49 -24.43
N LEU B 488 -9.05 -17.23 -23.33
CA LEU B 488 -7.79 -17.87 -22.97
C LEU B 488 -7.64 -19.26 -23.55
N TYR B 489 -8.34 -19.55 -24.63
CA TYR B 489 -8.17 -20.81 -25.31
C TYR B 489 -6.81 -20.82 -26.00
N PRO B 490 -5.94 -21.77 -25.70
CA PRO B 490 -4.65 -21.85 -26.41
C PRO B 490 -4.83 -22.38 -27.82
N ASN B 491 -3.71 -22.69 -28.48
CA ASN B 491 -3.69 -23.24 -29.84
C ASN B 491 -4.33 -22.30 -30.83
N LEU B 492 -4.06 -21.01 -30.69
CA LEU B 492 -4.55 -20.03 -31.64
C LEU B 492 -3.38 -19.53 -32.47
N ALA B 493 -3.65 -19.20 -33.73
CA ALA B 493 -2.63 -18.50 -34.50
C ALA B 493 -3.29 -17.42 -35.32
N ALA B 494 -2.66 -16.25 -35.36
CA ALA B 494 -3.15 -15.13 -36.13
C ALA B 494 -2.23 -14.87 -37.30
N TYR B 495 -2.81 -14.54 -38.44
CA TYR B 495 -1.97 -14.27 -39.61
C TYR B 495 -2.65 -13.27 -40.52
N LEU B 496 -1.84 -12.65 -41.37
CA LEU B 496 -2.29 -11.66 -42.33
C LEU B 496 -2.15 -12.20 -43.74
N ILE B 497 -3.22 -12.08 -44.52
CA ILE B 497 -3.24 -12.44 -45.93
C ILE B 497 -3.32 -11.17 -46.73
N ALA B 498 -2.30 -10.89 -47.53
CA ALA B 498 -2.29 -9.74 -48.42
C ALA B 498 -2.86 -10.16 -49.76
N ASN B 499 -3.91 -9.48 -50.19
CA ASN B 499 -4.56 -9.76 -51.47
C ASN B 499 -4.25 -8.60 -52.41
N GLU B 500 -3.44 -8.87 -53.44
CA GLU B 500 -3.07 -7.87 -54.43
C GLU B 500 -4.13 -7.68 -55.50
N GLU B 501 -5.05 -8.64 -55.66
CA GLU B 501 -6.13 -8.48 -56.63
C GLU B 501 -7.16 -7.48 -56.15
N HIS B 502 -7.62 -7.64 -54.91
CA HIS B 502 -8.57 -6.70 -54.32
C HIS B 502 -7.91 -5.63 -53.48
N HIS B 503 -6.59 -5.74 -53.25
CA HIS B 503 -5.81 -4.88 -52.36
C HIS B 503 -6.42 -4.82 -50.97
N THR B 504 -6.42 -5.97 -50.30
CA THR B 504 -6.99 -6.07 -48.97
C THR B 504 -6.00 -6.71 -48.01
N ILE B 505 -6.18 -6.43 -46.73
CA ILE B 505 -5.47 -7.10 -45.64
C ILE B 505 -6.49 -7.96 -44.92
N THR B 506 -6.27 -9.27 -44.89
CA THR B 506 -7.21 -10.19 -44.27
C THR B 506 -6.56 -10.78 -43.02
N PHE B 507 -6.97 -10.27 -41.87
CA PHE B 507 -6.57 -10.86 -40.60
C PHE B 507 -7.39 -12.12 -40.36
N ASN B 508 -6.73 -13.25 -40.14
CA ASN B 508 -7.39 -14.49 -39.84
C ASN B 508 -6.89 -15.06 -38.53
N LEU B 509 -7.79 -15.72 -37.81
CA LEU B 509 -7.49 -16.36 -36.54
C LEU B 509 -7.88 -17.84 -36.65
N ILE B 510 -6.90 -18.73 -36.54
CA ILE B 510 -7.14 -20.15 -36.77
C ILE B 510 -6.98 -20.94 -35.48
N ASP B 511 -7.61 -22.11 -35.49
CA ASP B 511 -7.76 -23.04 -34.37
C ASP B 511 -6.57 -24.00 -34.26
N THR B 512 -5.83 -24.25 -35.35
CA THR B 512 -4.53 -24.93 -35.38
C THR B 512 -4.52 -26.38 -34.90
N ILE B 513 -5.64 -26.87 -34.40
CA ILE B 513 -5.85 -28.29 -34.14
C ILE B 513 -6.76 -28.87 -35.20
N THR B 514 -7.98 -28.33 -35.31
CA THR B 514 -8.82 -28.60 -36.45
C THR B 514 -8.51 -27.67 -37.61
N GLY B 515 -8.08 -26.45 -37.31
CA GLY B 515 -7.70 -25.52 -38.36
C GLY B 515 -8.87 -24.82 -38.99
N GLU B 516 -9.79 -24.32 -38.17
CA GLU B 516 -10.91 -23.52 -38.64
C GLU B 516 -10.66 -22.06 -38.33
N ILE B 517 -11.01 -21.20 -39.28
CA ILE B 517 -10.76 -19.76 -39.15
C ILE B 517 -11.84 -19.17 -38.25
N LEU B 518 -11.45 -18.78 -37.04
CA LEU B 518 -12.42 -18.29 -36.07
C LEU B 518 -12.85 -16.86 -36.35
N ILE B 519 -11.92 -16.00 -36.72
CA ILE B 519 -12.16 -14.57 -36.89
C ILE B 519 -11.51 -14.14 -38.19
N THR B 520 -12.26 -13.42 -39.03
CA THR B 520 -11.75 -12.86 -40.27
C THR B 520 -12.01 -11.36 -40.27
N GLN B 521 -11.07 -10.60 -40.83
CA GLN B 521 -11.16 -9.14 -40.83
C GLN B 521 -10.56 -8.60 -42.12
N GLU B 522 -11.38 -7.95 -42.94
CA GLU B 522 -10.88 -7.30 -44.14
C GLU B 522 -10.56 -5.84 -43.89
N HIS B 523 -9.43 -5.40 -44.41
CA HIS B 523 -9.05 -4.00 -44.46
C HIS B 523 -8.91 -3.64 -45.94
N LYS B 524 -9.90 -2.92 -46.46
CA LYS B 524 -9.82 -2.30 -47.78
C LYS B 524 -9.37 -0.86 -47.66
N ASP B 525 -8.27 -0.64 -46.94
CA ASP B 525 -7.75 0.68 -46.64
C ASP B 525 -6.76 1.17 -47.67
N SER B 526 -6.82 0.63 -48.89
CA SER B 526 -5.80 0.76 -49.93
C SER B 526 -4.38 0.55 -49.39
N PRO B 527 -4.05 -0.65 -48.93
CA PRO B 527 -2.77 -0.87 -48.25
C PRO B 527 -1.63 -1.03 -49.24
N ASP B 528 -0.42 -0.95 -48.70
CA ASP B 528 0.80 -1.11 -49.48
C ASP B 528 1.55 -2.32 -48.95
N PHE B 529 1.82 -3.27 -49.83
CA PHE B 529 2.50 -4.51 -49.46
C PHE B 529 4.01 -4.41 -49.62
N ARG B 530 4.53 -3.25 -50.01
CA ARG B 530 5.96 -3.01 -50.06
C ARG B 530 6.52 -2.56 -48.72
N PHE B 531 5.68 -2.43 -47.72
CA PHE B 531 6.02 -1.99 -46.38
C PHE B 531 5.85 -3.13 -45.40
N PRO B 532 6.56 -3.12 -44.26
CA PRO B 532 6.52 -4.27 -43.37
C PRO B 532 5.20 -4.41 -42.62
N MET B 533 4.73 -5.65 -42.54
CA MET B 533 3.50 -6.02 -41.85
C MET B 533 3.83 -7.10 -40.83
N ASP B 534 3.24 -6.99 -39.63
CA ASP B 534 3.60 -7.94 -38.59
C ASP B 534 2.40 -8.23 -37.70
N ILE B 535 2.30 -9.47 -37.24
CA ILE B 535 1.33 -9.87 -36.23
C ILE B 535 2.10 -10.20 -34.97
N VAL B 536 1.64 -9.68 -33.83
CA VAL B 536 2.04 -10.22 -32.53
C VAL B 536 0.79 -10.65 -31.79
N PHE B 537 0.91 -11.73 -31.03
CA PHE B 537 -0.21 -12.36 -30.35
C PHE B 537 0.08 -12.35 -28.87
N GLY B 538 -0.80 -11.74 -28.09
CA GLY B 538 -0.65 -11.67 -26.66
C GLY B 538 -1.34 -12.82 -25.98
N GLU B 539 -1.80 -12.58 -24.76
CA GLU B 539 -2.51 -13.60 -24.00
C GLU B 539 -3.90 -13.83 -24.58
N TYR B 540 -4.59 -12.76 -24.92
CA TYR B 540 -5.95 -12.83 -25.43
C TYR B 540 -6.18 -11.84 -26.57
N TRP B 541 -5.12 -11.31 -27.16
CA TRP B 541 -5.26 -10.23 -28.11
C TRP B 541 -4.20 -10.34 -29.19
N VAL B 542 -4.52 -9.78 -30.35
CA VAL B 542 -3.62 -9.70 -31.50
C VAL B 542 -3.41 -8.24 -31.81
N VAL B 543 -2.17 -7.85 -32.11
CA VAL B 543 -1.87 -6.53 -32.63
C VAL B 543 -1.14 -6.73 -33.94
N TYR B 544 -1.69 -6.21 -35.03
CA TYR B 544 -1.02 -6.31 -36.31
C TYR B 544 -0.82 -4.93 -36.92
N SER B 545 0.38 -4.72 -37.42
CA SER B 545 0.78 -3.46 -38.04
C SER B 545 0.89 -3.67 -39.54
N TYR B 546 0.30 -2.75 -40.29
CA TYR B 546 0.44 -2.70 -41.74
C TYR B 546 0.52 -1.23 -42.14
N PHE B 547 0.62 -0.98 -43.43
CA PHE B 547 0.70 0.38 -43.95
C PHE B 547 -0.38 0.56 -44.99
N SER B 548 -1.08 1.70 -44.93
CA SER B 548 -2.18 1.95 -45.83
C SER B 548 -2.32 3.45 -46.06
N SER B 549 -3.32 3.83 -46.86
CA SER B 549 -3.48 5.23 -47.21
C SER B 549 -4.92 5.72 -47.28
N GLU B 550 -5.91 4.97 -46.80
CA GLU B 550 -7.28 5.48 -46.97
C GLU B 550 -7.68 6.52 -45.92
N PRO B 551 -7.53 6.31 -44.57
CA PRO B 551 -7.84 7.43 -43.67
C PRO B 551 -6.78 8.52 -43.78
N VAL B 552 -5.53 8.10 -43.59
CA VAL B 552 -4.35 8.92 -43.77
C VAL B 552 -3.27 7.99 -44.30
N PRO B 553 -2.26 8.48 -44.99
CA PRO B 553 -1.20 7.60 -45.49
C PRO B 553 -0.13 7.18 -44.48
N GLU B 554 -0.41 7.24 -43.18
CA GLU B 554 0.57 6.80 -42.20
C GLU B 554 0.36 5.31 -41.87
N GLN B 555 1.03 4.83 -40.81
CA GLN B 555 1.11 3.41 -40.52
C GLN B 555 -0.02 2.99 -39.60
N LYS B 556 -0.67 1.87 -39.89
CA LYS B 556 -1.84 1.43 -39.13
C LYS B 556 -1.50 0.27 -38.20
N LEU B 557 -2.11 0.29 -37.02
CA LEU B 557 -1.94 -0.71 -35.97
C LEU B 557 -3.32 -1.14 -35.51
N VAL B 558 -3.71 -2.38 -35.77
CA VAL B 558 -5.04 -2.86 -35.42
C VAL B 558 -4.91 -3.81 -34.24
N VAL B 559 -5.75 -3.60 -33.23
CA VAL B 559 -5.83 -4.44 -32.04
C VAL B 559 -7.14 -5.21 -32.09
N VAL B 560 -7.03 -6.53 -31.93
CA VAL B 560 -8.16 -7.45 -31.88
C VAL B 560 -8.09 -8.12 -30.51
N GLU B 561 -8.93 -7.69 -29.57
CA GLU B 561 -9.00 -8.34 -28.28
C GLU B 561 -10.10 -9.40 -28.30
N LEU B 562 -9.75 -10.62 -27.91
CA LEU B 562 -10.66 -11.76 -27.98
C LEU B 562 -11.19 -12.06 -26.59
N TYR B 563 -12.52 -12.05 -26.45
CA TYR B 563 -13.20 -12.39 -25.22
C TYR B 563 -14.11 -13.58 -25.46
N GLU B 564 -14.56 -14.19 -24.37
CA GLU B 564 -15.51 -15.30 -24.50
C GLU B 564 -16.89 -14.80 -24.91
N SER B 565 -17.26 -13.63 -24.43
CA SER B 565 -18.48 -12.95 -24.86
C SER B 565 -18.29 -11.47 -24.59
N LEU B 566 -19.00 -10.64 -25.35
CA LEU B 566 -18.93 -9.20 -25.18
C LEU B 566 -19.88 -8.68 -24.12
N THR B 567 -20.82 -9.50 -23.67
CA THR B 567 -21.63 -9.15 -22.52
C THR B 567 -20.89 -9.54 -21.25
N PRO B 568 -20.81 -8.67 -20.25
CA PRO B 568 -20.07 -9.00 -19.04
C PRO B 568 -20.78 -10.04 -18.19
N ASP B 569 -19.98 -10.74 -17.37
CA ASP B 569 -20.40 -11.83 -16.50
C ASP B 569 -21.06 -12.96 -17.28
N GLU B 570 -20.49 -13.29 -18.43
CA GLU B 570 -21.04 -14.27 -19.37
C GLU B 570 -19.94 -15.22 -19.84
N ARG B 571 -19.25 -15.84 -18.88
CA ARG B 571 -18.24 -16.85 -19.20
C ARG B 571 -18.84 -18.03 -19.93
N LEU B 572 -18.35 -18.28 -21.15
CA LEU B 572 -18.85 -19.34 -22.01
C LEU B 572 -18.01 -20.60 -21.95
N SER B 573 -16.92 -20.60 -21.19
CA SER B 573 -16.06 -21.76 -21.05
C SER B 573 -16.48 -22.58 -19.83
N ASN B 574 -16.39 -23.89 -19.95
CA ASN B 574 -16.82 -24.80 -18.89
C ASN B 574 -15.60 -25.18 -18.06
N SER B 575 -15.46 -24.55 -16.89
CA SER B 575 -14.36 -24.81 -15.98
C SER B 575 -14.72 -25.81 -14.90
N SER B 576 -15.77 -26.60 -15.11
CA SER B 576 -16.20 -27.54 -14.09
C SER B 576 -15.22 -28.71 -14.01
N ASP B 577 -15.28 -29.42 -12.87
CA ASP B 577 -14.31 -30.48 -12.61
C ASP B 577 -14.61 -31.73 -13.42
N ASN B 578 -15.88 -31.97 -13.75
CA ASN B 578 -16.29 -33.16 -14.48
C ASN B 578 -16.34 -32.94 -15.99
N PHE B 579 -15.70 -31.89 -16.49
CA PHE B 579 -15.69 -31.60 -17.92
C PHE B 579 -14.25 -31.43 -18.40
N SER B 580 -13.97 -32.00 -19.57
CA SER B 580 -12.66 -31.88 -20.20
C SER B 580 -12.88 -31.53 -21.66
N TYR B 581 -12.30 -30.42 -22.10
CA TYR B 581 -12.43 -30.00 -23.49
C TYR B 581 -11.62 -30.90 -24.40
N ASP B 582 -12.15 -31.17 -25.59
CA ASP B 582 -11.47 -31.89 -26.65
C ASP B 582 -11.50 -31.01 -27.88
N PRO B 583 -10.45 -30.22 -28.13
CA PRO B 583 -10.50 -29.29 -29.26
C PRO B 583 -10.28 -29.94 -30.62
N LEU B 584 -9.93 -31.23 -30.66
CA LEU B 584 -9.88 -31.95 -31.93
C LEU B 584 -11.27 -32.23 -32.46
N THR B 585 -12.28 -32.28 -31.60
CA THR B 585 -13.66 -32.36 -32.03
C THR B 585 -14.17 -31.03 -32.57
N GLY B 586 -13.56 -29.93 -32.16
CA GLY B 586 -14.04 -28.60 -32.48
C GLY B 586 -14.95 -28.02 -31.43
N HIS B 587 -15.34 -28.81 -30.44
CA HIS B 587 -16.28 -28.37 -29.39
C HIS B 587 -15.52 -27.51 -28.37
N ILE B 588 -15.24 -26.28 -28.79
CA ILE B 588 -14.68 -25.26 -27.92
C ILE B 588 -15.54 -24.01 -28.09
N ASN B 589 -15.44 -23.11 -27.12
CA ASN B 589 -16.17 -21.86 -27.23
C ASN B 589 -15.53 -20.97 -28.29
N LYS B 590 -16.34 -20.17 -28.93
CA LYS B 590 -15.84 -19.33 -30.00
C LYS B 590 -15.57 -17.92 -29.49
N PRO B 591 -14.58 -17.23 -30.05
CA PRO B 591 -14.26 -15.90 -29.56
C PRO B 591 -15.18 -14.83 -30.10
N GLN B 592 -15.44 -13.84 -29.27
CA GLN B 592 -16.08 -12.59 -29.67
C GLN B 592 -15.06 -11.48 -29.49
N PHE B 593 -14.81 -10.74 -30.56
CA PHE B 593 -13.67 -9.83 -30.58
C PHE B 593 -14.12 -8.38 -30.53
N GLN B 594 -13.17 -7.54 -30.12
CA GLN B 594 -13.32 -6.09 -30.15
C GLN B 594 -12.10 -5.54 -30.85
N THR B 595 -12.31 -4.70 -31.86
CA THR B 595 -11.22 -4.23 -32.69
C THR B 595 -11.13 -2.72 -32.68
N LYS B 596 -9.89 -2.22 -32.67
CA LYS B 596 -9.63 -0.81 -32.90
C LYS B 596 -8.48 -0.67 -33.88
N GLN B 597 -8.46 0.44 -34.62
CA GLN B 597 -7.34 0.79 -35.48
C GLN B 597 -6.73 2.08 -34.97
N PHE B 598 -5.40 2.14 -34.97
CA PHE B 598 -4.64 3.28 -34.50
C PHE B 598 -3.71 3.72 -35.62
N ILE B 599 -3.51 5.01 -35.75
CA ILE B 599 -2.45 5.49 -36.63
C ILE B 599 -1.14 5.50 -35.86
N PHE B 600 -0.04 5.58 -36.60
CA PHE B 600 1.30 5.63 -36.05
C PHE B 600 2.17 6.34 -37.08
N PRO B 601 3.01 7.29 -36.64
CA PRO B 601 3.72 8.15 -37.60
C PRO B 601 4.87 7.46 -38.30
N GLU B 602 5.59 6.61 -37.58
CA GLU B 602 6.73 5.92 -38.14
C GLU B 602 6.32 4.55 -38.68
N ILE B 603 7.07 4.08 -39.66
CA ILE B 603 6.80 2.78 -40.26
C ILE B 603 7.42 1.70 -39.39
N ILE B 604 6.61 0.75 -38.95
CA ILE B 604 7.05 -0.31 -38.06
C ILE B 604 7.61 -1.45 -38.89
N LYS B 605 8.85 -1.82 -38.62
CA LYS B 605 9.44 -2.94 -39.35
C LYS B 605 9.05 -4.26 -38.72
N THR B 606 9.21 -4.40 -37.40
CA THR B 606 8.84 -5.64 -36.75
C THR B 606 8.32 -5.34 -35.36
N MET B 607 7.61 -6.30 -34.79
CA MET B 607 7.01 -6.16 -33.47
C MET B 607 7.26 -7.40 -32.64
N SER B 608 7.18 -7.24 -31.33
CA SER B 608 7.32 -8.34 -30.39
C SER B 608 6.52 -8.00 -29.15
N ILE B 609 6.33 -9.00 -28.30
CA ILE B 609 5.71 -8.84 -26.99
C ILE B 609 6.79 -8.94 -25.94
N SER B 610 6.76 -8.03 -24.96
CA SER B 610 7.73 -8.06 -23.88
C SER B 610 7.42 -9.20 -22.93
N LYS B 611 8.34 -10.15 -22.81
CA LYS B 611 8.16 -11.31 -21.93
C LYS B 611 8.72 -10.99 -20.55
N THR B 612 7.91 -11.17 -19.52
CA THR B 612 8.35 -11.00 -18.15
C THR B 612 8.22 -12.34 -17.41
N THR B 613 8.46 -12.30 -16.10
CA THR B 613 8.64 -13.54 -15.34
C THR B 613 7.34 -14.31 -15.18
N ASP B 614 6.35 -13.71 -14.51
CA ASP B 614 5.05 -14.33 -14.33
C ASP B 614 4.00 -13.70 -15.22
N ASP B 615 4.43 -12.86 -16.19
CA ASP B 615 3.57 -12.13 -17.12
C ASP B 615 2.55 -11.27 -16.39
N ILE B 616 2.98 -10.67 -15.28
CA ILE B 616 2.09 -9.84 -14.46
C ILE B 616 1.94 -8.46 -15.07
N THR B 617 3.06 -7.76 -15.28
CA THR B 617 3.04 -6.39 -15.77
C THR B 617 2.55 -6.33 -17.21
N THR B 618 2.20 -5.12 -17.64
CA THR B 618 1.51 -4.93 -18.91
C THR B 618 2.43 -5.26 -20.07
N LYS B 619 1.92 -6.04 -21.02
CA LYS B 619 2.69 -6.45 -22.18
C LYS B 619 2.93 -5.24 -23.07
N ALA B 620 4.19 -4.96 -23.34
CA ALA B 620 4.56 -3.88 -24.24
C ALA B 620 4.76 -4.46 -25.63
N ILE B 621 3.98 -3.98 -26.59
CA ILE B 621 4.23 -4.28 -27.99
C ILE B 621 5.46 -3.46 -28.37
N VAL B 622 6.61 -4.11 -28.38
CA VAL B 622 7.88 -3.48 -28.71
C VAL B 622 8.01 -3.49 -30.22
N MET B 623 8.10 -2.31 -30.82
CA MET B 623 8.11 -2.18 -32.27
C MET B 623 9.44 -1.57 -32.71
N GLU B 624 10.18 -2.31 -33.52
CA GLU B 624 11.36 -1.79 -34.18
C GLU B 624 10.92 -1.15 -35.49
N LEU B 625 11.21 0.15 -35.62
CA LEU B 625 10.79 0.97 -36.74
C LEU B 625 11.78 0.84 -37.89
N GLU B 626 11.39 1.39 -39.04
CA GLU B 626 12.18 1.21 -40.25
C GLU B 626 13.43 2.08 -40.29
N ASN B 627 13.53 3.10 -39.45
CA ASN B 627 14.71 3.93 -39.39
C ASN B 627 15.75 3.40 -38.42
N GLY B 628 15.49 2.26 -37.79
CA GLY B 628 16.39 1.66 -36.82
C GLY B 628 15.97 1.87 -35.39
N GLN B 629 15.09 2.84 -35.12
CA GLN B 629 14.66 3.10 -33.76
C GLN B 629 13.72 2.02 -33.27
N ILE B 630 13.76 1.77 -31.97
CA ILE B 630 12.88 0.80 -31.33
C ILE B 630 12.10 1.54 -30.26
N THR B 631 10.79 1.50 -30.37
CA THR B 631 9.91 2.02 -29.33
C THR B 631 9.08 0.88 -28.77
N TYR B 632 8.19 1.21 -27.85
CA TYR B 632 7.22 0.22 -27.39
C TYR B 632 5.95 0.96 -27.00
N ILE B 633 4.81 0.36 -27.33
CA ILE B 633 3.52 0.84 -26.88
C ILE B 633 2.99 -0.17 -25.87
N PRO B 634 2.62 0.25 -24.66
CA PRO B 634 1.99 -0.68 -23.73
C PRO B 634 0.60 -1.08 -24.22
N LYS B 635 0.16 -2.25 -23.76
CA LYS B 635 -1.15 -2.76 -24.17
C LYS B 635 -2.29 -1.96 -23.55
N LEU B 636 -2.03 -1.24 -22.45
CA LEU B 636 -3.04 -0.33 -21.91
C LEU B 636 -3.33 0.81 -22.87
N LEU B 637 -2.32 1.29 -23.58
CA LEU B 637 -2.51 2.39 -24.52
C LEU B 637 -3.18 1.94 -25.80
N LEU B 638 -3.14 0.65 -26.11
CA LEU B 638 -3.86 0.09 -27.25
C LEU B 638 -5.09 -0.63 -26.71
N ASN B 639 -6.14 0.15 -26.47
CA ASN B 639 -7.37 -0.34 -25.86
C ASN B 639 -8.38 -0.64 -26.97
N ALA B 640 -8.77 -1.91 -27.09
CA ALA B 640 -9.71 -2.29 -28.13
C ALA B 640 -11.15 -2.00 -27.74
N ARG B 641 -11.47 -2.04 -26.45
CA ARG B 641 -12.76 -1.56 -25.98
C ARG B 641 -12.67 -0.10 -25.55
N GLY B 642 -12.13 0.73 -26.44
CA GLY B 642 -11.88 2.12 -26.13
C GLY B 642 -13.02 2.99 -26.57
N LYS B 643 -13.56 3.69 -25.67
CA LYS B 643 -14.42 4.80 -26.02
C LYS B 643 -13.59 6.08 -26.00
N PRO B 644 -13.90 7.06 -26.87
CA PRO B 644 -13.14 8.31 -26.88
C PRO B 644 -13.35 9.13 -25.60
N ALA B 645 -12.50 10.14 -25.44
CA ALA B 645 -12.43 10.91 -24.21
C ALA B 645 -13.71 11.70 -23.91
N GLU B 646 -14.53 11.95 -24.93
CA GLU B 646 -15.89 12.42 -24.69
C GLU B 646 -16.71 11.35 -23.98
N GLU B 647 -16.82 10.16 -24.58
CA GLU B 647 -17.64 9.08 -24.06
C GLU B 647 -17.00 8.33 -22.91
N MET B 648 -15.73 8.59 -22.59
CA MET B 648 -15.08 7.83 -21.53
C MET B 648 -15.43 8.35 -20.15
N ALA B 649 -15.60 9.66 -20.00
CA ALA B 649 -15.87 10.23 -18.69
C ALA B 649 -17.33 10.12 -18.28
N LYS B 650 -18.24 10.07 -19.24
CA LYS B 650 -19.67 10.06 -18.91
C LYS B 650 -20.13 8.67 -18.48
N ASP B 651 -20.04 7.69 -19.37
CA ASP B 651 -20.52 6.36 -19.08
C ASP B 651 -19.53 5.61 -18.19
N LYS B 652 -20.03 4.97 -17.14
CA LYS B 652 -19.18 4.23 -16.23
C LYS B 652 -19.44 2.73 -16.44
N LYS B 653 -18.77 2.19 -17.46
CA LYS B 653 -18.65 0.76 -17.65
C LYS B 653 -17.19 0.37 -17.90
N LYS B 654 -16.29 1.34 -17.94
CA LYS B 654 -14.87 1.11 -18.12
C LYS B 654 -14.25 0.64 -16.82
N GLU B 655 -13.03 0.10 -16.92
CA GLU B 655 -12.32 -0.42 -15.77
C GLU B 655 -11.65 0.71 -15.00
N PHE B 656 -10.81 0.37 -14.03
CA PHE B 656 -10.14 1.37 -13.21
C PHE B 656 -8.99 1.99 -14.01
N MET B 657 -9.06 3.31 -14.20
CA MET B 657 -8.10 4.09 -15.00
C MET B 657 -7.95 3.53 -16.41
N ALA B 658 -9.08 3.17 -17.02
CA ALA B 658 -9.08 2.62 -18.37
C ALA B 658 -8.72 3.72 -19.36
N THR B 659 -7.77 3.43 -20.23
CA THR B 659 -7.34 4.42 -21.21
C THR B 659 -8.40 4.58 -22.29
N PRO B 660 -8.63 5.79 -22.77
CA PRO B 660 -9.60 6.01 -23.84
C PRO B 660 -9.06 5.54 -25.18
N TYR B 661 -9.91 5.64 -26.20
CA TYR B 661 -9.51 5.33 -27.57
C TYR B 661 -8.86 6.58 -28.15
N THR B 662 -7.53 6.59 -28.18
CA THR B 662 -6.76 7.62 -28.85
C THR B 662 -6.24 7.04 -30.15
N PRO B 663 -6.93 7.24 -31.29
CA PRO B 663 -6.50 6.62 -32.55
C PRO B 663 -5.48 7.45 -33.32
N VAL B 664 -4.48 7.97 -32.61
CA VAL B 664 -3.42 8.75 -33.22
C VAL B 664 -2.04 8.21 -32.85
N ILE B 665 -1.83 7.93 -31.57
CA ILE B 665 -0.59 7.40 -30.98
C ILE B 665 0.60 8.25 -31.38
N PRO B 666 0.81 9.42 -30.76
CA PRO B 666 2.02 10.18 -31.04
C PRO B 666 3.25 9.45 -30.53
N ILE B 667 4.36 9.61 -31.25
CA ILE B 667 5.57 8.85 -30.95
C ILE B 667 6.22 9.46 -29.71
N ASN B 668 6.10 8.75 -28.59
CA ASN B 668 6.65 9.22 -27.33
C ASN B 668 8.15 9.00 -27.34
N ASP B 669 8.92 10.08 -27.23
CA ASP B 669 10.36 9.99 -27.28
C ASP B 669 10.95 9.38 -26.00
N ASN B 670 10.18 9.36 -24.91
CA ASN B 670 10.63 8.65 -23.72
C ASN B 670 10.60 7.14 -23.93
N PHE B 671 9.76 6.66 -24.84
CA PHE B 671 9.63 5.24 -25.10
C PHE B 671 10.53 4.76 -26.22
N ILE B 672 11.21 5.65 -26.93
CA ILE B 672 12.25 5.25 -27.87
C ILE B 672 13.43 4.76 -27.04
N ILE B 673 13.62 3.43 -26.99
CA ILE B 673 14.66 2.86 -26.13
C ILE B 673 16.02 2.84 -26.81
N THR B 674 16.11 3.18 -28.09
CA THR B 674 17.38 3.44 -28.75
C THR B 674 17.61 4.95 -28.80
N HIS B 675 17.85 5.50 -27.62
CA HIS B 675 18.13 6.91 -27.40
C HIS B 675 19.42 7.36 -28.08
N PHE B 676 19.31 8.17 -29.13
CA PHE B 676 20.42 8.78 -29.87
C PHE B 676 21.38 7.76 -30.50
N ARG B 677 21.02 6.49 -30.55
CA ARG B 677 21.90 5.47 -31.11
C ARG B 677 21.62 5.29 -32.59
N ASN B 678 22.69 5.16 -33.37
CA ASN B 678 22.58 4.85 -34.79
C ASN B 678 22.48 3.33 -34.97
N LEU B 679 21.35 2.80 -34.50
CA LEU B 679 21.12 1.36 -34.58
C LEU B 679 20.66 1.00 -35.97
N LEU B 680 21.27 -0.03 -36.56
CA LEU B 680 20.94 -0.47 -37.90
C LEU B 680 20.72 -1.98 -37.88
N PRO B 681 19.49 -2.42 -37.64
CA PRO B 681 19.15 -3.82 -37.92
C PRO B 681 18.92 -4.01 -39.40
N GLY B 682 19.15 -5.23 -39.86
CA GLY B 682 19.10 -5.49 -41.29
C GLY B 682 17.69 -5.69 -41.82
N SER B 683 17.51 -6.73 -42.62
CA SER B 683 16.19 -7.09 -43.11
C SER B 683 15.65 -8.36 -42.45
N ASP B 684 16.51 -9.15 -41.81
CA ASP B 684 16.01 -10.30 -41.05
C ASP B 684 15.51 -9.83 -39.68
N SER B 685 16.45 -9.37 -38.85
CA SER B 685 16.23 -8.46 -37.71
C SER B 685 15.13 -8.92 -36.74
N GLN B 686 15.37 -10.04 -36.07
CA GLN B 686 14.40 -10.53 -35.11
C GLN B 686 14.50 -9.73 -33.81
N LEU B 687 13.37 -9.21 -33.38
CA LEU B 687 13.25 -8.45 -32.14
C LEU B 687 12.77 -9.41 -31.05
N ILE B 688 13.63 -9.71 -30.09
CA ILE B 688 13.34 -10.75 -29.11
C ILE B 688 13.27 -10.13 -27.73
N SER B 689 12.52 -10.80 -26.85
CA SER B 689 12.36 -10.37 -25.47
C SER B 689 12.73 -11.53 -24.56
N ILE B 690 13.37 -11.21 -23.45
CA ILE B 690 13.93 -12.19 -22.54
C ILE B 690 13.37 -11.90 -21.15
N PRO B 691 12.67 -12.85 -20.52
CA PRO B 691 12.19 -12.64 -19.16
C PRO B 691 13.31 -12.88 -18.15
N THR B 692 13.53 -11.91 -17.29
CA THR B 692 14.46 -12.03 -16.20
C THR B 692 13.71 -12.44 -14.94
N ASN B 693 14.36 -12.32 -13.79
CA ASN B 693 13.65 -12.15 -12.53
C ASN B 693 13.28 -10.67 -12.42
N LEU B 694 12.75 -10.25 -11.26
CA LEU B 694 12.38 -8.86 -10.99
C LEU B 694 11.36 -8.35 -12.02
N GLU B 695 10.14 -8.86 -11.85
CA GLU B 695 8.99 -8.86 -12.76
C GLU B 695 8.80 -7.63 -13.65
N SER B 696 9.09 -6.44 -13.12
CA SER B 696 8.81 -5.19 -13.83
C SER B 696 9.63 -5.02 -15.11
N THR B 697 10.81 -5.64 -15.20
CA THR B 697 11.72 -5.40 -16.30
C THR B 697 11.74 -6.59 -17.26
N SER B 698 12.16 -6.31 -18.49
CA SER B 698 12.32 -7.35 -19.51
C SER B 698 13.43 -6.93 -20.47
N ILE B 699 14.26 -7.89 -20.88
CA ILE B 699 15.37 -7.59 -21.78
C ILE B 699 14.86 -7.57 -23.20
N ILE B 700 15.09 -6.48 -23.92
CA ILE B 700 14.73 -6.35 -25.32
C ILE B 700 16.01 -6.37 -26.14
N CYS B 701 16.17 -7.38 -26.99
CA CYS B 701 17.30 -7.46 -27.89
C CYS B 701 16.82 -7.41 -29.33
N ASP B 702 17.71 -6.99 -30.21
CA ASP B 702 17.40 -6.68 -31.61
C ASP B 702 18.44 -7.27 -32.54
N LEU B 703 18.68 -8.57 -32.41
CA LEU B 703 19.67 -9.26 -33.22
C LEU B 703 19.34 -9.20 -34.71
N GLY B 704 20.38 -9.25 -35.53
CA GLY B 704 20.23 -9.44 -36.96
C GLY B 704 21.18 -8.68 -37.85
N LEU B 705 21.55 -7.45 -37.50
CA LEU B 705 22.80 -6.89 -38.02
C LEU B 705 23.64 -6.27 -36.92
N ASP B 706 23.01 -5.53 -36.00
CA ASP B 706 23.65 -5.04 -34.78
C ASP B 706 22.83 -5.58 -33.62
N VAL B 707 23.45 -6.37 -32.75
CA VAL B 707 22.76 -6.83 -31.55
C VAL B 707 22.71 -5.64 -30.59
N PHE B 708 21.52 -5.10 -30.40
CA PHE B 708 21.24 -4.09 -29.38
C PHE B 708 20.44 -4.79 -28.29
N CYS B 709 20.80 -4.52 -27.03
CA CYS B 709 19.99 -5.03 -25.94
C CYS B 709 19.81 -3.95 -24.89
N THR B 710 18.61 -3.90 -24.35
CA THR B 710 18.22 -2.94 -23.33
C THR B 710 17.31 -3.65 -22.35
N ARG B 711 16.86 -2.93 -21.34
CA ARG B 711 15.85 -3.43 -20.43
C ARG B 711 14.73 -2.41 -20.33
N ILE B 712 13.51 -2.85 -20.57
CA ILE B 712 12.36 -1.97 -20.52
C ILE B 712 11.48 -2.34 -19.34
N THR B 713 10.79 -1.32 -18.82
CA THR B 713 9.77 -1.49 -17.78
C THR B 713 8.49 -0.88 -18.33
N PRO B 714 7.54 -1.69 -18.80
CA PRO B 714 6.33 -1.11 -19.40
C PRO B 714 5.39 -0.47 -18.39
N SER B 715 5.28 -1.05 -17.20
CA SER B 715 4.44 -0.52 -16.14
C SER B 715 5.23 0.31 -15.13
N GLY B 716 6.45 0.71 -15.48
CA GLY B 716 7.36 1.33 -14.55
C GLY B 716 8.08 0.29 -13.72
N GLN B 717 9.22 0.71 -13.16
CA GLN B 717 10.02 -0.20 -12.34
C GLN B 717 9.43 -0.21 -10.94
N PHE B 718 8.47 -1.11 -10.72
CA PHE B 718 7.82 -1.21 -9.43
C PHE B 718 8.44 -2.28 -8.53
N ASP B 719 9.29 -3.13 -9.06
CA ASP B 719 9.92 -4.18 -8.27
C ASP B 719 11.27 -3.77 -7.71
N LEU B 720 11.79 -2.62 -8.10
CA LEU B 720 13.14 -2.23 -7.74
C LEU B 720 13.13 -0.77 -7.29
N MET B 721 14.02 -0.44 -6.36
CA MET B 721 14.15 0.92 -5.84
C MET B 721 14.83 1.78 -6.89
N SER B 722 14.30 2.98 -7.10
CA SER B 722 14.83 3.87 -8.13
C SER B 722 16.24 4.32 -7.78
N PRO B 723 17.09 4.55 -8.78
CA PRO B 723 18.42 5.10 -8.50
C PRO B 723 18.39 6.50 -7.92
N THR B 724 17.46 7.34 -8.38
CA THR B 724 17.24 8.66 -7.76
C THR B 724 16.09 8.59 -6.76
N PHE B 725 16.21 7.68 -5.80
CA PHE B 725 15.30 7.62 -4.68
C PHE B 725 15.82 8.53 -3.57
N GLU B 726 14.95 9.41 -3.09
CA GLU B 726 15.35 10.47 -2.17
C GLU B 726 15.55 9.88 -0.77
N LYS B 727 16.70 9.21 -0.58
CA LYS B 727 17.07 8.74 0.75
C LYS B 727 17.54 9.89 1.63
N GLY B 728 18.15 10.90 1.04
CA GLY B 728 18.67 12.02 1.82
C GLY B 728 17.55 12.85 2.43
N LYS B 729 16.53 13.18 1.64
CA LYS B 729 15.39 13.91 2.16
C LYS B 729 14.57 13.04 3.11
N LEU B 730 14.61 11.72 2.93
CA LEU B 730 13.96 10.78 3.84
C LEU B 730 14.60 10.84 5.22
N LEU B 731 15.93 10.71 5.28
CA LEU B 731 16.63 10.80 6.56
C LEU B 731 16.57 12.20 7.14
N ILE B 732 16.48 13.23 6.28
CA ILE B 732 16.35 14.60 6.76
C ILE B 732 14.99 14.79 7.44
N THR B 733 13.92 14.25 6.86
CA THR B 733 12.59 14.36 7.48
C THR B 733 12.50 13.55 8.77
N ILE B 734 13.14 12.38 8.81
CA ILE B 734 13.14 11.57 10.02
C ILE B 734 13.93 12.26 11.14
N PHE B 735 15.11 12.81 10.82
CA PHE B 735 15.89 13.53 11.82
C PHE B 735 15.23 14.84 12.24
N VAL B 736 14.50 15.48 11.34
CA VAL B 736 13.78 16.71 11.70
C VAL B 736 12.64 16.39 12.65
N LEU B 737 11.91 15.30 12.41
CA LEU B 737 10.85 14.90 13.34
C LEU B 737 11.41 14.48 14.70
N LEU B 738 12.55 13.79 14.70
CA LEU B 738 13.21 13.43 15.96
C LEU B 738 13.67 14.67 16.73
N VAL B 739 14.21 15.67 16.02
CA VAL B 739 14.70 16.87 16.67
C VAL B 739 13.55 17.71 17.21
N ILE B 740 12.45 17.79 16.46
CA ILE B 740 11.29 18.56 16.90
C ILE B 740 10.62 17.89 18.12
N THR B 741 10.56 16.55 18.13
CA THR B 741 10.02 15.85 19.30
C THR B 741 10.93 16.02 20.52
N TYR B 742 12.25 15.90 20.32
CA TYR B 742 13.18 16.03 21.44
C TYR B 742 13.24 17.44 21.99
N PHE B 743 12.95 18.44 21.16
CA PHE B 743 12.94 19.82 21.64
C PHE B 743 11.59 20.25 22.21
N ILE B 744 10.49 19.67 21.74
CA ILE B 744 9.17 20.05 22.25
C ILE B 744 8.75 19.18 23.44
N ARG B 745 9.45 18.08 23.71
CA ARG B 745 9.13 17.27 24.88
C ARG B 745 9.33 17.96 26.23
N PRO B 746 10.41 18.72 26.51
CA PRO B 746 10.45 19.45 27.80
C PRO B 746 9.42 20.56 27.91
N SER B 747 8.95 21.11 26.79
CA SER B 747 7.87 22.09 26.85
C SER B 747 6.57 21.46 27.31
N VAL B 748 6.29 20.22 26.87
CA VAL B 748 5.10 19.51 27.32
C VAL B 748 5.28 19.06 28.77
N SER B 749 6.47 18.60 29.13
CA SER B 749 6.75 18.20 30.50
C SER B 749 6.71 19.37 31.48
N ASN B 750 6.93 20.59 31.01
CA ASN B 750 6.76 21.78 31.82
C ASN B 750 5.32 22.29 31.84
N LYS B 751 4.60 22.14 30.73
CA LYS B 751 3.22 22.61 30.69
C LYS B 751 2.29 21.71 31.51
N LYS B 752 2.56 20.40 31.54
CA LYS B 752 1.78 19.52 32.41
C LYS B 752 2.05 19.79 33.87
N LEU B 753 3.30 20.15 34.20
CA LEU B 753 3.64 20.52 35.57
C LEU B 753 2.99 21.83 35.97
N LYS B 754 2.91 22.79 35.04
CA LYS B 754 2.20 24.04 35.30
C LYS B 754 0.70 23.80 35.45
N SER B 755 0.14 22.84 34.71
CA SER B 755 -1.25 22.48 34.90
C SER B 755 -1.48 21.80 36.25
N GLN B 756 -0.48 21.05 36.73
CA GLN B 756 -0.59 20.43 38.04
C GLN B 756 -0.47 21.44 39.18
N TRP B 757 0.31 22.50 38.98
CA TRP B 757 0.60 23.42 40.08
C TRP B 757 -0.21 24.72 40.02
N LEU B 758 -0.26 25.39 38.87
CA LEU B 758 -0.92 26.70 38.81
C LEU B 758 -2.43 26.55 38.91
N ILE B 759 -3.00 25.55 38.25
CA ILE B 759 -4.44 25.34 38.28
C ILE B 759 -4.82 24.54 39.52
N MET C 1 12.27 -4.40 45.03
CA MET C 1 11.20 -3.46 44.72
C MET C 1 10.73 -2.71 45.96
N LEU C 2 11.64 -2.51 46.92
CA LEU C 2 11.33 -1.71 48.09
C LEU C 2 11.24 -0.23 47.74
N LYS C 3 11.92 0.20 46.68
CA LYS C 3 11.86 1.60 46.26
C LYS C 3 10.47 1.96 45.76
N ASP C 4 9.79 1.03 45.09
CA ASP C 4 8.42 1.29 44.64
C ASP C 4 7.45 1.33 45.81
N LEU C 5 7.70 0.51 46.85
CA LEU C 5 6.84 0.54 48.03
C LEU C 5 7.02 1.83 48.81
N VAL C 6 8.27 2.31 48.94
CA VAL C 6 8.52 3.59 49.58
C VAL C 6 7.96 4.74 48.74
N ARG C 7 8.00 4.62 47.42
CA ARG C 7 7.43 5.64 46.54
C ARG C 7 5.92 5.72 46.70
N GLU C 8 5.23 4.57 46.72
CA GLU C 8 3.78 4.60 46.87
C GLU C 8 3.37 5.00 48.28
N LYS C 9 4.18 4.67 49.29
CA LYS C 9 3.93 5.15 50.65
C LYS C 9 4.05 6.67 50.74
N LEU C 10 5.11 7.23 50.15
CA LEU C 10 5.29 8.68 50.17
C LEU C 10 4.24 9.40 49.34
N LEU C 11 3.78 8.78 48.24
CA LEU C 11 2.71 9.40 47.46
C LEU C 11 1.37 9.33 48.17
N THR C 12 1.13 8.29 48.96
CA THR C 12 -0.11 8.27 49.75
C THR C 12 -0.04 9.22 50.93
N ILE C 13 1.13 9.45 51.51
CA ILE C 13 1.23 10.46 52.56
C ILE C 13 1.14 11.85 51.95
N MET C 14 1.59 12.03 50.70
CA MET C 14 1.48 13.33 50.04
C MET C 14 0.04 13.63 49.66
N ASN C 15 -0.63 12.68 49.00
CA ASN C 15 -1.96 12.94 48.45
C ASN C 15 -3.00 13.05 49.55
N THR C 16 -2.96 12.17 50.53
CA THR C 16 -3.90 12.22 51.64
C THR C 16 -3.49 13.17 52.74
N LYS C 17 -2.30 13.78 52.62
CA LYS C 17 -1.78 14.79 53.56
C LYS C 17 -1.73 14.27 55.01
N ALA C 18 -1.20 13.05 55.16
CA ALA C 18 -1.13 12.44 56.47
C ALA C 18 -0.06 13.06 57.35
N TYR C 19 0.93 13.74 56.74
CA TYR C 19 2.00 14.41 57.50
C TYR C 19 1.47 15.57 58.33
N THR C 20 0.29 16.08 58.02
CA THR C 20 -0.40 17.03 58.88
C THR C 20 -0.68 16.44 60.26
N GLN C 21 -1.01 15.15 60.32
CA GLN C 21 -1.41 14.51 61.56
C GLN C 21 -0.31 13.64 62.16
N PHE C 22 0.94 13.86 61.78
CA PHE C 22 2.02 12.99 62.19
C PHE C 22 2.65 13.45 63.49
N ASN C 23 3.17 12.49 64.25
CA ASN C 23 3.94 12.77 65.45
C ASN C 23 5.30 13.35 65.07
N PRO C 24 5.99 14.02 66.01
CA PRO C 24 7.38 14.43 65.73
C PRO C 24 8.32 13.27 65.48
N GLU C 25 8.11 12.12 66.12
CA GLU C 25 8.89 10.94 65.78
C GLU C 25 8.53 10.43 64.39
N GLN C 26 7.24 10.45 64.06
CA GLN C 26 6.80 10.07 62.73
C GLN C 26 7.24 11.09 61.68
N LEU C 27 7.30 12.37 62.04
CA LEU C 27 7.82 13.37 61.11
C LEU C 27 9.32 13.22 60.93
N LEU C 28 10.05 12.81 61.97
CA LEU C 28 11.49 12.57 61.84
C LEU C 28 11.76 11.38 60.93
N GLN C 29 11.03 10.27 61.16
CA GLN C 29 11.15 9.10 60.29
C GLN C 29 10.71 9.41 58.87
N LEU C 30 9.71 10.27 58.71
CA LEU C 30 9.24 10.66 57.39
C LEU C 30 10.27 11.52 56.65
N GLU C 31 10.90 12.45 57.36
CA GLU C 31 11.94 13.28 56.75
C GLU C 31 13.16 12.44 56.37
N ASN C 32 13.52 11.47 57.22
CA ASN C 32 14.65 10.59 56.91
C ASN C 32 14.35 9.71 55.69
N GLU C 33 13.18 9.08 55.66
CA GLU C 33 12.80 8.25 54.52
C GLU C 33 12.63 9.07 53.25
N MET C 34 12.13 10.29 53.37
CA MET C 34 11.90 11.14 52.21
C MET C 34 13.22 11.65 51.64
N LYS C 35 14.18 12.00 52.49
CA LYS C 35 15.48 12.44 51.97
C LYS C 35 16.32 11.27 51.49
N ILE C 36 16.09 10.06 52.02
CA ILE C 36 16.76 8.89 51.47
C ILE C 36 16.19 8.54 50.10
N TYR C 37 14.86 8.62 49.94
CA TYR C 37 14.25 8.27 48.67
C TYR C 37 14.51 9.31 47.59
N MET C 38 14.41 10.60 47.94
CA MET C 38 14.52 11.65 46.93
C MET C 38 15.95 11.93 46.52
N LYS C 39 16.94 11.36 47.21
CA LYS C 39 18.35 11.40 46.81
C LYS C 39 18.78 10.08 46.20
N SER C 40 17.92 9.48 45.38
CA SER C 40 18.12 8.12 44.90
C SER C 40 17.60 8.06 43.47
N GLY C 41 17.34 6.84 43.00
CA GLY C 41 17.06 6.47 41.61
C GLY C 41 16.19 7.36 40.73
N ASP C 42 14.95 7.62 41.17
CA ASP C 42 13.99 8.48 40.48
C ASP C 42 13.72 8.00 39.05
N SER C 43 13.14 6.80 38.96
CA SER C 43 12.82 6.19 37.67
C SER C 43 11.32 6.15 37.41
N ALA C 44 10.55 5.55 38.31
CA ALA C 44 9.10 5.52 38.17
C ALA C 44 8.43 6.76 38.74
N LEU C 45 9.13 7.52 39.57
CA LEU C 45 8.60 8.77 40.10
C LEU C 45 8.57 9.82 39.01
N THR C 46 7.39 10.33 38.70
CA THR C 46 7.24 11.33 37.65
C THR C 46 7.73 12.69 38.16
N GLU C 47 7.67 13.69 37.27
CA GLU C 47 8.15 15.01 37.62
C GLU C 47 7.19 15.73 38.55
N GLY C 48 5.88 15.66 38.24
CA GLY C 48 4.89 16.29 39.10
C GLY C 48 4.81 15.65 40.47
N ASN C 49 4.93 14.31 40.52
CA ASN C 49 5.01 13.62 41.80
C ASN C 49 6.28 13.98 42.56
N TYR C 50 7.38 14.24 41.84
CA TYR C 50 8.61 14.65 42.51
C TYR C 50 8.47 16.03 43.15
N PHE C 51 7.84 16.98 42.44
CA PHE C 51 7.71 18.30 43.04
C PHE C 51 6.62 18.34 44.09
N PHE C 52 5.62 17.46 44.01
CA PHE C 52 4.66 17.32 45.09
C PHE C 52 5.31 16.72 46.33
N LEU C 53 6.18 15.72 46.15
CA LEU C 53 6.93 15.19 47.28
C LEU C 53 7.92 16.20 47.85
N MET C 54 8.42 17.10 47.00
CA MET C 54 9.31 18.14 47.51
C MET C 54 8.53 19.21 48.28
N GLU C 55 7.29 19.50 47.89
CA GLU C 55 6.43 20.37 48.68
C GLU C 55 6.10 19.73 50.04
N MET C 56 5.82 18.43 50.03
CA MET C 56 5.60 17.69 51.28
C MET C 56 6.85 17.67 52.15
N LEU C 57 8.03 17.56 51.52
CA LEU C 57 9.29 17.64 52.25
C LEU C 57 9.50 19.02 52.84
N PHE C 58 9.11 20.07 52.12
CA PHE C 58 9.15 21.43 52.65
C PHE C 58 8.29 21.57 53.90
N TYR C 59 7.08 21.02 53.87
CA TYR C 59 6.22 21.15 55.04
C TYR C 59 6.69 20.29 56.20
N VAL C 60 7.33 19.15 55.93
CA VAL C 60 7.90 18.34 57.00
C VAL C 60 9.10 19.04 57.62
N LEU C 61 9.93 19.69 56.81
CA LEU C 61 11.06 20.46 57.33
C LEU C 61 10.60 21.71 58.06
N VAL C 62 9.49 22.31 57.66
CA VAL C 62 8.94 23.45 58.38
C VAL C 62 8.39 23.02 59.73
N TYR C 63 7.68 21.89 59.77
CA TYR C 63 7.11 21.40 61.04
C TYR C 63 8.20 20.95 62.02
N ARG C 64 9.35 20.52 61.51
CA ARG C 64 10.43 20.00 62.34
C ARG C 64 11.49 21.05 62.66
N ASN C 65 11.14 22.34 62.54
CA ASN C 65 12.00 23.50 62.84
C ASN C 65 13.27 23.54 61.99
N GLN C 66 13.27 22.88 60.83
CA GLN C 66 14.41 22.93 59.92
C GLN C 66 14.14 23.97 58.83
N ASP C 67 14.14 25.23 59.25
CA ASP C 67 13.75 26.31 58.37
C ASP C 67 14.81 26.64 57.31
N VAL C 68 16.08 26.32 57.56
CA VAL C 68 17.11 26.57 56.56
C VAL C 68 17.02 25.57 55.41
N ASP C 69 16.86 24.28 55.74
CA ASP C 69 16.64 23.27 54.70
C ASP C 69 15.31 23.47 54.00
N ALA C 70 14.30 23.97 54.72
CA ALA C 70 13.03 24.31 54.09
C ALA C 70 13.19 25.50 53.14
N GLN C 71 14.05 26.46 53.49
CA GLN C 71 14.33 27.57 52.58
C GLN C 71 15.07 27.09 51.34
N VAL C 72 15.95 26.09 51.49
CA VAL C 72 16.63 25.49 50.35
C VAL C 72 15.63 24.78 49.44
N VAL C 73 14.68 24.04 50.03
CA VAL C 73 13.67 23.31 49.25
C VAL C 73 12.75 24.29 48.53
N TYR C 74 12.33 25.36 49.21
CA TYR C 74 11.52 26.39 48.56
C TYR C 74 12.30 27.11 47.46
N ASN C 75 13.61 27.28 47.63
CA ASN C 75 14.41 27.90 46.58
C ASN C 75 14.51 27.01 45.35
N THR C 76 14.61 25.69 45.54
CA THR C 76 14.61 24.77 44.40
C THR C 76 13.27 24.77 43.69
N LEU C 77 12.17 24.78 44.46
CA LEU C 77 10.84 24.79 43.84
C LEU C 77 10.53 26.13 43.17
N ARG C 78 11.10 27.23 43.68
CA ARG C 78 10.96 28.52 43.01
C ARG C 78 11.81 28.58 41.75
N ASP C 79 12.99 27.95 41.77
CA ASP C 79 13.82 27.87 40.58
C ASP C 79 13.18 27.02 39.49
N ARG C 80 12.32 26.08 39.87
CA ARG C 80 11.57 25.36 38.84
C ARG C 80 10.26 26.07 38.46
N LEU C 81 9.46 26.46 39.45
CA LEU C 81 8.10 26.91 39.21
C LEU C 81 7.89 28.40 39.42
N GLY C 82 8.52 29.00 40.42
CA GLY C 82 8.30 30.40 40.72
C GLY C 82 7.09 30.61 41.61
N GLU C 83 6.96 31.85 42.09
CA GLU C 83 5.91 32.20 43.04
C GLU C 83 4.60 32.58 42.34
N ASN C 84 4.11 31.71 41.45
CA ASN C 84 2.90 31.98 40.70
C ASN C 84 1.77 31.03 41.00
N SER C 85 2.06 29.77 41.34
CA SER C 85 1.01 28.83 41.71
C SER C 85 0.49 29.15 43.11
N TYR C 86 -0.62 28.51 43.47
CA TYR C 86 -1.16 28.72 44.80
C TYR C 86 -0.32 28.02 45.85
N LYS C 87 0.24 26.85 45.53
CA LYS C 87 1.04 26.10 46.49
C LYS C 87 2.32 26.82 46.85
N MET C 88 2.97 27.45 45.87
CA MET C 88 4.15 28.25 46.14
C MET C 88 3.81 29.51 46.94
N VAL C 89 2.60 30.03 46.77
CA VAL C 89 2.13 31.15 47.59
C VAL C 89 1.96 30.72 49.04
N ILE C 90 1.38 29.53 49.26
CA ILE C 90 1.23 29.02 50.64
C ILE C 90 2.59 28.71 51.25
N MET C 91 3.55 28.26 50.45
CA MET C 91 4.89 27.98 50.96
C MET C 91 5.63 29.28 51.30
N LYS C 92 5.45 30.32 50.49
CA LYS C 92 6.00 31.63 50.81
C LYS C 92 5.35 32.22 52.06
N ALA C 93 4.06 31.96 52.24
CA ALA C 93 3.36 32.44 53.43
C ALA C 93 3.84 31.72 54.68
N THR C 94 4.13 30.42 54.58
CA THR C 94 4.68 29.70 55.73
C THR C 94 6.10 30.15 56.05
N LEU C 95 6.90 30.44 55.02
CA LEU C 95 8.25 30.95 55.25
C LEU C 95 8.25 32.35 55.84
N LEU C 96 7.27 33.17 55.46
CA LEU C 96 7.08 34.45 56.13
C LEU C 96 6.60 34.24 57.56
N GLN C 97 5.79 33.21 57.79
CA GLN C 97 5.18 33.00 59.10
C GLN C 97 6.17 32.48 60.12
N ILE C 98 7.13 31.65 59.70
CA ILE C 98 8.06 31.07 60.67
C ILE C 98 9.26 31.96 60.94
N ASN C 99 9.55 32.92 60.07
CA ASN C 99 10.62 33.90 60.29
C ASN C 99 10.07 35.18 60.92
N GLY C 100 9.36 35.07 62.03
CA GLY C 100 8.63 36.21 62.54
C GLY C 100 7.46 36.53 61.62
N ASN C 101 7.29 37.84 61.34
CA ASN C 101 6.60 38.38 60.15
C ASN C 101 5.21 37.80 59.91
N ASP C 102 4.46 37.58 60.99
CA ASP C 102 3.10 37.06 60.85
C ASP C 102 2.19 38.10 60.22
N LYS C 103 2.31 39.35 60.63
CA LYS C 103 1.56 40.43 59.99
C LYS C 103 2.01 40.66 58.57
N GLY C 104 3.28 40.38 58.25
CA GLY C 104 3.73 40.45 56.87
C GLY C 104 3.10 39.38 56.00
N ALA C 105 2.91 38.17 56.55
CA ALA C 105 2.23 37.11 55.81
C ALA C 105 0.75 37.43 55.65
N ILE C 106 0.14 38.04 56.66
CA ILE C 106 -1.25 38.48 56.56
C ILE C 106 -1.40 39.56 55.48
N GLU C 107 -0.46 40.52 55.44
CA GLU C 107 -0.48 41.57 54.43
C GLU C 107 -0.28 40.99 53.03
N TYR C 108 0.63 40.02 52.90
CA TYR C 108 0.90 39.40 51.60
C TYR C 108 -0.32 38.64 51.09
N LEU C 109 -0.95 37.84 51.95
CA LEU C 109 -2.11 37.07 51.52
C LEU C 109 -3.33 37.96 51.28
N GLU C 110 -3.50 39.02 52.07
CA GLU C 110 -4.64 39.91 51.87
C GLU C 110 -4.49 40.74 50.60
N ASN C 111 -3.29 41.24 50.32
CA ASN C 111 -3.07 41.97 49.08
C ASN C 111 -3.14 41.07 47.87
N LEU C 112 -2.74 39.80 48.02
CA LEU C 112 -2.90 38.86 46.91
C LEU C 112 -4.36 38.51 46.67
N LEU C 113 -5.15 38.40 47.74
CA LEU C 113 -6.59 38.17 47.56
C LEU C 113 -7.29 39.39 47.00
N ASN C 114 -6.78 40.59 47.28
CA ASN C 114 -7.27 41.78 46.58
C ASN C 114 -6.85 41.78 45.12
N ASP C 115 -5.73 41.12 44.79
CA ASP C 115 -5.42 40.81 43.40
C ASP C 115 -6.21 39.60 42.91
N ASP C 116 -6.55 38.66 43.79
CA ASP C 116 -7.28 37.45 43.44
C ASP C 116 -8.79 37.60 43.60
N LEU C 117 -9.34 38.78 43.40
CA LEU C 117 -10.79 38.95 43.37
C LEU C 117 -11.32 39.15 41.95
N GLU C 118 -10.74 40.08 41.21
CA GLU C 118 -11.15 40.37 39.84
C GLU C 118 -10.15 39.73 38.88
N TYR C 119 -10.69 39.08 37.83
CA TYR C 119 -9.92 38.43 36.76
C TYR C 119 -9.00 37.34 37.32
N GLU C 120 -9.51 36.61 38.30
CA GLU C 120 -8.77 35.59 39.02
C GLU C 120 -8.56 34.34 38.15
N THR C 121 -7.71 33.45 38.64
CA THR C 121 -7.61 32.06 38.18
C THR C 121 -8.71 31.22 38.82
N ASP C 122 -8.55 29.90 38.80
CA ASP C 122 -9.56 28.96 39.24
C ASP C 122 -9.88 29.09 40.73
N PHE C 123 -10.88 28.33 41.18
CA PHE C 123 -11.41 28.49 42.52
C PHE C 123 -10.49 27.88 43.58
N VAL C 124 -9.68 26.90 43.18
CA VAL C 124 -8.79 26.21 44.12
C VAL C 124 -7.73 27.18 44.66
N THR C 125 -7.24 28.08 43.80
CA THR C 125 -6.23 29.06 44.19
C THR C 125 -6.78 30.02 45.23
N TYR C 126 -7.96 30.60 44.97
CA TYR C 126 -8.57 31.54 45.91
C TYR C 126 -8.93 30.87 47.22
N VAL C 127 -9.50 29.66 47.15
CA VAL C 127 -9.94 29.03 48.39
C VAL C 127 -8.74 28.54 49.21
N SER C 128 -7.63 28.18 48.56
CA SER C 128 -6.47 27.72 49.30
C SER C 128 -5.72 28.88 49.94
N ILE C 129 -5.57 30.00 49.22
CA ILE C 129 -4.92 31.17 49.80
C ILE C 129 -5.78 31.77 50.91
N ALA C 130 -7.11 31.70 50.77
CA ALA C 130 -7.97 32.23 51.81
C ALA C 130 -8.02 31.31 53.03
N LYS C 131 -7.93 29.99 52.84
CA LYS C 131 -7.85 29.08 53.98
C LYS C 131 -6.53 29.24 54.73
N LYS C 132 -5.44 29.47 53.99
CA LYS C 132 -4.18 29.78 54.65
C LYS C 132 -4.22 31.11 55.38
N LEU C 133 -4.95 32.09 54.83
CA LEU C 133 -5.12 33.37 55.52
C LEU C 133 -5.91 33.19 56.81
N ILE C 134 -6.93 32.32 56.81
CA ILE C 134 -7.67 32.00 58.02
C ILE C 134 -6.77 31.32 59.04
N ALA C 135 -5.88 30.42 58.57
CA ALA C 135 -4.96 29.73 59.47
C ALA C 135 -3.95 30.69 60.10
N ILE C 136 -3.43 31.64 59.32
CA ILE C 136 -2.46 32.60 59.85
C ILE C 136 -3.15 33.59 60.80
N LYS C 137 -4.39 33.98 60.48
CA LYS C 137 -5.16 34.82 61.41
C LYS C 137 -5.52 34.08 62.68
N THR C 138 -5.66 32.76 62.62
CA THR C 138 -5.91 31.98 63.83
C THR C 138 -4.64 31.89 64.69
N THR C 139 -3.48 31.70 64.05
CA THR C 139 -2.25 31.53 64.83
C THR C 139 -1.76 32.86 65.40
N SER C 140 -1.72 33.90 64.57
CA SER C 140 -1.09 35.16 64.97
C SER C 140 -1.95 35.96 65.92
N LYS C 141 -3.21 36.19 65.56
CA LYS C 141 -4.09 37.05 66.34
C LYS C 141 -4.63 36.38 67.61
N ASN C 142 -4.37 35.08 67.78
CA ASN C 142 -4.91 34.26 68.87
C ASN C 142 -6.43 34.36 68.94
N LEU C 143 -7.06 34.05 67.82
CA LEU C 143 -8.50 34.20 67.69
C LEU C 143 -9.23 33.13 68.49
N SER C 144 -10.38 33.51 69.03
CA SER C 144 -11.28 32.54 69.64
C SER C 144 -11.98 31.75 68.55
N GLN C 145 -12.59 30.62 68.95
CA GLN C 145 -13.23 29.72 67.99
C GLN C 145 -14.48 30.33 67.35
N GLU C 146 -15.10 31.32 68.01
CA GLU C 146 -16.22 32.03 67.39
C GLU C 146 -15.75 32.86 66.20
N SER C 147 -14.60 33.51 66.30
CA SER C 147 -14.10 34.34 65.21
C SER C 147 -13.55 33.49 64.07
N VAL C 148 -12.91 32.36 64.39
CA VAL C 148 -12.48 31.41 63.36
C VAL C 148 -13.70 30.83 62.66
N LEU C 149 -14.76 30.55 63.41
CA LEU C 149 -16.01 30.09 62.81
C LEU C 149 -16.65 31.16 61.94
N LYS C 150 -16.52 32.43 62.33
CA LYS C 150 -17.05 33.52 61.51
C LYS C 150 -16.28 33.64 60.20
N GLU C 151 -14.97 33.48 60.23
CA GLU C 151 -14.17 33.53 59.01
C GLU C 151 -14.44 32.32 58.11
N VAL C 152 -14.61 31.13 58.70
CA VAL C 152 -14.90 29.95 57.88
C VAL C 152 -16.32 30.01 57.32
N VAL C 153 -17.28 30.55 58.09
CA VAL C 153 -18.63 30.72 57.60
C VAL C 153 -18.69 31.78 56.50
N ALA C 154 -17.87 32.83 56.60
CA ALA C 154 -17.77 33.80 55.52
C ALA C 154 -17.09 33.20 54.29
N LEU C 155 -16.17 32.25 54.47
CA LEU C 155 -15.57 31.56 53.34
C LEU C 155 -16.42 30.40 52.83
N THR C 156 -17.53 30.08 53.48
CA THR C 156 -18.49 29.14 52.91
C THR C 156 -19.73 29.82 52.35
N ASP C 157 -20.02 31.06 52.77
CA ASP C 157 -21.12 31.85 52.19
C ASP C 157 -20.83 32.12 50.72
N LYS C 158 -19.80 32.89 50.44
CA LYS C 158 -19.15 32.83 49.15
C LYS C 158 -18.28 31.58 49.12
N PHE C 159 -18.06 31.05 47.92
CA PHE C 159 -17.31 29.82 47.66
C PHE C 159 -17.77 28.61 48.47
N PRO C 160 -18.95 28.03 48.19
CA PRO C 160 -19.27 26.71 48.76
C PRO C 160 -18.62 25.60 47.98
N LEU C 161 -18.98 24.35 48.28
CA LEU C 161 -18.46 23.13 47.64
C LEU C 161 -16.96 22.97 47.83
N ASP C 162 -16.43 23.52 48.92
CA ASP C 162 -15.08 23.23 49.37
C ASP C 162 -15.25 22.45 50.67
N ALA C 163 -15.13 21.12 50.58
CA ALA C 163 -15.44 20.25 51.71
C ALA C 163 -14.44 20.38 52.85
N GLU C 164 -13.25 20.92 52.58
CA GLU C 164 -12.29 21.22 53.63
C GLU C 164 -12.83 22.27 54.59
N LEU C 165 -13.50 23.29 54.05
CA LEU C 165 -14.06 24.35 54.88
C LEU C 165 -15.21 23.85 55.74
N TRP C 166 -16.12 23.07 55.15
CA TRP C 166 -17.22 22.50 55.92
C TRP C 166 -16.74 21.48 56.94
N TRP C 167 -15.65 20.76 56.63
CA TRP C 167 -15.09 19.84 57.62
C TRP C 167 -14.47 20.59 58.78
N TYR C 168 -13.76 21.69 58.51
CA TYR C 168 -13.18 22.46 59.60
C TYR C 168 -14.26 23.12 60.44
N ALA C 169 -15.35 23.56 59.80
CA ALA C 169 -16.50 24.10 60.52
C ALA C 169 -17.12 23.04 61.42
N SER C 170 -17.29 21.82 60.90
CA SER C 170 -17.83 20.72 61.71
C SER C 170 -16.87 20.33 62.83
N GLU C 171 -15.57 20.47 62.61
CA GLU C 171 -14.59 20.19 63.68
C GLU C 171 -14.73 21.19 64.82
N ILE C 172 -14.87 22.48 64.49
CA ILE C 172 -15.02 23.48 65.56
C ILE C 172 -16.39 23.35 66.23
N TYR C 173 -17.43 22.99 65.46
CA TYR C 173 -18.75 22.78 66.06
C TYR C 173 -18.78 21.54 66.95
N PHE C 174 -17.99 20.52 66.62
CA PHE C 174 -17.90 19.34 67.47
C PHE C 174 -17.02 19.60 68.69
N GLU C 175 -16.07 20.54 68.59
CA GLU C 175 -15.32 20.92 69.78
C GLU C 175 -16.21 21.66 70.78
N MET C 176 -17.24 22.35 70.29
CA MET C 176 -18.31 22.87 71.12
C MET C 176 -19.38 21.79 71.28
N GLY C 177 -20.47 22.11 71.94
CA GLY C 177 -21.60 21.20 71.98
C GLY C 177 -22.59 21.41 70.86
N GLN C 178 -22.21 22.12 69.80
CA GLN C 178 -23.10 22.42 68.68
C GLN C 178 -23.09 21.24 67.72
N PHE C 179 -23.82 20.20 68.09
CA PHE C 179 -23.80 18.97 67.31
C PHE C 179 -24.69 19.06 66.07
N GLU C 180 -25.75 19.87 66.10
CA GLU C 180 -26.63 19.97 64.94
C GLU C 180 -25.96 20.73 63.79
N LYS C 181 -25.23 21.80 64.12
CA LYS C 181 -24.48 22.52 63.09
C LYS C 181 -23.34 21.67 62.54
N ALA C 182 -22.71 20.87 63.40
CA ALA C 182 -21.68 19.93 62.96
C ALA C 182 -22.26 18.89 62.02
N CYS C 183 -23.45 18.37 62.34
CA CYS C 183 -24.09 17.39 61.47
C CYS C 183 -24.53 18.02 60.15
N TYR C 184 -24.93 19.28 60.16
CA TYR C 184 -25.26 19.98 58.91
C TYR C 184 -24.03 20.14 58.03
N CYS C 185 -22.90 20.53 58.62
CA CYS C 185 -21.66 20.66 57.86
C CYS C 185 -21.18 19.30 57.32
N LEU C 186 -21.34 18.24 58.11
CA LEU C 186 -20.92 16.91 57.65
C LEU C 186 -21.84 16.40 56.54
N GLU C 187 -23.14 16.68 56.62
CA GLU C 187 -24.03 16.34 55.53
C GLU C 187 -23.73 17.16 54.27
N GLN C 188 -23.20 18.37 54.44
CA GLN C 188 -22.75 19.13 53.27
C GLN C 188 -21.50 18.50 52.65
N VAL C 189 -20.57 18.00 53.49
CA VAL C 189 -19.41 17.28 52.96
C VAL C 189 -19.84 16.02 52.23
N LEU C 190 -20.89 15.36 52.74
CA LEU C 190 -21.46 14.21 52.04
C LEU C 190 -22.10 14.59 50.72
N CYS C 191 -22.66 15.80 50.63
CA CYS C 191 -23.14 16.28 49.34
C CYS C 191 -21.99 16.53 48.38
N ILE C 192 -20.87 17.05 48.87
CA ILE C 192 -19.73 17.36 48.01
C ILE C 192 -19.02 16.08 47.59
N THR C 193 -18.50 15.33 48.56
CA THR C 193 -17.85 14.06 48.30
C THR C 193 -18.79 12.94 48.72
N PRO C 194 -19.47 12.27 47.78
CA PRO C 194 -20.53 11.32 48.17
C PRO C 194 -20.01 10.02 48.77
N PHE C 195 -18.82 9.59 48.42
CA PHE C 195 -18.27 8.32 48.87
C PHE C 195 -17.31 8.47 50.03
N ASN C 196 -17.37 9.60 50.73
CA ASN C 196 -16.51 9.89 51.87
C ASN C 196 -17.04 9.08 53.05
N TYR C 197 -16.52 7.85 53.19
CA TYR C 197 -16.99 6.99 54.28
C TYR C 197 -16.47 7.46 55.63
N ALA C 198 -15.35 8.19 55.64
CA ALA C 198 -14.90 8.83 56.87
C ALA C 198 -15.86 9.93 57.30
N CYS C 199 -16.50 10.59 56.34
CA CYS C 199 -17.50 11.58 56.69
C CYS C 199 -18.79 10.95 57.20
N PHE C 200 -19.16 9.78 56.67
CA PHE C 200 -20.29 9.04 57.22
C PHE C 200 -19.99 8.57 58.63
N GLY C 201 -18.76 8.14 58.89
CA GLY C 201 -18.38 7.75 60.23
C GLY C 201 -18.35 8.93 61.20
N ARG C 202 -17.90 10.09 60.73
CA ARG C 202 -17.91 11.27 61.58
C ARG C 202 -19.33 11.76 61.85
N LEU C 203 -20.22 11.66 60.85
CA LEU C 203 -21.61 12.03 61.06
C LEU C 203 -22.29 11.08 62.03
N SER C 204 -21.98 9.78 61.94
CA SER C 204 -22.48 8.82 62.90
C SER C 204 -21.94 9.08 64.30
N GLU C 205 -20.68 9.51 64.39
CA GLU C 205 -20.11 9.83 65.70
C GLU C 205 -20.75 11.08 66.30
N THR C 206 -21.02 12.10 65.48
CA THR C 206 -21.66 13.30 66.00
C THR C 206 -23.11 13.03 66.41
N LEU C 207 -23.82 12.20 65.65
CA LEU C 207 -25.19 11.85 66.04
C LEU C 207 -25.21 10.97 67.28
N TYR C 208 -24.20 10.11 67.47
CA TYR C 208 -24.10 9.32 68.68
C TYR C 208 -23.78 10.18 69.90
N TYR C 209 -22.91 11.18 69.72
CA TYR C 209 -22.61 12.11 70.80
C TYR C 209 -23.83 12.96 71.15
N GLU C 210 -24.60 13.38 70.14
CA GLU C 210 -25.81 14.16 70.40
C GLU C 210 -26.88 13.31 71.07
N ALA C 211 -26.95 12.02 70.71
CA ALA C 211 -27.91 11.12 71.32
C ALA C 211 -27.56 10.84 72.78
N LEU C 212 -26.27 10.65 73.09
CA LEU C 212 -25.89 10.43 74.48
C LEU C 212 -25.99 11.71 75.29
N ARG C 213 -25.78 12.87 74.67
CA ARG C 213 -25.90 14.14 75.37
C ARG C 213 -27.35 14.54 75.59
N SER C 214 -28.27 14.03 74.76
CA SER C 214 -29.68 14.38 74.92
C SER C 214 -30.29 13.71 76.15
N LYS C 215 -30.19 12.38 76.21
CA LYS C 215 -30.71 11.53 77.31
C LYS C 215 -32.21 11.74 77.50
N LYS C 216 -32.96 11.35 76.47
CA LYS C 216 -34.40 11.58 76.42
C LYS C 216 -35.01 10.56 75.47
N GLN C 217 -36.25 10.79 75.04
CA GLN C 217 -36.86 9.94 74.03
C GLN C 217 -36.24 10.17 72.65
N THR C 218 -35.66 11.35 72.42
CA THR C 218 -34.96 11.63 71.17
C THR C 218 -33.59 10.95 71.08
N LYS C 219 -33.13 10.32 72.17
CA LYS C 219 -31.86 9.61 72.14
C LYS C 219 -31.91 8.43 71.19
N THR C 220 -32.98 7.62 71.25
CA THR C 220 -33.11 6.51 70.32
C THR C 220 -33.40 6.99 68.90
N GLU C 221 -34.11 8.12 68.76
CA GLU C 221 -34.38 8.67 67.44
C GLU C 221 -33.11 9.18 66.76
N LEU C 222 -32.15 9.68 67.54
CA LEU C 222 -30.86 10.07 66.99
C LEU C 222 -29.92 8.88 66.82
N LEU C 223 -30.04 7.86 67.68
CA LEU C 223 -29.25 6.65 67.52
C LEU C 223 -29.66 5.85 66.29
N GLU C 224 -30.93 5.97 65.86
CA GLU C 224 -31.34 5.39 64.58
C GLU C 224 -30.57 6.01 63.43
N LYS C 225 -30.48 7.34 63.40
CA LYS C 225 -29.74 8.03 62.35
C LYS C 225 -28.25 7.75 62.44
N ALA C 226 -27.73 7.65 63.66
CA ALA C 226 -26.32 7.33 63.87
C ALA C 226 -26.00 5.92 63.40
N LEU C 227 -26.89 4.95 63.66
CA LEU C 227 -26.68 3.59 63.18
C LEU C 227 -26.81 3.51 61.66
N LYS C 228 -27.72 4.27 61.06
CA LYS C 228 -27.87 4.24 59.61
C LYS C 228 -26.66 4.87 58.92
N ASN C 229 -26.10 5.93 59.50
CA ASN C 229 -24.90 6.53 58.92
C ASN C 229 -23.67 5.66 59.15
N ALA C 230 -23.59 4.97 60.30
CA ALA C 230 -22.47 4.06 60.53
C ALA C 230 -22.57 2.83 59.64
N LEU C 231 -23.79 2.41 59.27
CA LEU C 231 -23.95 1.32 58.34
C LEU C 231 -23.67 1.75 56.91
N ARG C 232 -23.93 3.02 56.57
CA ARG C 232 -23.53 3.51 55.27
C ARG C 232 -22.01 3.69 55.19
N SER C 233 -21.36 3.96 56.32
CA SER C 233 -19.89 4.08 56.32
C SER C 233 -19.22 2.73 56.06
N VAL C 234 -19.87 1.62 56.41
CA VAL C 234 -19.30 0.31 56.15
C VAL C 234 -19.91 -0.36 54.92
N GLU C 235 -20.91 0.25 54.30
CA GLU C 235 -21.31 -0.15 52.96
C GLU C 235 -20.43 0.49 51.90
N LEU C 236 -19.63 1.48 52.29
CA LEU C 236 -18.64 2.09 51.41
C LEU C 236 -17.22 1.64 51.71
N SER C 237 -17.01 0.89 52.79
CA SER C 237 -15.68 0.40 53.14
C SER C 237 -15.83 -0.81 54.05
N GLU C 238 -15.34 -1.97 53.59
CA GLU C 238 -15.53 -3.21 54.33
C GLU C 238 -14.73 -3.20 55.63
N LEU C 239 -13.45 -2.86 55.57
CA LEU C 239 -12.57 -2.90 56.72
C LEU C 239 -12.50 -1.57 57.47
N TYR C 240 -13.53 -0.74 57.38
CA TYR C 240 -13.55 0.54 58.07
C TYR C 240 -13.71 0.29 59.57
N LEU C 241 -12.64 0.56 60.33
CA LEU C 241 -12.64 0.29 61.76
C LEU C 241 -13.59 1.20 62.51
N LYS C 242 -13.62 2.49 62.14
CA LYS C 242 -14.48 3.44 62.83
C LYS C 242 -15.95 3.16 62.55
N GLY C 243 -16.26 2.74 61.33
CA GLY C 243 -17.65 2.44 61.00
C GLY C 243 -18.17 1.20 61.69
N TRP C 244 -17.36 0.13 61.74
CA TRP C 244 -17.81 -1.08 62.42
C TRP C 244 -17.81 -0.91 63.93
N ALA C 245 -16.86 -0.12 64.46
CA ALA C 245 -16.89 0.19 65.89
C ALA C 245 -18.11 1.01 66.25
N LEU C 246 -18.51 1.94 65.38
CA LEU C 246 -19.72 2.71 65.64
C LEU C 246 -20.97 1.87 65.47
N VAL C 247 -20.98 0.93 64.52
CA VAL C 247 -22.11 0.01 64.38
C VAL C 247 -22.26 -0.83 65.65
N ASN C 248 -21.15 -1.32 66.19
CA ASN C 248 -21.17 -2.12 67.42
C ASN C 248 -21.63 -1.30 68.62
N ILE C 249 -21.07 -0.10 68.80
CA ILE C 249 -21.37 0.71 69.97
C ILE C 249 -22.79 1.26 69.91
N ILE C 250 -23.22 1.76 68.75
CA ILE C 250 -24.57 2.30 68.61
C ILE C 250 -25.61 1.19 68.64
N SER C 251 -25.26 -0.03 68.20
CA SER C 251 -26.19 -1.14 68.32
C SER C 251 -26.32 -1.60 69.76
N ARG C 252 -25.22 -1.58 70.53
CA ARG C 252 -25.33 -1.90 71.96
C ARG C 252 -26.07 -0.81 72.72
N GLU C 253 -25.95 0.45 72.29
CA GLU C 253 -26.61 1.55 72.99
C GLU C 253 -28.06 1.72 72.57
N LEU C 254 -28.46 1.15 71.42
CA LEU C 254 -29.81 1.32 70.92
C LEU C 254 -30.80 0.44 71.68
N GLY C 255 -30.35 -0.70 72.19
CA GLY C 255 -31.22 -1.60 72.91
C GLY C 255 -31.07 -3.04 72.48
N ARG C 256 -30.74 -3.26 71.21
CA ARG C 256 -30.55 -4.61 70.71
C ARG C 256 -29.22 -5.18 71.21
N ASN C 257 -29.25 -6.45 71.59
CA ASN C 257 -28.07 -7.15 72.08
C ASN C 257 -28.28 -8.65 71.88
N LYS C 258 -27.43 -9.45 72.53
CA LYS C 258 -27.49 -10.92 72.53
C LYS C 258 -27.40 -11.48 71.12
N GLN C 259 -26.52 -10.87 70.31
CA GLN C 259 -26.28 -11.19 68.90
C GLN C 259 -27.58 -11.07 68.08
N ASN C 260 -28.07 -9.83 68.01
CA ASN C 260 -29.28 -9.52 67.26
C ASN C 260 -28.96 -9.19 65.80
N ASP C 261 -28.21 -10.08 65.16
CA ASP C 261 -27.89 -10.16 63.73
C ASP C 261 -27.01 -9.03 63.20
N LEU C 262 -26.72 -8.00 64.01
CA LEU C 262 -25.90 -6.89 63.54
C LEU C 262 -24.74 -6.67 64.51
N ILE C 263 -24.98 -6.92 65.79
CA ILE C 263 -23.89 -6.95 66.76
C ILE C 263 -22.97 -8.13 66.48
N LYS C 264 -23.54 -9.25 65.99
CA LYS C 264 -22.74 -10.41 65.59
C LYS C 264 -21.89 -10.09 64.37
N LEU C 265 -22.48 -9.43 63.37
CA LEU C 265 -21.73 -9.05 62.16
C LEU C 265 -20.67 -8.01 62.47
N SER C 266 -20.99 -7.05 63.35
CA SER C 266 -20.01 -6.02 63.70
C SER C 266 -18.88 -6.61 64.52
N ALA C 267 -19.18 -7.57 65.40
CA ALA C 267 -18.13 -8.25 66.16
C ALA C 267 -17.25 -9.10 65.26
N SER C 268 -17.85 -9.75 64.26
CA SER C 268 -17.06 -10.54 63.30
C SER C 268 -16.17 -9.65 62.45
N LYS C 269 -16.69 -8.50 62.02
CA LYS C 269 -15.88 -7.60 61.20
C LYS C 269 -14.79 -6.91 62.02
N LEU C 270 -15.06 -6.62 63.30
CA LEU C 270 -14.00 -6.08 64.14
C LEU C 270 -12.95 -7.13 64.48
N LYS C 271 -13.36 -8.40 64.58
CA LYS C 271 -12.36 -9.47 64.73
C LYS C 271 -11.53 -9.63 63.46
N GLU C 272 -12.15 -9.44 62.29
CA GLU C 272 -11.40 -9.48 61.03
C GLU C 272 -10.43 -8.32 60.92
N ILE C 273 -10.84 -7.13 61.37
CA ILE C 273 -9.96 -5.97 61.36
C ILE C 273 -8.81 -6.15 62.35
N SER C 274 -9.10 -6.70 63.53
CA SER C 274 -8.03 -7.04 64.48
C SER C 274 -7.14 -8.16 63.97
N ALA C 275 -7.63 -9.00 63.06
CA ALA C 275 -6.82 -10.05 62.48
C ALA C 275 -5.85 -9.52 61.43
N LYS C 276 -6.36 -8.79 60.44
CA LYS C 276 -5.55 -8.49 59.26
C LYS C 276 -5.04 -7.06 59.14
N SER C 277 -5.70 -6.08 59.77
CA SER C 277 -5.32 -4.69 59.56
C SER C 277 -4.07 -4.33 60.37
N ASN C 278 -3.69 -3.06 60.31
CA ASN C 278 -2.46 -2.59 60.93
C ASN C 278 -2.57 -2.58 62.44
N ASN C 279 -1.44 -2.29 63.10
CA ASN C 279 -1.33 -2.44 64.54
C ASN C 279 -2.17 -1.41 65.30
N LYS C 280 -2.31 -0.20 64.75
CA LYS C 280 -3.19 0.79 65.37
C LYS C 280 -4.66 0.35 65.27
N ASP C 281 -5.06 -0.15 64.10
CA ASP C 281 -6.41 -0.68 63.92
C ASP C 281 -6.63 -1.93 64.76
N LYS C 282 -5.60 -2.76 64.91
CA LYS C 282 -5.72 -3.99 65.69
C LYS C 282 -5.89 -3.68 67.18
N ILE C 283 -5.08 -2.76 67.71
CA ILE C 283 -5.19 -2.37 69.10
C ILE C 283 -6.51 -1.64 69.36
N THR C 284 -6.96 -0.82 68.42
CA THR C 284 -8.23 -0.12 68.59
C THR C 284 -9.42 -1.08 68.50
N ALA C 285 -9.33 -2.10 67.64
CA ALA C 285 -10.42 -3.07 67.55
C ALA C 285 -10.47 -3.98 68.77
N GLU C 286 -9.31 -4.33 69.33
CA GLU C 286 -9.30 -5.05 70.60
C GLU C 286 -9.77 -4.17 71.76
N LEU C 287 -9.62 -2.86 71.63
CA LEU C 287 -10.19 -1.95 72.63
C LEU C 287 -11.71 -1.89 72.51
N ILE C 288 -12.22 -1.90 71.28
CA ILE C 288 -13.67 -1.84 71.06
C ILE C 288 -14.35 -3.13 71.50
N LEU C 289 -13.76 -4.28 71.13
CA LEU C 289 -14.41 -5.57 71.37
C LEU C 289 -14.38 -5.97 72.84
N ASN C 290 -13.26 -5.73 73.52
CA ASN C 290 -13.06 -6.22 74.87
C ASN C 290 -13.54 -5.24 75.95
N LYS C 291 -14.48 -4.37 75.63
CA LYS C 291 -15.06 -3.52 76.67
C LYS C 291 -16.09 -4.32 77.47
N ILE C 292 -16.45 -3.75 78.63
CA ILE C 292 -17.35 -4.34 79.64
C ILE C 292 -16.88 -5.73 80.07
N MET D 1 6.72 -13.13 -6.84
CA MET D 1 7.29 -11.90 -7.38
C MET D 1 8.48 -11.43 -6.54
N LEU D 2 9.61 -11.26 -7.21
CA LEU D 2 10.85 -10.88 -6.53
C LEU D 2 10.85 -9.37 -6.33
N LEU D 3 10.58 -8.93 -5.11
CA LEU D 3 10.65 -7.53 -4.75
C LEU D 3 12.06 -7.18 -4.25
N ASP D 4 12.31 -5.89 -4.15
CA ASP D 4 13.59 -5.40 -3.61
C ASP D 4 13.50 -5.37 -2.08
N ASP D 5 14.53 -5.92 -1.42
CA ASP D 5 14.58 -5.88 0.04
C ASP D 5 14.81 -4.46 0.55
N GLN D 6 15.53 -3.64 -0.23
CA GLN D 6 15.77 -2.27 0.17
C GLN D 6 14.49 -1.44 0.13
N LEU D 7 13.52 -1.84 -0.68
CA LEU D 7 12.18 -1.23 -0.63
C LEU D 7 11.53 -1.48 0.72
N LYS D 8 11.64 -2.70 1.23
CA LYS D 8 11.14 -3.00 2.58
C LYS D 8 11.86 -2.19 3.63
N TYR D 9 13.20 -2.25 3.63
CA TYR D 9 14.00 -1.61 4.67
C TYR D 9 13.99 -0.08 4.59
N TRP D 10 13.57 0.50 3.47
CA TRP D 10 13.55 1.95 3.32
C TRP D 10 12.14 2.52 3.12
N VAL D 11 11.09 1.69 3.13
CA VAL D 11 9.73 2.19 3.10
C VAL D 11 8.94 1.78 4.33
N LEU D 12 9.09 0.52 4.79
CA LEU D 12 8.30 0.03 5.92
C LEU D 12 8.69 0.75 7.21
N LEU D 13 9.95 0.73 7.56
CA LEU D 13 10.43 1.36 8.79
C LEU D 13 10.44 2.90 8.75
N PRO D 14 10.77 3.59 7.64
CA PRO D 14 10.62 5.06 7.67
C PRO D 14 9.19 5.56 7.77
N ILE D 15 8.24 4.91 7.11
CA ILE D 15 6.84 5.33 7.22
C ILE D 15 6.32 5.09 8.63
N SER D 16 6.72 3.98 9.25
CA SER D 16 6.31 3.69 10.62
C SER D 16 6.96 4.66 11.61
N ILE D 17 8.24 4.99 11.40
CA ILE D 17 8.94 5.93 12.27
C ILE D 17 8.34 7.32 12.15
N VAL D 18 8.05 7.76 10.92
CA VAL D 18 7.45 9.08 10.70
C VAL D 18 6.03 9.12 11.25
N MET D 19 5.29 8.01 11.18
CA MET D 19 3.93 8.02 11.70
C MET D 19 3.89 7.97 13.23
N VAL D 20 4.80 7.24 13.87
CA VAL D 20 4.82 7.29 15.33
C VAL D 20 5.36 8.63 15.82
N LEU D 21 6.27 9.26 15.06
CA LEU D 21 6.77 10.56 15.48
C LEU D 21 5.75 11.66 15.25
N THR D 22 4.91 11.54 14.23
CA THR D 22 3.83 12.51 14.07
C THR D 22 2.65 12.23 14.99
N GLY D 23 2.48 10.98 15.46
CA GLY D 23 1.53 10.74 16.54
C GLY D 23 2.00 11.34 17.86
N VAL D 24 3.30 11.20 18.15
CA VAL D 24 3.91 11.87 19.30
C VAL D 24 3.79 13.38 19.16
N LEU D 25 4.01 13.91 17.96
CA LEU D 25 3.93 15.36 17.73
C LEU D 25 2.50 15.86 17.83
N LYS D 26 1.52 15.07 17.37
CA LYS D 26 0.13 15.47 17.48
C LYS D 26 -0.32 15.45 18.93
N GLN D 27 0.14 14.46 19.71
CA GLN D 27 -0.18 14.43 21.13
C GLN D 27 0.46 15.61 21.86
N TYR D 28 1.71 15.94 21.52
CA TYR D 28 2.41 17.04 22.19
C TYR D 28 1.81 18.39 21.81
N ILE D 29 1.44 18.56 20.55
CA ILE D 29 0.83 19.80 20.09
C ILE D 29 -0.58 19.95 20.70
N MET D 30 -1.34 18.87 20.77
CA MET D 30 -2.66 18.96 21.38
C MET D 30 -2.62 19.06 22.90
N THR D 31 -1.49 18.75 23.54
CA THR D 31 -1.36 19.12 24.95
C THR D 31 -0.95 20.58 25.10
N LEU D 32 -0.05 21.08 24.25
CA LEU D 32 0.42 22.46 24.39
C LEU D 32 -0.64 23.47 23.99
N ILE D 33 -1.47 23.14 22.99
CA ILE D 33 -2.48 24.08 22.52
C ILE D 33 -3.67 24.11 23.47
N THR D 34 -4.20 22.95 23.83
CA THR D 34 -5.33 22.85 24.75
C THR D 34 -4.83 23.12 26.16
N GLY D 35 -4.74 24.41 26.50
CA GLY D 35 -4.35 24.83 27.82
C GLY D 35 -5.48 24.92 28.82
N SER D 36 -6.71 24.80 28.36
CA SER D 36 -7.86 24.86 29.24
C SER D 36 -7.97 23.58 30.07
N SER D 37 -8.62 23.70 31.22
CA SER D 37 -8.82 22.58 32.12
C SER D 37 -10.31 22.43 32.44
N ALA D 38 -10.63 21.61 33.44
CA ALA D 38 -12.02 21.50 33.90
C ALA D 38 -12.50 22.81 34.52
N ASN D 39 -11.60 23.59 35.10
CA ASN D 39 -11.89 24.94 35.56
C ASN D 39 -11.38 25.96 34.57
N GLU D 40 -11.76 27.22 34.78
CA GLU D 40 -11.33 28.34 33.96
C GLU D 40 -10.80 29.44 34.87
N ALA D 41 -10.34 30.53 34.26
CA ALA D 41 -9.85 31.70 34.98
C ALA D 41 -10.94 32.76 34.94
N GLN D 42 -11.74 32.82 36.01
CA GLN D 42 -12.87 33.72 36.14
C GLN D 42 -12.71 34.56 37.40
N PRO D 43 -13.42 35.68 37.52
CA PRO D 43 -13.46 36.40 38.79
C PRO D 43 -14.21 35.62 39.86
N ARG D 44 -14.17 36.16 41.08
CA ARG D 44 -14.62 35.42 42.25
C ARG D 44 -16.14 35.27 42.28
N VAL D 45 -16.87 36.28 41.81
CA VAL D 45 -18.33 36.23 41.91
C VAL D 45 -18.93 35.27 40.89
N LYS D 46 -18.31 35.16 39.71
CA LYS D 46 -18.73 34.15 38.74
C LYS D 46 -18.45 32.75 39.26
N LEU D 47 -17.32 32.56 39.95
CA LEU D 47 -17.03 31.29 40.60
C LEU D 47 -18.00 30.98 41.72
N THR D 48 -18.46 31.99 42.45
CA THR D 48 -19.43 31.77 43.52
C THR D 48 -20.80 31.40 42.96
N GLU D 49 -21.24 32.07 41.89
CA GLU D 49 -22.52 31.72 41.28
C GLU D 49 -22.47 30.34 40.63
N TRP D 50 -21.35 29.99 39.99
CA TRP D 50 -21.20 28.64 39.46
C TRP D 50 -21.10 27.61 40.57
N GLN D 51 -20.53 27.99 41.72
CA GLN D 51 -20.48 27.07 42.84
C GLN D 51 -21.85 26.84 43.47
N TYR D 52 -22.72 27.85 43.45
CA TYR D 52 -24.08 27.62 43.94
C TYR D 52 -24.91 26.81 42.96
N LEU D 53 -24.70 27.03 41.65
CA LEU D 53 -25.33 26.18 40.64
C LEU D 53 -24.87 24.73 40.77
N GLN D 54 -23.57 24.51 40.93
CA GLN D 54 -23.05 23.17 41.11
C GLN D 54 -23.38 22.60 42.48
N TRP D 55 -23.67 23.45 43.47
CA TRP D 55 -24.17 22.97 44.75
C TRP D 55 -25.57 22.42 44.61
N ALA D 56 -26.43 23.10 43.84
CA ALA D 56 -27.76 22.55 43.57
C ALA D 56 -27.67 21.27 42.74
N GLN D 57 -26.74 21.22 41.79
CA GLN D 57 -26.55 20.01 40.99
C GLN D 57 -26.03 18.85 41.83
N LEU D 58 -25.08 19.12 42.74
CA LEU D 58 -24.56 18.08 43.61
C LEU D 58 -25.58 17.65 44.65
N LEU D 59 -26.48 18.56 45.06
CA LEU D 59 -27.58 18.17 45.94
C LEU D 59 -28.54 17.24 45.22
N ILE D 60 -28.83 17.53 43.95
CA ILE D 60 -29.63 16.64 43.10
C ILE D 60 -28.96 15.27 42.97
N GLY D 61 -27.66 15.26 42.71
CA GLY D 61 -26.97 14.00 42.46
C GLY D 61 -26.64 13.20 43.70
N ASN D 62 -26.53 13.85 44.86
CA ASN D 62 -26.06 13.19 46.08
C ASN D 62 -27.01 13.43 47.25
N GLY D 63 -28.30 13.65 46.98
CA GLY D 63 -29.26 13.66 48.06
C GLY D 63 -29.50 12.30 48.69
N GLY D 64 -29.10 11.22 48.02
CA GLY D 64 -29.26 9.88 48.57
C GLY D 64 -28.42 9.61 49.80
N ASN D 65 -27.33 10.36 49.99
CA ASN D 65 -26.49 10.20 51.16
C ASN D 65 -27.11 10.76 52.42
N LEU D 66 -28.02 11.71 52.31
CA LEU D 66 -28.60 12.37 53.47
C LEU D 66 -29.88 11.67 53.90
N SER D 67 -30.41 12.12 55.03
CA SER D 67 -31.74 11.72 55.47
C SER D 67 -32.76 12.65 54.82
N SER D 68 -34.02 12.58 55.26
CA SER D 68 -35.01 13.50 54.72
C SER D 68 -34.98 14.83 55.45
N ASP D 69 -34.71 14.81 56.75
CA ASP D 69 -34.73 16.01 57.59
C ASP D 69 -33.59 16.97 57.28
N ALA D 70 -32.56 16.52 56.58
CA ALA D 70 -31.45 17.38 56.16
C ALA D 70 -31.50 17.73 54.68
N PHE D 71 -31.91 16.77 53.83
CA PHE D 71 -32.08 17.06 52.42
C PHE D 71 -33.21 18.06 52.19
N ALA D 72 -34.26 18.02 53.01
CA ALA D 72 -35.33 19.01 52.90
C ALA D 72 -34.85 20.40 53.25
N ALA D 73 -34.04 20.53 54.30
CA ALA D 73 -33.51 21.83 54.70
C ALA D 73 -32.52 22.38 53.68
N LYS D 74 -31.64 21.51 53.16
CA LYS D 74 -30.71 21.94 52.12
C LYS D 74 -31.42 22.29 50.82
N LYS D 75 -32.49 21.58 50.49
CA LYS D 75 -33.26 21.88 49.29
C LYS D 75 -34.00 23.21 49.43
N GLU D 76 -34.57 23.47 50.61
CA GLU D 76 -35.24 24.74 50.85
C GLU D 76 -34.26 25.92 50.81
N PHE D 77 -33.08 25.75 51.41
CA PHE D 77 -32.09 26.82 51.39
C PHE D 77 -31.52 27.03 49.99
N LEU D 78 -31.35 25.97 49.22
CA LEU D 78 -30.83 26.09 47.86
C LEU D 78 -31.86 26.74 46.94
N VAL D 79 -33.15 26.43 47.14
CA VAL D 79 -34.19 27.08 46.36
C VAL D 79 -34.30 28.55 46.71
N LYS D 80 -34.20 28.89 48.01
CA LYS D 80 -34.25 30.28 48.44
C LYS D 80 -33.04 31.07 47.94
N ASP D 81 -31.88 30.44 47.81
CA ASP D 81 -30.71 31.14 47.28
C ASP D 81 -30.60 31.09 45.77
N LEU D 82 -31.32 30.21 45.08
CA LEU D 82 -31.31 30.20 43.63
C LEU D 82 -32.36 31.12 43.04
N THR D 83 -33.55 31.18 43.65
CA THR D 83 -34.61 32.01 43.11
C THR D 83 -34.33 33.49 43.40
N GLU D 84 -33.98 33.82 44.63
CA GLU D 84 -33.77 35.22 44.99
C GLU D 84 -32.41 35.73 44.54
N GLU D 85 -31.34 35.13 45.05
CA GLU D 85 -29.99 35.59 44.76
C GLU D 85 -29.56 35.20 43.35
N ASN D 122 -12.23 19.69 15.16
CA ASN D 122 -12.58 18.49 14.39
C ASN D 122 -11.61 18.27 13.24
N MET D 123 -11.19 19.36 12.61
CA MET D 123 -10.26 19.31 11.50
C MET D 123 -8.80 19.41 11.94
N ALA D 124 -8.54 19.46 13.25
CA ALA D 124 -7.17 19.56 13.74
C ALA D 124 -6.43 18.22 13.74
N SER D 125 -7.12 17.12 13.49
CA SER D 125 -6.50 15.81 13.47
C SER D 125 -6.35 15.22 12.07
N PHE D 126 -7.07 15.74 11.08
CA PHE D 126 -7.01 15.22 9.72
C PHE D 126 -6.01 15.97 8.84
N ILE D 127 -5.54 17.13 9.28
CA ILE D 127 -4.47 17.85 8.58
C ILE D 127 -3.13 17.12 8.72
N PRO D 128 -2.71 16.60 9.90
CA PRO D 128 -1.51 15.75 9.89
C PRO D 128 -1.68 14.44 9.13
N GLN D 129 -2.89 13.87 9.13
CA GLN D 129 -3.14 12.67 8.34
C GLN D 129 -3.03 12.96 6.85
N THR D 130 -3.51 14.13 6.41
CA THR D 130 -3.39 14.52 5.01
C THR D 130 -1.93 14.81 4.64
N ILE D 131 -1.17 15.41 5.56
CA ILE D 131 0.25 15.68 5.30
C ILE D 131 1.04 14.38 5.20
N ILE D 132 0.78 13.42 6.09
CA ILE D 132 1.51 12.16 6.07
C ILE D 132 1.09 11.32 4.85
N MET D 133 -0.19 11.38 4.48
CA MET D 133 -0.66 10.67 3.28
C MET D 133 -0.05 11.25 2.01
N TRP D 134 0.04 12.59 1.93
CA TRP D 134 0.72 13.22 0.79
C TRP D 134 2.21 12.91 0.78
N TRP D 135 2.82 12.83 1.96
CA TRP D 135 4.26 12.55 2.02
C TRP D 135 4.56 11.11 1.61
N VAL D 136 3.68 10.18 1.95
CA VAL D 136 3.83 8.80 1.48
C VAL D 136 3.60 8.71 -0.02
N ASN D 137 2.56 9.39 -0.53
CA ASN D 137 2.28 9.37 -1.96
C ASN D 137 3.24 10.23 -2.77
N HIS D 138 4.12 11.02 -2.13
CA HIS D 138 5.14 11.79 -2.83
C HIS D 138 6.51 11.13 -2.78
N PHE D 139 6.90 10.60 -1.62
CA PHE D 139 8.23 10.00 -1.48
C PHE D 139 8.28 8.55 -1.93
N PHE D 140 7.17 7.82 -1.84
CA PHE D 140 7.21 6.38 -2.01
C PHE D 140 6.23 5.88 -3.08
N ALA D 141 5.74 6.76 -3.93
CA ALA D 141 4.88 6.31 -5.01
C ALA D 141 5.71 5.75 -6.16
N GLY D 142 5.13 4.78 -6.86
CA GLY D 142 5.75 4.23 -8.04
C GLY D 142 6.27 2.82 -7.91
N PHE D 143 6.21 2.22 -6.73
CA PHE D 143 6.67 0.84 -6.59
C PHE D 143 5.76 0.06 -5.66
N ILE D 144 5.67 -1.24 -5.94
CA ILE D 144 4.98 -2.18 -5.06
C ILE D 144 5.87 -2.43 -3.85
N LEU D 145 5.36 -2.11 -2.67
CA LEU D 145 6.18 -2.23 -1.46
C LEU D 145 6.24 -3.67 -0.98
N MET D 146 5.10 -4.34 -0.87
CA MET D 146 5.07 -5.59 -0.13
C MET D 146 3.87 -6.40 -0.58
N GLN D 147 3.75 -7.60 -0.01
CA GLN D 147 2.61 -8.47 -0.22
C GLN D 147 1.84 -8.61 1.08
N LEU D 148 0.53 -8.42 1.01
CA LEU D 148 -0.31 -8.66 2.17
C LEU D 148 -0.40 -10.16 2.45
N PRO D 149 -0.61 -10.56 3.70
CA PRO D 149 -0.86 -11.96 4.00
C PRO D 149 -2.33 -12.37 3.86
N PHE D 150 -3.20 -11.42 3.53
CA PHE D 150 -4.62 -11.67 3.36
C PHE D 150 -5.05 -11.08 2.03
N PRO D 151 -5.80 -11.82 1.21
CA PRO D 151 -6.34 -11.24 -0.01
C PRO D 151 -7.59 -10.42 0.26
N LEU D 152 -7.72 -9.33 -0.49
CA LEU D 152 -8.89 -8.49 -0.47
C LEU D 152 -9.59 -8.61 -1.83
N THR D 153 -10.65 -7.83 -2.01
CA THR D 153 -11.30 -7.82 -3.30
C THR D 153 -10.57 -6.88 -4.26
N ALA D 154 -10.97 -6.92 -5.53
CA ALA D 154 -10.26 -6.18 -6.57
C ALA D 154 -10.44 -4.68 -6.48
N LYS D 155 -11.51 -4.23 -5.81
CA LYS D 155 -11.77 -2.79 -5.67
C LYS D 155 -10.70 -2.11 -4.83
N PHE D 156 -10.10 -2.85 -3.89
CA PHE D 156 -8.97 -2.32 -3.11
C PHE D 156 -7.73 -2.10 -3.97
N LYS D 157 -7.67 -2.71 -5.16
CA LYS D 157 -6.62 -2.38 -6.13
C LYS D 157 -6.68 -0.91 -6.54
N GLU D 158 -7.85 -0.29 -6.47
CA GLU D 158 -7.98 1.13 -6.76
C GLU D 158 -7.49 2.02 -5.63
N MET D 159 -7.14 1.47 -4.46
CA MET D 159 -6.68 2.33 -3.38
C MET D 159 -5.33 1.89 -2.84
N LEU D 160 -5.04 0.60 -2.87
CA LEU D 160 -3.79 0.08 -2.30
C LEU D 160 -2.66 0.07 -3.30
N GLN D 161 -2.94 0.14 -4.60
CA GLN D 161 -1.93 0.30 -5.64
C GLN D 161 -2.20 1.63 -6.34
N THR D 162 -1.23 2.53 -6.31
CA THR D 162 -1.43 3.88 -6.80
C THR D 162 -0.63 4.17 -8.08
N GLY D 163 0.68 3.99 -8.05
CA GLY D 163 1.49 4.35 -9.20
C GLY D 163 1.72 3.21 -10.17
N ILE D 164 0.88 2.19 -10.09
CA ILE D 164 1.00 0.98 -10.90
C ILE D 164 -0.34 0.71 -11.56
N ILE D 165 -0.38 0.79 -12.89
CA ILE D 165 -1.62 0.65 -13.64
C ILE D 165 -1.76 -0.77 -14.17
N CYS D 166 -0.89 -1.67 -13.71
CA CYS D 166 -0.93 -3.06 -14.14
C CYS D 166 -2.18 -3.75 -13.61
N GLN D 167 -2.89 -4.43 -14.50
CA GLN D 167 -4.19 -5.01 -14.19
C GLN D 167 -4.12 -6.45 -13.70
N ASP D 168 -3.02 -7.15 -13.94
CA ASP D 168 -2.88 -8.53 -13.51
C ASP D 168 -2.25 -8.66 -12.14
N LEU D 169 -1.87 -7.55 -11.51
CA LEU D 169 -1.45 -7.57 -10.12
C LEU D 169 -2.66 -7.80 -9.23
N ASP D 170 -2.68 -8.93 -8.52
CA ASP D 170 -3.79 -9.16 -7.61
C ASP D 170 -3.62 -8.30 -6.37
N VAL D 171 -4.68 -8.18 -5.59
CA VAL D 171 -4.66 -7.29 -4.42
C VAL D 171 -4.13 -8.12 -3.27
N ARG D 172 -2.85 -8.35 -3.30
CA ARG D 172 -1.92 -8.65 -2.23
C ARG D 172 -0.69 -7.78 -2.36
N TRP D 173 -0.22 -7.56 -3.58
CA TRP D 173 0.92 -6.71 -3.84
C TRP D 173 0.47 -5.26 -3.84
N VAL D 174 0.98 -4.49 -2.88
CA VAL D 174 0.41 -3.21 -2.52
C VAL D 174 1.49 -2.15 -2.48
N SER D 175 1.07 -0.90 -2.63
CA SER D 175 1.99 0.23 -2.58
C SER D 175 2.19 0.67 -1.14
N SER D 176 2.80 1.84 -0.95
CA SER D 176 3.12 2.31 0.39
C SER D 176 1.95 2.99 1.09
N ILE D 177 0.97 3.48 0.34
CA ILE D 177 -0.20 4.08 0.97
C ILE D 177 -1.08 3.01 1.60
N SER D 178 -0.94 1.75 1.17
CA SER D 178 -1.57 0.65 1.87
C SER D 178 -0.94 0.45 3.25
N TRP D 179 0.38 0.60 3.33
CA TRP D 179 1.04 0.52 4.63
C TRP D 179 0.69 1.72 5.50
N TYR D 180 0.43 2.89 4.89
CA TYR D 180 -0.12 4.01 5.65
C TYR D 180 -1.50 3.67 6.20
N PHE D 181 -2.37 3.08 5.37
CA PHE D 181 -3.74 2.76 5.80
C PHE D 181 -3.74 1.66 6.86
N ILE D 182 -2.81 0.72 6.76
CA ILE D 182 -2.71 -0.37 7.73
C ILE D 182 -2.11 0.15 9.03
N SER D 183 -1.14 1.06 8.94
CA SER D 183 -0.48 1.58 10.12
C SER D 183 -1.36 2.60 10.84
N VAL D 184 -2.29 3.24 10.13
CA VAL D 184 -3.21 4.18 10.78
C VAL D 184 -4.15 3.45 11.72
N LEU D 185 -4.62 2.27 11.30
CA LEU D 185 -5.52 1.48 12.15
C LEU D 185 -4.77 0.83 13.30
N GLY D 186 -3.55 0.38 13.06
CA GLY D 186 -2.87 -0.51 13.99
C GLY D 186 -1.79 0.09 14.85
N LEU D 187 -1.58 1.40 14.83
CA LEU D 187 -0.52 1.99 15.65
C LEU D 187 -0.96 2.30 17.07
N ASN D 188 -2.24 2.11 17.40
CA ASN D 188 -2.72 2.36 18.76
C ASN D 188 -2.14 1.40 19.80
N PRO D 189 -1.89 0.10 19.51
CA PRO D 189 -1.03 -0.67 20.43
C PRO D 189 0.38 -0.12 20.55
N VAL D 190 0.98 0.34 19.45
CA VAL D 190 2.34 0.87 19.53
C VAL D 190 2.34 2.24 20.21
N TYR D 191 1.27 3.01 20.05
CA TYR D 191 1.15 4.27 20.78
C TYR D 191 0.98 4.03 22.28
N ASN D 192 0.24 2.98 22.65
CA ASN D 192 0.04 2.68 24.06
C ASN D 192 1.30 2.11 24.69
N LEU D 193 2.06 1.29 23.96
CA LEU D 193 3.21 0.61 24.55
C LEU D 193 4.41 1.53 24.74
N ILE D 194 4.50 2.63 24.00
CA ILE D 194 5.58 3.59 24.20
C ILE D 194 5.18 4.69 25.19
N GLY D 195 4.00 4.58 25.80
CA GLY D 195 3.61 5.52 26.84
C GLY D 195 3.13 6.84 26.31
N LEU D 196 2.03 6.84 25.56
CA LEU D 196 1.55 8.05 24.92
C LEU D 196 0.07 8.32 25.10
N ASN D 197 -0.69 7.41 25.71
CA ASN D 197 -2.15 7.50 25.86
C ASN D 197 -2.81 7.62 24.49
N ASP D 198 -2.74 6.49 23.77
CA ASP D 198 -2.93 6.31 22.33
C ASP D 198 -4.03 7.15 21.70
N GLN D 199 -3.69 7.76 20.57
CA GLN D 199 -4.61 8.60 19.81
C GLN D 199 -5.76 7.79 19.23
N GLN D 220 -28.80 33.54 30.84
CA GLN D 220 -27.36 33.46 31.07
C GLN D 220 -27.07 32.88 32.44
N VAL D 221 -27.31 33.68 33.49
CA VAL D 221 -27.06 33.27 34.87
C VAL D 221 -28.36 33.06 35.63
N ASP D 222 -29.25 34.06 35.65
CA ASP D 222 -30.48 33.97 36.41
C ASP D 222 -31.47 32.98 35.78
N LYS D 223 -31.45 32.86 34.45
CA LYS D 223 -32.27 31.85 33.78
C LYS D 223 -31.79 30.44 34.13
N ALA D 224 -30.47 30.23 34.14
CA ALA D 224 -29.92 28.93 34.50
C ALA D 224 -30.14 28.62 35.97
N MET D 225 -30.06 29.65 36.83
CA MET D 225 -30.31 29.43 38.26
C MET D 225 -31.77 29.10 38.54
N HIS D 226 -32.70 29.77 37.86
CA HIS D 226 -34.11 29.45 38.04
C HIS D 226 -34.46 28.11 37.40
N ALA D 227 -33.78 27.73 36.32
CA ALA D 227 -33.99 26.40 35.74
C ALA D 227 -33.46 25.32 36.65
N MET D 228 -32.33 25.56 37.31
CA MET D 228 -31.80 24.58 38.27
C MET D 228 -32.66 24.49 39.51
N ALA D 229 -33.23 25.62 39.95
CA ALA D 229 -34.19 25.57 41.07
C ALA D 229 -35.48 24.86 40.69
N ASN D 230 -35.92 24.99 39.43
CA ASN D 230 -37.10 24.27 38.97
C ASN D 230 -36.82 22.77 38.82
N ASP D 231 -35.60 22.41 38.44
CA ASP D 231 -35.21 20.99 38.44
C ASP D 231 -35.00 20.46 39.85
N LEU D 232 -34.72 21.34 40.81
CA LEU D 232 -34.54 20.92 42.20
C LEU D 232 -35.88 20.75 42.92
N THR D 233 -36.88 21.56 42.58
CA THR D 233 -38.16 21.50 43.28
C THR D 233 -38.97 20.25 42.91
N ILE D 234 -38.76 19.71 41.71
CA ILE D 234 -39.62 18.64 41.21
C ILE D 234 -38.97 17.28 41.43
N ILE D 235 -37.85 17.25 42.16
CA ILE D 235 -37.11 16.01 42.34
C ILE D 235 -37.82 15.13 43.38
N GLN D 236 -37.66 13.82 43.23
CA GLN D 236 -38.16 12.85 44.19
C GLN D 236 -37.00 12.37 45.05
N HIS D 237 -37.09 12.62 46.35
CA HIS D 237 -36.03 12.21 47.27
C HIS D 237 -36.06 10.71 47.47
N GLU D 238 -34.97 10.04 47.09
CA GLU D 238 -34.82 8.59 47.26
C GLU D 238 -33.49 8.36 47.98
N THR D 239 -33.53 8.41 49.31
CA THR D 239 -32.31 8.33 50.10
C THR D 239 -31.81 6.90 50.19
N CYS D 240 -30.49 6.76 50.32
CA CYS D 240 -29.84 5.47 50.46
C CYS D 240 -29.68 5.04 51.90
N LEU D 241 -30.30 5.76 52.84
CA LEU D 241 -30.20 5.45 54.26
C LEU D 241 -31.43 4.71 54.79
N ASP D 242 -32.43 4.47 53.95
CA ASP D 242 -33.68 3.85 54.43
C ASP D 242 -33.45 2.38 54.78
N ASN D 243 -32.99 1.60 53.81
CA ASN D 243 -32.78 0.17 54.00
C ASN D 243 -31.31 -0.19 53.88
N VAL D 244 -30.44 0.62 54.50
CA VAL D 244 -29.01 0.36 54.45
C VAL D 244 -28.64 -0.82 55.35
N GLU D 245 -29.46 -1.12 56.36
CA GLU D 245 -29.14 -2.21 57.28
C GLU D 245 -29.29 -3.56 56.60
N GLN D 246 -30.37 -3.75 55.83
CA GLN D 246 -30.54 -5.01 55.11
C GLN D 246 -29.54 -5.14 53.97
N ARG D 247 -29.07 -4.02 53.42
CA ARG D 247 -28.04 -4.08 52.39
C ARG D 247 -26.69 -4.49 52.99
N VAL D 248 -26.36 -3.98 54.17
CA VAL D 248 -25.14 -4.41 54.85
C VAL D 248 -25.26 -5.87 55.28
N LEU D 249 -26.45 -6.31 55.68
CA LEU D 249 -26.64 -7.72 56.03
C LEU D 249 -26.59 -8.63 54.81
N LYS D 250 -26.98 -8.13 53.64
CA LYS D 250 -26.85 -8.93 52.43
C LYS D 250 -25.40 -8.99 51.94
N GLN D 251 -24.65 -7.89 52.11
CA GLN D 251 -23.30 -7.84 51.57
C GLN D 251 -22.32 -8.67 52.38
N TYR D 252 -22.29 -8.46 53.70
CA TYR D 252 -21.26 -9.06 54.54
C TYR D 252 -21.75 -10.28 55.31
N MET D 253 -22.93 -10.80 54.96
CA MET D 253 -23.45 -12.00 55.61
C MET D 253 -24.32 -12.81 54.67
N GLN E 4 1.67 0.08 70.66
CA GLN E 4 1.16 1.43 70.57
C GLN E 4 -0.08 1.61 71.43
N GLU E 5 -0.57 2.83 71.50
CA GLU E 5 -1.82 3.18 72.14
C GLU E 5 -2.93 3.33 71.11
N PRO E 6 -4.19 2.99 71.44
CA PRO E 6 -5.26 3.00 70.42
C PRO E 6 -5.67 4.40 69.98
N TYR E 7 -6.68 4.45 69.12
CA TYR E 7 -7.13 5.71 68.53
C TYR E 7 -7.80 6.61 69.56
N GLU E 8 -7.79 7.90 69.27
CA GLU E 8 -8.36 8.87 70.20
C GLU E 8 -9.88 8.99 70.05
N TRP E 9 -10.43 8.61 68.90
CA TRP E 9 -11.89 8.60 68.78
C TRP E 9 -12.53 7.47 69.55
N ALA E 10 -11.78 6.39 69.83
CA ALA E 10 -12.31 5.24 70.54
C ALA E 10 -12.04 5.27 72.03
N LYS E 11 -11.04 6.02 72.48
CA LYS E 11 -10.91 6.27 73.91
C LYS E 11 -12.02 7.17 74.42
N HIS E 12 -12.58 8.00 73.53
CA HIS E 12 -13.68 8.89 73.85
C HIS E 12 -15.04 8.31 73.49
N LEU E 13 -15.08 7.11 72.92
CA LEU E 13 -16.34 6.49 72.50
C LEU E 13 -16.86 5.46 73.48
N LEU E 14 -15.97 4.77 74.20
CA LEU E 14 -16.41 3.71 75.10
C LEU E 14 -16.97 4.29 76.40
N ASP E 15 -16.32 5.31 76.95
CA ASP E 15 -16.77 5.93 78.18
C ASP E 15 -18.00 6.79 77.91
N THR E 16 -19.17 6.33 78.37
CA THR E 16 -20.39 7.11 78.22
C THR E 16 -20.45 8.30 79.15
N LYS E 17 -19.57 8.36 80.16
CA LYS E 17 -19.53 9.50 81.06
C LYS E 17 -18.74 10.66 80.49
N TYR E 18 -17.92 10.44 79.46
CA TYR E 18 -17.18 11.52 78.84
C TYR E 18 -18.11 12.44 78.05
N ILE E 19 -19.15 11.88 77.43
CA ILE E 19 -20.09 12.69 76.67
C ILE E 19 -20.97 13.51 77.62
N GLU E 20 -21.26 12.97 78.80
CA GLU E 20 -21.92 13.78 79.83
C GLU E 20 -20.97 14.85 80.37
N LYS E 21 -19.68 14.53 80.47
CA LYS E 21 -18.66 15.52 80.79
C LYS E 21 -18.46 16.52 79.66
N TYR E 22 -18.76 16.13 78.43
CA TYR E 22 -18.61 17.00 77.26
C TYR E 22 -19.65 18.12 77.33
N ASN E 23 -19.21 19.32 77.65
CA ASN E 23 -20.11 20.45 77.84
C ASN E 23 -20.40 21.15 76.51
N ILE E 24 -21.29 22.14 76.58
CA ILE E 24 -21.77 22.87 75.41
C ILE E 24 -21.33 24.32 75.55
N GLN E 25 -20.79 24.87 74.47
CA GLN E 25 -20.44 26.28 74.44
C GLN E 25 -21.67 27.14 74.15
N ASN E 26 -21.64 28.37 74.63
CA ASN E 26 -22.77 29.28 74.45
C ASN E 26 -22.83 29.75 73.00
N SER E 27 -24.05 29.83 72.47
CA SER E 27 -24.28 30.19 71.07
C SER E 27 -25.26 31.37 71.02
N ASN E 28 -24.71 32.58 71.12
CA ASN E 28 -25.49 33.81 70.96
C ASN E 28 -25.07 34.56 69.71
N THR E 29 -23.80 34.91 69.60
CA THR E 29 -23.24 35.49 68.39
C THR E 29 -22.49 34.45 67.56
N LEU E 30 -22.67 33.17 67.86
CA LEU E 30 -22.00 32.10 67.14
C LEU E 30 -22.57 31.99 65.73
N PRO E 31 -21.73 31.99 64.69
CA PRO E 31 -22.26 31.97 63.32
C PRO E 31 -22.77 30.59 62.94
N SER E 32 -23.98 30.56 62.38
CA SER E 32 -24.51 29.33 61.82
C SER E 32 -23.86 29.09 60.45
N PRO E 33 -23.78 27.83 60.00
CA PRO E 33 -23.36 27.56 58.63
C PRO E 33 -24.42 28.01 57.65
N PRO E 34 -24.07 28.21 56.36
CA PRO E 34 -25.08 28.63 55.37
C PRO E 34 -26.19 27.61 55.17
N GLY E 35 -27.37 27.94 55.64
CA GLY E 35 -28.51 27.06 55.63
C GLY E 35 -28.96 26.52 56.97
N PHE E 36 -28.55 27.15 58.07
CA PHE E 36 -28.94 26.69 59.39
C PHE E 36 -29.62 27.80 60.17
N GLN E 61 -48.86 14.44 37.14
CA GLN E 61 -47.41 14.53 37.34
C GLN E 61 -46.73 15.19 36.14
N LYS E 62 -45.74 16.03 36.43
CA LYS E 62 -44.97 16.70 35.39
C LYS E 62 -43.55 16.18 35.27
N ASN E 63 -42.99 15.61 36.34
CA ASN E 63 -41.68 14.99 36.26
C ASN E 63 -41.69 13.76 35.35
N GLN E 64 -42.79 13.01 35.36
CA GLN E 64 -42.90 11.85 34.49
C GLN E 64 -43.08 12.25 33.03
N ILE E 65 -43.82 13.33 32.78
CA ILE E 65 -44.03 13.81 31.42
C ILE E 65 -42.72 14.38 30.84
N THR E 66 -41.98 15.14 31.66
CA THR E 66 -40.69 15.65 31.21
C THR E 66 -39.66 14.53 31.05
N VAL E 67 -39.74 13.49 31.89
CA VAL E 67 -38.87 12.33 31.72
C VAL E 67 -39.20 11.60 30.42
N LEU E 68 -40.50 11.51 30.08
CA LEU E 68 -40.91 10.87 28.83
C LEU E 68 -40.45 11.68 27.63
N GLN E 69 -40.52 13.01 27.72
CA GLN E 69 -40.05 13.84 26.60
C GLN E 69 -38.53 13.82 26.48
N VAL E 70 -37.81 13.74 27.60
CA VAL E 70 -36.35 13.63 27.56
C VAL E 70 -35.95 12.29 26.96
N GLN E 71 -36.66 11.21 27.31
CA GLN E 71 -36.36 9.91 26.71
C GLN E 71 -36.79 9.84 25.25
N LYS E 72 -37.84 10.58 24.87
CA LYS E 72 -38.22 10.64 23.47
C LYS E 72 -37.19 11.41 22.65
N ALA E 73 -36.56 12.43 23.24
CA ALA E 73 -35.42 13.06 22.59
C ALA E 73 -34.17 12.18 22.64
N TRP E 74 -34.10 11.26 23.61
CA TRP E 74 -32.97 10.34 23.66
C TRP E 74 -33.08 9.24 22.61
N GLN E 75 -34.30 8.89 22.21
CA GLN E 75 -34.51 7.82 21.25
C GLN E 75 -34.87 8.29 19.84
N ILE E 76 -35.38 9.51 19.67
CA ILE E 76 -35.93 9.92 18.38
C ILE E 76 -35.21 11.16 17.85
N ALA E 77 -34.69 12.00 18.74
CA ALA E 77 -33.98 13.19 18.28
C ALA E 77 -32.52 12.91 17.93
N LEU E 78 -32.13 11.64 18.05
CA LEU E 78 -30.83 11.16 17.59
C LEU E 78 -30.99 10.65 16.13
N GLN E 79 -32.26 10.43 15.73
CA GLN E 79 -32.67 9.98 14.40
C GLN E 79 -32.36 10.98 13.30
N PRO E 80 -32.52 12.29 13.59
CA PRO E 80 -32.25 13.36 12.63
C PRO E 80 -30.80 13.34 12.16
N ALA E 81 -29.87 13.03 13.06
CA ALA E 81 -28.47 12.95 12.68
C ALA E 81 -28.40 11.85 11.63
N LYS E 82 -29.17 10.77 11.84
CA LYS E 82 -29.20 9.69 10.87
C LYS E 82 -30.02 10.06 9.63
N SER E 83 -30.53 11.28 9.57
CA SER E 83 -31.41 11.73 8.50
C SER E 83 -30.57 12.38 7.39
N ILE E 84 -31.22 13.16 6.54
CA ILE E 84 -30.67 13.82 5.35
C ILE E 84 -29.40 14.64 5.57
N PRO E 85 -29.11 15.20 6.76
CA PRO E 85 -27.72 15.65 7.03
C PRO E 85 -26.66 14.58 6.82
N MET E 86 -26.83 13.39 7.38
CA MET E 86 -25.89 12.30 7.14
C MET E 86 -25.95 11.80 5.71
N ASN E 87 -27.12 11.90 5.06
CA ASN E 87 -27.22 11.48 3.66
C ASN E 87 -26.45 12.41 2.74
N ILE E 88 -26.51 13.72 2.98
CA ILE E 88 -25.69 14.65 2.20
C ILE E 88 -24.22 14.57 2.60
N PHE E 89 -23.93 14.22 3.86
CA PHE E 89 -22.55 14.03 4.30
C PHE E 89 -21.91 12.82 3.63
N MET E 90 -22.69 11.76 3.38
CA MET E 90 -22.18 10.62 2.63
C MET E 90 -22.29 10.83 1.13
N SER E 91 -23.10 11.79 0.67
CA SER E 91 -23.20 12.08 -0.75
C SER E 91 -22.08 13.00 -1.24
N TYR E 92 -21.31 13.60 -0.34
CA TYR E 92 -20.19 14.45 -0.69
C TYR E 92 -18.86 13.71 -0.70
N MET E 93 -18.89 12.38 -0.59
CA MET E 93 -17.67 11.59 -0.62
C MET E 93 -17.39 10.98 -1.99
N SER E 94 -18.35 11.06 -2.92
CA SER E 94 -18.30 10.73 -4.34
C SER E 94 -18.13 9.24 -4.64
N GLY E 95 -18.03 8.38 -3.63
CA GLY E 95 -17.98 6.94 -3.88
C GLY E 95 -16.69 6.42 -4.46
N THR E 96 -15.55 6.88 -3.96
CA THR E 96 -14.24 6.37 -4.36
C THR E 96 -13.56 5.73 -3.17
N SER E 97 -12.73 4.73 -3.43
CA SER E 97 -12.01 4.04 -2.37
C SER E 97 -10.71 4.73 -1.97
N LEU E 98 -10.37 5.86 -2.59
CA LEU E 98 -9.02 6.43 -2.52
C LEU E 98 -8.68 7.03 -1.16
N GLN E 99 -9.62 7.14 -0.24
CA GLN E 99 -9.34 7.61 1.10
C GLN E 99 -9.91 6.63 2.12
N ILE E 100 -9.25 6.55 3.28
CA ILE E 100 -9.67 5.64 4.34
C ILE E 100 -10.62 6.31 5.34
N ILE E 101 -10.77 7.63 5.27
CA ILE E 101 -11.70 8.33 6.16
C ILE E 101 -13.16 8.04 5.77
N PRO E 102 -13.59 8.08 4.47
CA PRO E 102 -14.96 7.63 4.18
C PRO E 102 -15.21 6.15 4.46
N ILE E 103 -14.22 5.29 4.20
CA ILE E 103 -14.38 3.86 4.46
C ILE E 103 -14.48 3.58 5.95
N MET E 104 -13.67 4.27 6.76
CA MET E 104 -13.69 4.06 8.19
C MET E 104 -14.94 4.66 8.83
N THR E 105 -15.43 5.80 8.31
CA THR E 105 -16.69 6.34 8.83
C THR E 105 -17.88 5.48 8.40
N ALA E 106 -17.82 4.85 7.22
CA ALA E 106 -18.89 3.92 6.85
C ALA E 106 -18.84 2.65 7.68
N LEU E 107 -17.63 2.21 8.07
CA LEU E 107 -17.53 1.09 9.01
C LEU E 107 -18.03 1.49 10.40
N MET E 108 -17.84 2.75 10.79
CA MET E 108 -18.41 3.22 12.05
C MET E 108 -19.92 3.28 11.98
N LEU E 109 -20.47 3.72 10.84
CA LEU E 109 -21.93 3.70 10.64
C LEU E 109 -22.47 2.28 10.60
N LEU E 110 -21.65 1.32 10.19
CA LEU E 110 -22.05 -0.09 10.26
C LEU E 110 -22.05 -0.61 11.69
N SER E 111 -20.96 -0.35 12.43
CA SER E 111 -20.71 -1.05 13.69
C SER E 111 -21.25 -0.35 14.92
N GLY E 112 -21.32 0.98 14.93
CA GLY E 112 -21.85 1.73 16.05
C GLY E 112 -23.32 1.48 16.34
N PRO E 113 -24.18 1.57 15.31
CA PRO E 113 -25.55 1.06 15.48
C PRO E 113 -25.63 -0.43 15.80
N ILE E 114 -24.67 -1.24 15.37
CA ILE E 114 -24.63 -2.65 15.75
C ILE E 114 -24.24 -2.79 17.21
N LYS E 115 -23.28 -1.98 17.67
CA LYS E 115 -22.88 -2.01 19.07
C LYS E 115 -23.97 -1.44 19.98
N ALA E 116 -24.76 -0.49 19.48
CA ALA E 116 -25.82 0.14 20.27
C ALA E 116 -27.19 -0.51 20.07
N ILE E 117 -27.23 -1.80 19.75
CA ILE E 117 -28.50 -2.51 19.66
C ILE E 117 -28.38 -3.87 20.34
N THR E 133 -47.17 4.16 32.90
CA THR E 133 -46.42 5.07 32.04
C THR E 133 -45.39 4.30 31.22
N GLN E 134 -45.42 2.97 31.34
CA GLN E 134 -44.50 2.11 30.61
C GLN E 134 -44.94 1.85 29.18
N SER E 135 -46.20 2.15 28.85
CA SER E 135 -46.76 1.86 27.52
C SER E 135 -46.66 3.04 26.56
N GLN E 136 -45.67 3.91 26.74
CA GLN E 136 -45.51 5.05 25.84
C GLN E 136 -44.09 5.11 25.30
N VAL E 137 -43.12 4.62 26.07
CA VAL E 137 -41.71 4.71 25.66
C VAL E 137 -41.25 3.49 24.88
N GLN E 138 -42.07 2.42 24.82
CA GLN E 138 -41.67 1.23 24.06
C GLN E 138 -41.69 1.49 22.56
N THR E 139 -42.58 2.36 22.10
CA THR E 139 -42.62 2.72 20.68
C THR E 139 -41.37 3.51 20.28
N ALA E 140 -40.94 4.45 21.12
CA ALA E 140 -39.70 5.18 20.85
C ALA E 140 -38.48 4.29 21.01
N MET E 141 -38.54 3.30 21.90
CA MET E 141 -37.44 2.36 22.06
C MET E 141 -37.28 1.45 20.84
N PHE E 142 -38.41 1.07 20.23
CA PHE E 142 -38.35 0.33 18.97
C PHE E 142 -37.92 1.23 17.82
N MET E 143 -38.37 2.49 17.82
CA MET E 143 -38.04 3.44 16.77
C MET E 143 -36.56 3.79 16.75
N TYR E 144 -35.93 3.82 17.94
CA TYR E 144 -34.50 4.12 18.04
C TYR E 144 -33.65 3.06 17.37
N ILE E 145 -33.91 1.78 17.67
CA ILE E 145 -33.13 0.72 17.07
C ILE E 145 -33.49 0.52 15.60
N VAL E 146 -34.73 0.86 15.22
CA VAL E 146 -35.12 0.79 13.81
C VAL E 146 -34.38 1.84 12.99
N PHE E 147 -34.29 3.07 13.49
CA PHE E 147 -33.57 4.08 12.73
C PHE E 147 -32.06 3.97 12.88
N GLN E 148 -31.56 3.30 13.92
CA GLN E 148 -30.15 2.92 13.92
C GLN E 148 -29.88 1.87 12.84
N GLY E 149 -30.81 0.94 12.64
CA GLY E 149 -30.72 0.04 11.49
C GLY E 149 -30.83 0.76 10.16
N VAL E 150 -31.59 1.85 10.12
CA VAL E 150 -31.68 2.67 8.91
C VAL E 150 -30.35 3.36 8.62
N LEU E 151 -29.69 3.86 9.67
CA LEU E 151 -28.35 4.43 9.50
C LEU E 151 -27.33 3.38 9.09
N MET E 152 -27.49 2.15 9.62
CA MET E 152 -26.65 1.03 9.19
C MET E 152 -26.88 0.70 7.72
N TYR E 153 -28.12 0.76 7.26
CA TYR E 153 -28.41 0.57 5.84
C TYR E 153 -27.87 1.71 4.99
N ILE E 154 -27.80 2.93 5.55
CA ILE E 154 -27.21 4.04 4.82
C ILE E 154 -25.71 3.83 4.63
N GLY E 155 -25.03 3.35 5.68
CA GLY E 155 -23.64 2.97 5.54
C GLY E 155 -23.42 1.81 4.60
N TYR E 156 -24.35 0.85 4.59
CA TYR E 156 -24.30 -0.26 3.65
C TYR E 156 -24.47 0.21 2.22
N ARG E 157 -25.37 1.19 2.01
CA ARG E 157 -25.57 1.78 0.69
C ARG E 157 -24.32 2.52 0.22
N LYS E 158 -23.63 3.18 1.16
CA LYS E 158 -22.37 3.85 0.82
C LYS E 158 -21.28 2.85 0.44
N LEU E 159 -21.14 1.77 1.21
CA LEU E 159 -20.14 0.76 0.91
C LEU E 159 -20.46 0.01 -0.39
N ASN E 160 -21.74 -0.16 -0.69
CA ASN E 160 -22.13 -0.85 -1.93
C ASN E 160 -21.97 0.06 -3.14
N SER E 161 -22.21 1.36 -2.99
CA SER E 161 -21.95 2.29 -4.09
C SER E 161 -20.48 2.55 -4.29
N MET E 162 -19.65 2.32 -3.27
CA MET E 162 -18.21 2.31 -3.50
C MET E 162 -17.76 1.09 -4.28
N GLY E 163 -18.52 0.00 -4.20
CA GLY E 163 -18.10 -1.26 -4.78
C GLY E 163 -17.28 -2.12 -3.85
N LEU E 164 -17.26 -1.81 -2.56
CA LEU E 164 -16.42 -2.48 -1.57
C LEU E 164 -17.09 -3.70 -0.95
N ILE E 165 -18.21 -4.16 -1.50
CA ILE E 165 -18.94 -5.31 -0.98
C ILE E 165 -18.91 -6.40 -2.03
N PRO E 166 -18.45 -7.62 -1.71
CA PRO E 166 -18.29 -8.67 -2.73
C PRO E 166 -19.61 -9.24 -3.23
N ASN E 167 -20.29 -8.50 -4.10
CA ASN E 167 -21.55 -8.96 -4.68
C ASN E 167 -21.32 -9.61 -6.04
N ALA E 168 -20.74 -8.86 -6.98
CA ALA E 168 -20.64 -9.28 -8.36
C ALA E 168 -19.45 -10.21 -8.56
N LYS E 169 -19.22 -10.60 -9.83
CA LYS E 169 -18.22 -11.60 -10.16
C LYS E 169 -16.80 -11.04 -10.23
N GLY E 170 -16.64 -9.72 -10.18
CA GLY E 170 -15.30 -9.14 -10.17
C GLY E 170 -14.55 -9.29 -8.88
N ASP E 171 -15.25 -9.65 -7.80
CA ASP E 171 -14.61 -9.91 -6.52
C ASP E 171 -14.20 -11.36 -6.36
N TRP E 172 -14.97 -12.28 -6.94
CA TRP E 172 -14.69 -13.71 -6.87
C TRP E 172 -14.05 -14.24 -8.14
N LEU E 173 -13.46 -13.36 -8.94
CA LEU E 173 -12.70 -13.71 -10.13
C LEU E 173 -11.33 -14.36 -9.84
N PRO E 174 -10.52 -13.93 -8.85
CA PRO E 174 -9.26 -14.68 -8.61
C PRO E 174 -9.47 -16.11 -8.15
N TRP E 175 -10.54 -16.39 -7.42
CA TRP E 175 -10.88 -17.76 -7.04
C TRP E 175 -11.88 -18.37 -8.01
N GLU E 176 -11.55 -18.28 -9.29
CA GLU E 176 -12.36 -18.87 -10.37
C GLU E 176 -11.43 -19.66 -11.27
N ARG E 177 -11.80 -20.91 -11.54
CA ARG E 177 -10.87 -21.85 -12.15
C ARG E 177 -10.79 -21.66 -13.66
N ILE E 178 -9.91 -22.43 -14.28
CA ILE E 178 -9.56 -22.28 -15.69
C ILE E 178 -10.16 -23.44 -16.46
N ALA E 179 -10.66 -23.15 -17.66
CA ALA E 179 -11.06 -24.21 -18.57
C ALA E 179 -9.81 -24.91 -19.10
N HIS E 180 -9.64 -26.18 -18.76
CA HIS E 180 -8.50 -26.95 -19.23
C HIS E 180 -8.81 -27.44 -20.63
N TYR E 181 -8.24 -26.76 -21.63
CA TYR E 181 -8.66 -26.98 -23.02
C TYR E 181 -7.97 -28.18 -23.65
N ASN E 182 -6.68 -28.35 -23.43
CA ASN E 182 -5.94 -29.38 -24.15
C ASN E 182 -6.23 -30.76 -23.58
N ASN E 183 -5.81 -30.99 -22.33
CA ASN E 183 -6.10 -32.22 -21.55
C ASN E 183 -5.69 -33.50 -22.27
N GLY E 184 -4.48 -33.47 -22.83
CA GLY E 184 -3.99 -34.66 -23.52
C GLY E 184 -3.51 -34.41 -24.93
N LEU E 185 -3.22 -33.16 -25.26
CA LEU E 185 -2.55 -32.83 -26.51
C LEU E 185 -1.60 -31.68 -26.29
N GLN E 186 -0.65 -31.54 -27.20
CA GLN E 186 0.35 -30.48 -27.16
C GLN E 186 0.41 -29.81 -28.52
N TRP E 187 0.75 -28.53 -28.52
CA TRP E 187 0.74 -27.73 -29.74
C TRP E 187 2.01 -26.90 -29.82
N PHE E 188 2.70 -27.00 -30.96
CA PHE E 188 3.95 -26.30 -31.21
C PHE E 188 3.88 -25.65 -32.58
N SER E 189 4.50 -24.49 -32.73
CA SER E 189 4.33 -23.73 -33.96
C SER E 189 5.67 -23.31 -34.54
N ASP E 190 5.63 -22.93 -35.81
CA ASP E 190 6.81 -22.54 -36.57
C ASP E 190 7.31 -21.16 -36.15
N SER F 2 9.58 -6.91 37.13
CA SER F 2 10.42 -7.65 38.05
C SER F 2 11.72 -8.09 37.38
N PHE F 3 12.51 -8.91 38.07
CA PHE F 3 13.76 -9.40 37.48
C PHE F 3 13.49 -10.53 36.50
N VAL F 4 12.58 -11.44 36.84
CA VAL F 4 12.23 -12.52 35.94
C VAL F 4 11.52 -11.98 34.71
N SER F 5 10.77 -10.88 34.86
CA SER F 5 10.10 -10.27 33.73
C SER F 5 11.09 -9.67 32.73
N LYS F 6 12.08 -8.93 33.23
CA LYS F 6 13.09 -8.37 32.34
C LYS F 6 14.00 -9.45 31.75
N LEU F 7 14.26 -10.50 32.52
CA LEU F 7 15.05 -11.62 32.02
C LEU F 7 14.33 -12.33 30.87
N LEU F 8 13.04 -12.65 31.06
CA LEU F 8 12.29 -13.32 30.00
C LEU F 8 11.99 -12.38 28.85
N TYR F 9 11.92 -11.06 29.10
CA TYR F 9 11.78 -10.10 28.03
C TYR F 9 13.01 -10.08 27.13
N THR F 10 14.20 -10.02 27.72
CA THR F 10 15.42 -10.01 26.92
C THR F 10 15.66 -11.36 26.25
N VAL F 11 15.34 -12.45 26.93
CA VAL F 11 15.53 -13.78 26.34
C VAL F 11 14.55 -14.01 25.20
N SER F 12 13.29 -13.58 25.35
CA SER F 12 12.33 -13.70 24.26
C SER F 12 12.67 -12.76 23.11
N ALA F 13 13.26 -11.59 23.40
CA ALA F 13 13.68 -10.69 22.34
C ALA F 13 14.84 -11.29 21.54
N LEU F 14 15.81 -11.89 22.23
CA LEU F 14 16.92 -12.53 21.53
C LEU F 14 16.46 -13.75 20.73
N VAL F 15 15.56 -14.57 21.31
CA VAL F 15 15.09 -15.76 20.63
C VAL F 15 14.20 -15.39 19.44
N LEU F 16 13.34 -14.38 19.59
CA LEU F 16 12.51 -13.94 18.47
C LEU F 16 13.32 -13.24 17.40
N PHE F 17 14.38 -12.52 17.76
CA PHE F 17 15.23 -11.90 16.76
C PHE F 17 16.04 -12.93 15.99
N HIS F 18 16.59 -13.94 16.69
CA HIS F 18 17.33 -14.99 16.02
C HIS F 18 16.42 -15.84 15.14
N SER F 19 15.19 -16.10 15.60
CA SER F 19 14.27 -16.89 14.80
C SER F 19 13.71 -16.10 13.62
N GLY F 20 13.54 -14.79 13.78
CA GLY F 20 13.13 -13.97 12.65
C GLY F 20 14.23 -13.82 11.63
N PHE F 21 15.48 -13.73 12.08
CA PHE F 21 16.60 -13.68 11.16
C PHE F 21 16.77 -15.02 10.43
N SER F 22 16.55 -16.13 11.13
CA SER F 22 16.64 -17.44 10.51
C SER F 22 15.51 -17.66 9.51
N SER F 23 14.29 -17.19 9.84
CA SER F 23 13.18 -17.30 8.91
C SER F 23 13.36 -16.36 7.72
N TYR F 24 14.00 -15.21 7.93
CA TYR F 24 14.34 -14.31 6.82
C TYR F 24 15.34 -14.97 5.89
N GLU F 25 16.38 -15.61 6.45
CA GLU F 25 17.35 -16.32 5.64
C GLU F 25 16.73 -17.47 4.88
N PHE F 26 15.82 -18.22 5.52
CA PHE F 26 15.17 -19.34 4.85
C PHE F 26 14.23 -18.87 3.74
N HIS F 27 13.45 -17.83 3.99
CA HIS F 27 12.50 -17.38 2.99
C HIS F 27 13.12 -16.54 1.90
N HIS F 28 14.33 -16.02 2.11
CA HIS F 28 15.06 -15.35 1.04
C HIS F 28 16.08 -16.27 0.37
N LEU F 29 16.28 -17.48 0.89
CA LEU F 29 16.91 -18.54 0.13
C LEU F 29 15.90 -19.36 -0.66
N LEU F 30 14.65 -19.39 -0.22
CA LEU F 30 13.60 -20.05 -1.01
C LEU F 30 13.22 -19.25 -2.22
N LYS F 31 13.31 -17.92 -2.14
CA LYS F 31 12.98 -17.08 -3.29
C LYS F 31 14.05 -17.17 -4.36
N LEU F 32 15.30 -17.40 -3.98
CA LEU F 32 16.36 -17.62 -4.95
C LEU F 32 16.34 -19.03 -5.54
N ASN F 33 15.72 -19.98 -4.84
CA ASN F 33 15.63 -21.36 -5.32
C ASN F 33 14.32 -21.63 -6.06
N SER F 34 13.51 -20.61 -6.29
CA SER F 34 12.29 -20.74 -7.09
C SER F 34 12.43 -20.06 -8.45
N LEU F 35 13.66 -19.81 -8.89
CA LEU F 35 13.92 -19.13 -10.14
C LEU F 35 14.69 -20.02 -11.11
N ILE F 42 6.39 -26.24 -1.40
CA ILE F 42 7.51 -27.17 -1.52
C ILE F 42 8.68 -26.66 -0.68
N SER F 43 9.16 -27.55 0.21
CA SER F 43 10.28 -27.30 1.13
C SER F 43 10.00 -26.08 2.01
N LYS F 44 8.99 -26.22 2.86
CA LYS F 44 8.57 -25.17 3.76
C LYS F 44 9.49 -25.14 4.98
N LEU F 45 9.07 -24.38 6.00
CA LEU F 45 9.94 -24.00 7.12
C LEU F 45 10.37 -25.22 7.94
N PRO F 46 11.66 -25.38 8.23
CA PRO F 46 12.09 -26.45 9.13
C PRO F 46 11.59 -26.18 10.54
N LYS F 47 11.21 -27.26 11.23
CA LYS F 47 10.44 -27.15 12.45
C LYS F 47 11.26 -26.65 13.64
N ASP F 48 12.59 -26.55 13.53
CA ASP F 48 13.36 -25.93 14.59
C ASP F 48 13.15 -24.42 14.61
N ILE F 49 13.01 -23.78 13.45
CA ILE F 49 12.71 -22.35 13.39
C ILE F 49 11.28 -22.08 13.86
N MET F 50 10.35 -22.97 13.52
CA MET F 50 8.97 -22.86 13.98
C MET F 50 8.87 -23.01 15.49
N TYR F 51 9.58 -24.00 16.05
CA TYR F 51 9.59 -24.17 17.49
C TYR F 51 10.37 -23.09 18.21
N GLU F 52 11.33 -22.45 17.55
CA GLU F 52 12.02 -21.32 18.16
C GLU F 52 11.15 -20.06 18.16
N THR F 53 10.34 -19.86 17.11
CA THR F 53 9.36 -18.77 17.15
C THR F 53 8.31 -19.01 18.22
N TYR F 54 7.89 -20.26 18.39
CA TYR F 54 6.93 -20.57 19.45
C TYR F 54 7.54 -20.43 20.83
N ALA F 55 8.83 -20.76 20.98
CA ALA F 55 9.52 -20.55 22.24
C ALA F 55 9.65 -19.07 22.55
N GLY F 56 9.95 -18.25 21.54
CA GLY F 56 10.01 -16.81 21.75
C GLY F 56 8.65 -16.21 22.08
N LEU F 57 7.59 -16.72 21.46
CA LEU F 57 6.25 -16.25 21.77
C LEU F 57 5.82 -16.64 23.18
N ILE F 58 6.13 -17.88 23.59
CA ILE F 58 5.79 -18.35 24.93
C ILE F 58 6.59 -17.60 25.99
N LEU F 59 7.87 -17.32 25.71
CA LEU F 59 8.67 -16.56 26.66
C LEU F 59 8.26 -15.10 26.72
N PHE F 60 7.76 -14.54 25.61
CA PHE F 60 7.25 -13.17 25.68
C PHE F 60 5.93 -13.10 26.45
N VAL F 61 5.08 -14.11 26.29
CA VAL F 61 3.82 -14.15 27.04
C VAL F 61 4.10 -14.32 28.53
N LEU F 62 5.08 -15.17 28.87
CA LEU F 62 5.49 -15.30 30.26
C LEU F 62 6.18 -14.05 30.78
N ALA F 63 6.85 -13.29 29.93
CA ALA F 63 7.45 -12.04 30.37
C ALA F 63 6.39 -10.97 30.60
N VAL F 64 5.32 -10.98 29.81
CA VAL F 64 4.21 -10.05 30.03
C VAL F 64 3.48 -10.40 31.32
N PHE F 65 3.21 -11.70 31.54
CA PHE F 65 2.40 -12.07 32.70
C PHE F 65 3.20 -12.11 34.00
N THR F 66 4.51 -12.29 33.96
CA THR F 66 5.32 -12.17 35.17
C THR F 66 5.80 -10.74 35.40
N SER F 67 5.39 -9.79 34.56
CA SER F 67 5.60 -8.38 34.89
C SER F 67 4.64 -7.91 35.96
N PHE F 68 3.52 -8.61 36.13
CA PHE F 68 2.56 -8.32 37.18
C PHE F 68 3.11 -8.86 38.49
N GLU F 69 3.51 -7.97 39.37
CA GLU F 69 3.83 -8.35 40.74
C GLU F 69 2.58 -8.22 41.59
N LYS F 70 2.50 -9.05 42.62
CA LYS F 70 1.38 -8.96 43.55
C LYS F 70 1.45 -7.66 44.33
N LEU F 71 0.30 -7.04 44.52
CA LEU F 71 0.23 -5.69 45.08
C LEU F 71 0.62 -5.70 46.55
N GLN F 72 1.71 -5.02 46.87
CA GLN F 72 2.20 -4.89 48.23
C GLN F 72 2.25 -3.41 48.59
N TYR F 73 2.07 -3.13 49.88
CA TYR F 73 1.98 -1.76 50.36
C TYR F 73 2.74 -1.64 51.67
N LEU F 74 3.38 -0.49 51.87
CA LEU F 74 3.89 -0.27 53.21
C LEU F 74 2.83 0.41 54.06
N PRO F 75 2.73 0.07 55.34
CA PRO F 75 1.83 0.81 56.23
C PRO F 75 2.34 2.23 56.46
N ILE F 76 1.42 3.17 56.56
CA ILE F 76 1.79 4.57 56.62
C ILE F 76 2.32 4.95 58.01
N GLU F 77 1.62 4.52 59.05
CA GLU F 77 2.02 4.91 60.40
C GLU F 77 3.23 4.13 60.88
N SER F 78 3.12 2.81 60.94
CA SER F 78 4.18 2.00 61.52
C SER F 78 5.35 1.86 60.56
N ASN F 79 6.56 1.76 61.13
CA ASN F 79 7.80 1.67 60.37
C ASN F 79 8.59 0.48 60.90
N ASP F 80 8.34 -0.69 60.33
CA ASP F 80 9.02 -1.92 60.73
C ASP F 80 9.11 -2.82 59.50
N GLY F 81 9.42 -4.10 59.73
CA GLY F 81 9.54 -5.05 58.65
C GLY F 81 8.24 -5.76 58.32
N LYS F 82 7.16 -5.01 58.19
CA LYS F 82 5.85 -5.56 57.85
C LYS F 82 5.35 -4.91 56.57
N ILE F 83 4.95 -5.73 55.61
CA ILE F 83 4.43 -5.28 54.33
C ILE F 83 3.05 -5.90 54.13
N ILE F 84 2.07 -5.07 53.79
CA ILE F 84 0.67 -5.49 53.69
C ILE F 84 0.40 -5.92 52.25
N SER F 85 -0.08 -7.15 52.09
CA SER F 85 -0.41 -7.65 50.76
C SER F 85 -1.73 -8.40 50.83
N GLN F 86 -2.67 -8.03 49.96
CA GLN F 86 -3.92 -8.76 49.84
C GLN F 86 -3.81 -9.97 48.94
N GLY F 87 -2.67 -10.19 48.29
CA GLY F 87 -2.53 -11.31 47.38
C GLY F 87 -3.20 -11.12 46.05
N ASN F 88 -3.32 -9.88 45.57
CA ASN F 88 -3.95 -9.58 44.30
C ASN F 88 -2.92 -9.01 43.33
N TYR F 89 -3.14 -9.28 42.04
CA TYR F 89 -2.33 -8.66 41.00
C TYR F 89 -2.92 -7.35 40.52
N LEU F 90 -4.24 -7.24 40.56
CA LEU F 90 -4.96 -6.04 40.15
C LEU F 90 -5.63 -5.41 41.36
N LYS F 91 -6.18 -4.22 41.16
CA LYS F 91 -6.84 -3.47 42.21
C LYS F 91 -8.35 -3.72 42.12
N GLU F 92 -8.96 -3.98 43.27
CA GLU F 92 -10.38 -4.31 43.30
C GLU F 92 -11.22 -3.08 43.01
N ILE F 93 -12.23 -3.27 42.17
CA ILE F 93 -13.03 -2.13 41.73
C ILE F 93 -14.15 -1.78 42.69
N ALA F 94 -14.67 -2.76 43.43
CA ALA F 94 -15.77 -2.51 44.35
C ALA F 94 -15.29 -1.69 45.54
N LEU F 95 -16.00 -0.60 45.83
CA LEU F 95 -15.58 0.37 46.83
C LEU F 95 -15.56 -0.21 48.25
N ASN F 96 -16.32 -1.29 48.50
CA ASN F 96 -16.15 -2.05 49.73
C ASN F 96 -14.74 -2.60 49.85
N LYS F 97 -14.24 -3.18 48.77
CA LYS F 97 -12.92 -3.81 48.76
C LYS F 97 -11.84 -2.93 48.16
N ALA F 98 -12.20 -1.81 47.52
CA ALA F 98 -11.18 -0.90 47.01
C ALA F 98 -10.51 -0.14 48.13
N THR F 99 -11.27 0.23 49.15
CA THR F 99 -10.77 0.96 50.30
C THR F 99 -10.18 0.04 51.36
N ASN F 100 -10.13 -1.26 51.11
CA ASN F 100 -9.42 -2.17 52.00
C ASN F 100 -7.93 -1.89 52.01
N VAL F 101 -7.38 -1.44 50.88
CA VAL F 101 -6.00 -1.00 50.82
C VAL F 101 -5.78 0.21 51.73
N ASP F 102 -6.72 1.15 51.72
CA ASP F 102 -6.58 2.36 52.51
C ASP F 102 -6.81 2.09 54.00
N ASN F 103 -7.63 1.09 54.33
CA ASN F 103 -7.86 0.74 55.73
C ASN F 103 -6.80 -0.18 56.30
N LEU F 104 -6.15 -1.00 55.46
CA LEU F 104 -5.12 -1.90 55.94
C LEU F 104 -3.82 -1.16 56.26
N ILE F 105 -3.48 -0.14 55.46
CA ILE F 105 -2.22 0.58 55.65
C ILE F 105 -2.38 1.80 56.55
N GLY F 106 -3.61 2.20 56.86
CA GLY F 106 -3.82 3.31 57.78
C GLY F 106 -3.94 4.66 57.12
N SER F 107 -4.42 4.72 55.89
CA SER F 107 -4.62 5.99 55.21
C SER F 107 -6.10 6.32 55.14
N ASN F 108 -6.40 7.50 54.64
CA ASN F 108 -7.76 7.96 54.42
C ASN F 108 -7.80 8.65 53.06
N PRO F 109 -8.54 8.10 52.08
CA PRO F 109 -8.47 8.63 50.71
C PRO F 109 -8.97 10.05 50.58
N ASN F 110 -9.97 10.44 51.38
CA ASN F 110 -10.33 11.85 51.50
C ASN F 110 -9.60 12.50 52.68
N GLY F 111 -8.28 12.31 52.73
CA GLY F 111 -7.50 12.88 53.81
C GLY F 111 -7.15 14.34 53.63
N GLU F 112 -7.26 14.85 52.40
CA GLU F 112 -7.10 16.28 52.15
C GLU F 112 -8.32 17.08 52.60
N ILE F 113 -9.38 16.40 53.03
CA ILE F 113 -10.54 17.02 53.65
C ILE F 113 -10.62 16.68 55.13
N ILE F 114 -10.34 15.41 55.47
CA ILE F 114 -10.55 14.91 56.83
C ILE F 114 -9.50 15.45 57.78
N PHE F 115 -8.25 15.53 57.35
CA PHE F 115 -7.15 15.88 58.24
C PHE F 115 -6.97 17.37 58.42
N THR F 116 -7.72 18.19 57.68
CA THR F 116 -7.60 19.65 57.56
C THR F 116 -6.17 20.10 57.29
N PRO F 117 -5.63 19.89 56.09
CA PRO F 117 -4.25 20.28 55.80
C PRO F 117 -4.07 21.74 55.44
N SER F 118 -5.14 22.53 55.38
CA SER F 118 -5.01 23.96 55.19
C SER F 118 -4.99 24.72 56.49
N PHE F 119 -5.74 24.26 57.49
CA PHE F 119 -5.81 24.88 58.80
C PHE F 119 -4.86 24.23 59.79
N VAL F 120 -3.59 24.12 59.43
CA VAL F 120 -2.58 23.60 60.33
C VAL F 120 -1.95 24.78 61.07
N ASP F 121 -2.05 24.76 62.40
CA ASP F 121 -1.33 25.73 63.20
C ASP F 121 0.15 25.38 63.11
N VAL F 122 0.88 26.14 62.29
CA VAL F 122 2.28 25.82 62.01
C VAL F 122 3.14 26.01 63.24
N HIS F 123 2.86 27.07 64.02
CA HIS F 123 3.60 27.31 65.26
C HIS F 123 3.33 26.24 66.29
N MET F 124 2.13 25.65 66.29
CA MET F 124 1.83 24.56 67.22
C MET F 124 2.59 23.30 66.86
N LYS F 125 2.70 23.00 65.55
CA LYS F 125 3.48 21.85 65.11
C LYS F 125 4.97 22.04 65.41
N ARG F 126 5.47 23.26 65.20
CA ARG F 126 6.87 23.55 65.52
C ARG F 126 7.11 23.51 67.03
N LYS F 127 6.13 23.92 67.83
CA LYS F 127 6.26 23.86 69.28
C LYS F 127 6.27 22.42 69.76
N ILE F 128 5.40 21.58 69.21
CA ILE F 128 5.36 20.16 69.62
C ILE F 128 6.63 19.43 69.19
N CYS F 129 7.14 19.73 67.98
CA CYS F 129 8.36 19.09 67.53
C CYS F 129 9.59 19.58 68.31
N ARG F 130 9.60 20.86 68.68
CA ARG F 130 10.71 21.40 69.46
C ARG F 130 10.70 20.86 70.88
N GLU F 131 9.51 20.72 71.47
CA GLU F 131 9.42 20.13 72.81
C GLU F 131 9.69 18.64 72.80
N TRP F 132 9.45 17.97 71.67
CA TRP F 132 9.82 16.56 71.56
C TRP F 132 11.32 16.38 71.37
N ALA F 133 11.96 17.28 70.61
CA ALA F 133 13.40 17.18 70.41
C ALA F 133 14.17 17.61 71.66
N SER F 134 13.61 18.55 72.43
CA SER F 134 14.29 18.97 73.65
C SER F 134 14.20 17.92 74.74
N ASN F 135 13.10 17.16 74.79
CA ASN F 135 12.95 16.09 75.76
C ASN F 135 13.83 14.90 75.41
N GLN G 10 -23.79 -1.99 42.38
CA GLN G 10 -22.47 -1.98 42.97
C GLN G 10 -21.77 -0.64 42.73
N ILE G 11 -21.27 -0.04 43.82
CA ILE G 11 -20.54 1.21 43.73
C ILE G 11 -19.08 0.90 43.46
N ASN G 12 -18.59 1.34 42.31
CA ASN G 12 -17.22 1.07 41.90
C ASN G 12 -16.31 2.26 42.20
N ALA G 13 -15.04 1.96 42.40
CA ALA G 13 -13.99 2.97 42.49
C ALA G 13 -13.37 3.12 41.11
N THR G 14 -13.64 4.24 40.45
CA THR G 14 -13.32 4.39 39.03
C THR G 14 -11.83 4.44 38.75
N ALA G 15 -11.01 4.83 39.73
CA ALA G 15 -9.56 4.80 39.55
C ALA G 15 -9.06 3.37 39.41
N ASN G 16 -9.63 2.45 40.19
CA ASN G 16 -9.27 1.04 40.07
C ASN G 16 -9.76 0.44 38.76
N VAL G 17 -10.93 0.88 38.27
CA VAL G 17 -11.44 0.43 36.98
C VAL G 17 -10.51 0.86 35.85
N VAL G 18 -10.09 2.13 35.89
CA VAL G 18 -9.21 2.67 34.86
C VAL G 18 -7.84 2.01 34.92
N ASP G 19 -7.32 1.73 36.12
CA ASP G 19 -6.02 1.10 36.25
C ASP G 19 -6.04 -0.37 35.79
N ASN G 20 -7.11 -1.09 36.11
CA ASN G 20 -7.23 -2.47 35.65
C ASN G 20 -7.40 -2.54 34.14
N LYS G 21 -8.16 -1.61 33.56
CA LYS G 21 -8.27 -1.55 32.11
C LYS G 21 -6.96 -1.15 31.47
N LYS G 22 -6.14 -0.35 32.15
CA LYS G 22 -4.82 0.01 31.62
C LYS G 22 -3.88 -1.18 31.60
N ARG G 23 -3.88 -1.99 32.68
CA ARG G 23 -3.04 -3.20 32.70
C ARG G 23 -3.50 -4.21 31.66
N LEU G 24 -4.82 -4.38 31.51
CA LEU G 24 -5.37 -5.28 30.50
C LEU G 24 -5.04 -4.78 29.09
N LEU G 25 -5.06 -3.47 28.87
CA LEU G 25 -4.69 -2.92 27.58
C LEU G 25 -3.23 -3.12 27.28
N PHE G 26 -2.36 -3.05 28.30
CA PHE G 26 -0.95 -3.36 28.11
C PHE G 26 -0.76 -4.81 27.66
N VAL G 27 -1.43 -5.74 28.35
CA VAL G 27 -1.34 -7.15 28.01
C VAL G 27 -1.82 -7.41 26.59
N GLN G 28 -2.97 -6.83 26.24
CA GLN G 28 -3.55 -7.06 24.92
C GLN G 28 -2.75 -6.40 23.80
N ASP G 29 -2.15 -5.23 24.07
CA ASP G 29 -1.33 -4.56 23.06
C ASP G 29 -0.04 -5.31 22.79
N SER G 30 0.67 -5.71 23.85
CA SER G 30 1.90 -6.47 23.69
C SER G 30 1.63 -7.82 23.03
N SER G 31 0.52 -8.46 23.41
CA SER G 31 0.16 -9.75 22.86
C SER G 31 -0.20 -9.65 21.39
N ALA G 32 -0.97 -8.62 21.01
CA ALA G 32 -1.36 -8.45 19.61
C ALA G 32 -0.17 -8.15 18.72
N LEU G 33 0.74 -7.27 19.19
CA LEU G 33 1.90 -6.93 18.37
C LEU G 33 2.86 -8.10 18.23
N VAL G 34 3.09 -8.87 19.30
CA VAL G 34 4.04 -9.97 19.18
C VAL G 34 3.40 -11.17 18.47
N LEU G 35 2.07 -11.35 18.59
CA LEU G 35 1.39 -12.35 17.77
C LEU G 35 1.43 -12.00 16.29
N GLY G 36 1.35 -10.71 15.97
CA GLY G 36 1.53 -10.29 14.59
C GLY G 36 2.95 -10.52 14.09
N LEU G 37 3.95 -10.25 14.93
CA LEU G 37 5.33 -10.49 14.55
C LEU G 37 5.61 -11.98 14.34
N VAL G 38 5.03 -12.84 15.17
CA VAL G 38 5.26 -14.27 15.01
C VAL G 38 4.47 -14.83 13.83
N ALA G 39 3.26 -14.32 13.57
CA ALA G 39 2.52 -14.71 12.38
C ALA G 39 3.17 -14.20 11.10
N GLY G 40 3.97 -13.13 11.18
CA GLY G 40 4.76 -12.71 10.04
C GLY G 40 6.06 -13.48 9.89
N PHE G 41 6.66 -13.89 11.01
CA PHE G 41 7.89 -14.68 10.95
C PHE G 41 7.63 -16.07 10.42
N LEU G 42 6.46 -16.64 10.71
CA LEU G 42 6.09 -17.95 10.23
C LEU G 42 5.47 -17.93 8.84
N GLN G 43 5.23 -16.73 8.29
CA GLN G 43 4.64 -16.49 6.97
C GLN G 43 3.28 -17.18 6.85
N ILE G 44 2.37 -16.78 7.72
CA ILE G 44 1.04 -17.37 7.78
C ILE G 44 0.11 -16.56 6.88
N GLU G 45 -0.70 -17.26 6.08
CA GLU G 45 -1.63 -16.62 5.16
C GLU G 45 -2.93 -16.29 5.89
N SER G 46 -3.97 -15.93 5.13
CA SER G 46 -5.14 -15.20 5.62
C SER G 46 -5.98 -15.88 6.70
N VAL G 47 -6.64 -16.98 6.34
CA VAL G 47 -7.59 -17.59 7.27
C VAL G 47 -6.84 -18.27 8.40
N HIS G 48 -5.70 -18.89 8.10
CA HIS G 48 -4.86 -19.46 9.14
C HIS G 48 -4.30 -18.38 10.06
N GLY G 49 -4.02 -17.19 9.52
CA GLY G 49 -3.53 -16.10 10.36
C GLY G 49 -4.58 -15.51 11.26
N PHE G 50 -5.80 -15.31 10.74
CA PHE G 50 -6.86 -14.74 11.58
C PHE G 50 -7.36 -15.75 12.61
N ILE G 51 -7.44 -17.03 12.25
CA ILE G 51 -7.82 -18.06 13.23
C ILE G 51 -6.70 -18.25 14.25
N TRP G 52 -5.44 -18.12 13.82
CA TRP G 52 -4.29 -18.12 14.73
C TRP G 52 -4.39 -17.00 15.74
N PHE G 53 -4.74 -15.79 15.28
CA PHE G 53 -4.86 -14.65 16.19
C PHE G 53 -6.02 -14.82 17.14
N LEU G 54 -7.15 -15.32 16.66
CA LEU G 54 -8.31 -15.53 17.54
C LEU G 54 -7.98 -16.55 18.63
N ILE G 55 -7.38 -17.68 18.24
CA ILE G 55 -7.07 -18.75 19.18
C ILE G 55 -6.02 -18.29 20.20
N LEU G 56 -4.92 -17.70 19.74
CA LEU G 56 -3.86 -17.36 20.68
C LEU G 56 -4.15 -16.08 21.47
N TYR G 57 -4.88 -15.13 20.89
CA TYR G 57 -5.27 -13.93 21.63
C TYR G 57 -6.30 -14.25 22.70
N ASN G 58 -7.28 -15.10 22.40
CA ASN G 58 -8.22 -15.48 23.44
C ASN G 58 -7.60 -16.46 24.43
N LEU G 59 -6.57 -17.21 24.02
CA LEU G 59 -5.83 -18.02 24.99
C LEU G 59 -5.04 -17.16 25.94
N ILE G 60 -4.46 -16.06 25.44
CA ILE G 60 -3.77 -15.10 26.30
C ILE G 60 -4.75 -14.42 27.25
N ASN G 61 -5.97 -14.13 26.77
CA ASN G 61 -7.00 -13.58 27.65
C ASN G 61 -7.44 -14.59 28.71
N VAL G 62 -7.48 -15.87 28.37
CA VAL G 62 -7.83 -16.90 29.34
C VAL G 62 -6.72 -17.05 30.38
N ILE G 63 -5.46 -16.96 29.94
CA ILE G 63 -4.33 -16.97 30.88
C ILE G 63 -4.34 -15.71 31.75
N TYR G 64 -4.86 -14.61 31.23
CA TYR G 64 -5.01 -13.40 32.03
C TYR G 64 -6.09 -13.58 33.10
N ILE G 65 -7.18 -14.27 32.76
CA ILE G 65 -8.24 -14.51 33.75
C ILE G 65 -7.77 -15.50 34.81
N VAL G 66 -6.98 -16.50 34.40
CA VAL G 66 -6.53 -17.53 35.34
C VAL G 66 -5.41 -17.01 36.24
N TRP G 67 -4.40 -16.39 35.65
CA TRP G 67 -3.20 -16.02 36.39
C TRP G 67 -3.31 -14.65 37.05
N ILE G 68 -3.77 -13.64 36.31
CA ILE G 68 -3.80 -12.28 36.83
C ILE G 68 -5.09 -11.99 37.58
N CYS G 69 -6.23 -12.28 36.96
CA CYS G 69 -7.51 -12.08 37.64
C CYS G 69 -7.79 -13.15 38.69
N GLN G 70 -7.00 -14.23 38.72
CA GLN G 70 -7.05 -15.28 39.74
C GLN G 70 -8.41 -15.96 39.82
N LEU G 71 -8.92 -16.34 38.65
CA LEU G 71 -10.19 -17.03 38.41
C LEU G 71 -11.42 -16.23 38.85
N GLN G 72 -11.27 -14.92 39.09
CA GLN G 72 -12.41 -14.05 39.38
C GLN G 72 -12.16 -12.68 38.79
N PRO G 73 -12.46 -12.48 37.51
CA PRO G 73 -12.34 -11.16 36.91
C PRO G 73 -13.49 -10.21 37.20
N GLY G 74 -14.48 -10.63 38.01
CA GLY G 74 -15.58 -9.76 38.34
C GLY G 74 -15.28 -8.76 39.43
N LYS G 75 -14.31 -9.04 40.29
CA LYS G 75 -13.86 -8.08 41.29
C LYS G 75 -12.83 -7.11 40.74
N PHE G 76 -12.34 -7.35 39.53
CA PHE G 76 -11.35 -6.49 38.90
C PHE G 76 -11.86 -5.80 37.64
N TYR G 77 -12.89 -6.33 37.00
CA TYR G 77 -13.49 -5.73 35.82
C TYR G 77 -15.00 -5.85 35.93
N GLN G 78 -15.71 -4.73 35.86
CA GLN G 78 -17.16 -4.79 35.73
C GLN G 78 -17.51 -5.20 34.31
N SER G 79 -18.40 -6.19 34.17
CA SER G 79 -18.68 -6.92 32.94
C SER G 79 -17.38 -7.46 32.36
N PRO G 80 -16.81 -8.53 32.94
CA PRO G 80 -15.48 -8.99 32.51
C PRO G 80 -15.45 -9.57 31.11
N LEU G 81 -16.56 -10.13 30.63
CA LEU G 81 -16.59 -10.64 29.26
C LEU G 81 -16.56 -9.48 28.26
N GLN G 82 -17.23 -8.39 28.58
CA GLN G 82 -17.19 -7.20 27.73
C GLN G 82 -15.87 -6.47 27.83
N ASP G 83 -15.18 -6.57 28.96
CA ASP G 83 -13.93 -5.83 29.17
C ASP G 83 -12.72 -6.56 28.65
N ILE G 84 -12.63 -7.88 28.86
CA ILE G 84 -11.45 -8.64 28.51
C ILE G 84 -11.49 -9.12 27.07
N PHE G 85 -12.59 -9.75 26.66
CA PHE G 85 -12.68 -10.33 25.33
C PHE G 85 -13.22 -9.36 24.29
N PHE G 86 -14.00 -8.37 24.70
CA PHE G 86 -14.48 -7.31 23.82
C PHE G 86 -13.80 -6.01 24.21
N GLU G 87 -14.26 -4.91 23.59
CA GLU G 87 -13.92 -3.51 23.89
C GLU G 87 -12.50 -3.14 23.46
N SER G 88 -11.70 -4.12 23.05
CA SER G 88 -10.41 -3.91 22.43
C SER G 88 -10.18 -4.90 21.30
N PHE G 89 -11.25 -5.54 20.82
CA PHE G 89 -11.09 -6.61 19.84
C PHE G 89 -10.70 -6.07 18.48
N PHE G 90 -11.39 -5.03 18.01
CA PHE G 90 -11.03 -4.42 16.74
C PHE G 90 -9.69 -3.70 16.83
N ARG G 91 -9.40 -3.13 17.99
CA ARG G 91 -8.11 -2.46 18.21
C ARG G 91 -6.96 -3.46 18.15
N GLU G 92 -7.12 -4.60 18.84
CA GLU G 92 -6.05 -5.59 18.81
C GLU G 92 -6.00 -6.34 17.49
N ILE G 93 -7.12 -6.45 16.76
CA ILE G 93 -7.02 -7.12 15.47
C ILE G 93 -6.41 -6.19 14.43
N THR G 94 -6.57 -4.88 14.57
CA THR G 94 -5.84 -3.97 13.67
C THR G 94 -4.36 -3.89 14.03
N GLY G 95 -4.03 -3.95 15.33
CA GLY G 95 -2.63 -4.06 15.70
C GLY G 95 -1.98 -5.36 15.27
N PHE G 96 -2.75 -6.46 15.31
CA PHE G 96 -2.27 -7.73 14.78
C PHE G 96 -2.07 -7.68 13.28
N VAL G 97 -3.00 -7.06 12.55
CA VAL G 97 -2.87 -6.93 11.11
C VAL G 97 -1.67 -6.06 10.74
N MET G 98 -1.42 -5.01 11.53
CA MET G 98 -0.27 -4.15 11.27
C MET G 98 1.06 -4.87 11.52
N ALA G 99 1.19 -5.54 12.68
CA ALA G 99 2.42 -6.27 12.96
C ALA G 99 2.55 -7.51 12.06
N TRP G 100 1.42 -8.06 11.61
CA TRP G 100 1.40 -9.19 10.71
C TRP G 100 1.94 -8.82 9.34
N THR G 101 1.46 -7.69 8.81
CA THR G 101 1.97 -7.19 7.54
C THR G 101 3.43 -6.77 7.64
N PHE G 102 3.82 -6.19 8.78
CA PHE G 102 5.23 -5.82 8.99
C PHE G 102 6.15 -7.03 9.00
N GLY G 103 5.79 -8.05 9.78
CA GLY G 103 6.62 -9.24 9.84
C GLY G 103 6.57 -10.07 8.58
N TYR G 104 5.41 -10.10 7.90
CA TYR G 104 5.29 -10.86 6.67
C TYR G 104 6.05 -10.20 5.53
N ALA G 105 6.08 -8.87 5.52
CA ALA G 105 6.86 -8.16 4.51
C ALA G 105 8.35 -8.19 4.83
N LEU G 106 8.71 -8.19 6.11
CA LEU G 106 10.11 -8.19 6.49
C LEU G 106 10.77 -9.56 6.39
N ILE G 107 10.00 -10.63 6.21
CA ILE G 107 10.58 -11.96 6.07
C ILE G 107 10.44 -12.44 4.63
N ARG H 21 6.81 16.70 -67.80
CA ARG H 21 6.22 15.39 -67.66
C ARG H 21 6.32 14.90 -66.22
N ARG H 22 7.54 14.82 -65.70
CA ARG H 22 7.80 14.36 -64.34
C ARG H 22 8.18 15.55 -63.47
N GLY H 23 7.56 15.63 -62.29
CA GLY H 23 7.75 16.77 -61.43
C GLY H 23 8.94 16.61 -60.49
N THR H 24 9.35 17.73 -59.90
CA THR H 24 10.45 17.78 -58.95
C THR H 24 10.02 18.58 -57.73
N ILE H 25 10.25 18.03 -56.55
CA ILE H 25 9.96 18.69 -55.29
C ILE H 25 11.27 19.13 -54.66
N LYS H 26 11.42 20.42 -54.43
CA LYS H 26 12.58 20.95 -53.73
C LYS H 26 12.33 20.91 -52.23
N GLY H 27 13.19 21.55 -51.46
CA GLY H 27 13.02 21.60 -50.02
C GLY H 27 14.29 22.11 -49.39
N ARG H 28 14.22 22.51 -48.11
CA ARG H 28 15.41 22.96 -47.39
C ARG H 28 15.13 22.84 -45.90
N LEU H 29 15.79 21.89 -45.24
CA LEU H 29 15.77 21.81 -43.79
C LEU H 29 16.98 22.60 -43.29
N ASP H 30 16.73 23.84 -42.87
CA ASP H 30 17.80 24.77 -42.51
C ASP H 30 18.35 24.40 -41.14
N LEU H 31 19.50 23.71 -41.14
CA LEU H 31 20.17 23.33 -39.91
C LEU H 31 21.33 24.26 -39.56
N ALA H 32 21.96 24.86 -40.56
CA ALA H 32 22.98 25.86 -40.29
C ALA H 32 22.39 27.19 -39.83
N ALA H 33 21.08 27.39 -40.06
CA ALA H 33 20.38 28.58 -39.60
C ALA H 33 19.93 28.48 -38.13
N SER H 34 20.34 27.42 -37.43
CA SER H 34 20.05 27.27 -36.02
C SER H 34 21.27 26.79 -35.23
N ASN H 35 22.47 26.87 -35.83
CA ASN H 35 23.75 26.45 -35.24
C ASN H 35 23.72 24.98 -34.82
N ILE H 36 23.27 24.12 -35.75
CA ILE H 36 23.27 22.67 -35.54
C ILE H 36 24.13 22.04 -36.62
N THR H 37 25.22 22.72 -36.99
CA THR H 37 26.06 22.30 -38.11
C THR H 37 26.74 20.95 -37.86
N GLY H 38 26.98 20.60 -36.60
CA GLY H 38 27.55 19.30 -36.29
C GLY H 38 26.48 18.23 -36.15
N PHE H 39 26.26 17.46 -37.21
CA PHE H 39 25.19 16.47 -37.24
C PHE H 39 25.54 15.39 -38.26
N VAL H 40 24.79 14.30 -38.21
CA VAL H 40 24.88 13.23 -39.20
C VAL H 40 23.72 13.40 -40.18
N SER H 41 24.04 13.43 -41.47
CA SER H 41 23.04 13.67 -42.49
C SER H 41 22.10 12.49 -42.69
N THR H 42 22.51 11.29 -42.28
CA THR H 42 21.72 10.09 -42.53
C THR H 42 20.70 9.83 -41.43
N ARG H 43 20.74 10.58 -40.33
CA ARG H 43 19.72 10.47 -39.30
C ARG H 43 18.47 11.26 -39.63
N THR H 44 18.49 12.09 -40.68
CA THR H 44 17.31 12.79 -41.16
C THR H 44 16.99 12.30 -42.57
N SER H 45 15.78 11.81 -42.75
CA SER H 45 15.32 11.31 -44.04
C SER H 45 14.07 12.07 -44.47
N PHE H 46 13.77 11.98 -45.76
CA PHE H 46 12.58 12.63 -46.31
C PHE H 46 11.88 11.62 -47.19
N LYS H 47 10.69 11.20 -46.77
CA LYS H 47 9.92 10.20 -47.48
C LYS H 47 8.85 10.89 -48.32
N LEU H 48 8.52 10.29 -49.46
CA LEU H 48 7.48 10.79 -50.33
C LEU H 48 6.57 9.64 -50.72
N TYR H 49 5.27 9.81 -50.50
CA TYR H 49 4.30 8.74 -50.76
C TYR H 49 3.15 9.31 -51.59
N GLN H 50 2.90 8.71 -52.75
CA GLN H 50 1.90 9.24 -53.67
C GLN H 50 0.48 8.86 -53.23
N ILE H 51 -0.42 9.84 -53.27
CA ILE H 51 -1.85 9.62 -53.07
C ILE H 51 -2.63 10.42 -54.10
N GLY H 52 -3.93 10.19 -54.13
CA GLY H 52 -4.81 10.98 -54.96
C GLY H 52 -5.00 10.48 -56.38
N ASN H 53 -5.46 9.24 -56.51
CA ASN H 53 -5.88 8.62 -57.76
C ASN H 53 -4.74 8.57 -58.79
N PHE H 54 -3.73 7.80 -58.44
CA PHE H 54 -2.62 7.51 -59.34
C PHE H 54 -3.06 6.53 -60.42
N SER H 55 -2.17 6.30 -61.39
CA SER H 55 -2.50 5.49 -62.55
C SER H 55 -1.53 4.34 -62.76
N THR H 56 -0.78 3.96 -61.73
CA THR H 56 0.14 2.84 -61.79
C THR H 56 -0.37 1.72 -60.89
N GLU H 57 0.43 0.65 -60.79
CA GLU H 57 0.08 -0.47 -59.92
C GLU H 57 0.21 -0.07 -58.46
N TYR H 58 1.39 0.33 -58.05
CA TYR H 58 1.72 0.82 -56.73
C TYR H 58 1.87 2.33 -56.75
N PRO H 59 1.52 3.01 -55.65
CA PRO H 59 1.84 4.43 -55.54
C PRO H 59 3.33 4.65 -55.42
N TYR H 60 3.79 5.81 -55.87
CA TYR H 60 5.20 6.11 -55.91
C TYR H 60 5.71 6.41 -54.50
N THR H 61 6.73 5.68 -54.06
CA THR H 61 7.36 5.89 -52.76
C THR H 61 8.84 6.15 -52.98
N SER H 62 9.33 7.24 -52.43
CA SER H 62 10.74 7.60 -52.52
C SER H 62 11.23 8.01 -51.13
N THR H 63 12.54 7.99 -50.96
CA THR H 63 13.16 8.47 -49.72
C THR H 63 14.51 9.05 -50.04
N THR H 64 14.69 10.34 -49.79
CA THR H 64 15.95 11.01 -50.05
C THR H 64 16.55 11.53 -48.74
N MET H 65 17.79 12.00 -48.87
CA MET H 65 18.55 12.60 -47.79
C MET H 65 18.93 14.02 -48.20
N PHE H 66 19.79 14.64 -47.41
CA PHE H 66 20.28 15.98 -47.71
C PHE H 66 21.17 15.97 -48.96
N GLN H 67 21.33 17.13 -49.56
CA GLN H 67 22.25 17.31 -50.67
C GLN H 67 23.45 18.18 -50.32
N ASP H 68 23.28 19.16 -49.43
CA ASP H 68 24.34 20.08 -49.07
C ASP H 68 24.35 20.24 -47.55
N ASP H 69 25.31 21.00 -47.06
CA ASP H 69 25.35 21.33 -45.64
C ASP H 69 24.30 22.38 -45.27
N GLU H 70 23.74 23.08 -46.26
CA GLU H 70 22.62 23.98 -45.99
C GLU H 70 21.37 23.20 -45.63
N GLY H 71 21.14 22.06 -46.29
CA GLY H 71 20.06 21.18 -45.93
C GLY H 71 19.01 21.05 -47.00
N ASN H 72 19.37 21.34 -48.25
CA ASN H 72 18.40 21.43 -49.33
C ASN H 72 18.24 20.07 -50.00
N PHE H 73 17.25 19.30 -49.56
CA PHE H 73 16.91 18.04 -50.20
C PHE H 73 16.13 18.28 -51.49
N GLU H 74 15.89 17.21 -52.23
CA GLU H 74 15.17 17.30 -53.51
C GLU H 74 14.66 15.93 -53.90
N PHE H 75 13.38 15.85 -54.26
CA PHE H 75 12.81 14.69 -54.93
C PHE H 75 12.72 14.98 -56.43
N ALA H 76 13.02 13.97 -57.24
CA ALA H 76 13.04 14.16 -58.69
C ALA H 76 12.46 12.93 -59.36
N ASN H 77 12.05 13.13 -60.63
CA ASN H 77 11.52 12.08 -61.52
C ASN H 77 10.28 11.42 -60.94
N LEU H 78 9.37 12.21 -60.42
CA LEU H 78 8.14 11.68 -59.85
C LEU H 78 7.11 11.47 -60.95
N PRO H 79 6.43 10.32 -61.01
CA PRO H 79 5.39 10.12 -62.02
C PRO H 79 4.15 10.95 -61.71
N LEU H 80 3.62 11.61 -62.73
CA LEU H 80 2.47 12.48 -62.58
C LEU H 80 1.32 11.98 -63.44
N ASN H 81 0.11 12.39 -63.06
CA ASN H 81 -1.08 12.08 -63.84
C ASN H 81 -1.16 13.06 -65.00
N ASP H 82 -0.99 12.56 -66.22
CA ASP H 82 -0.95 13.43 -67.40
C ASP H 82 -2.37 13.71 -67.86
N GLY H 83 -2.76 14.99 -67.82
CA GLY H 83 -4.08 15.41 -68.22
C GLY H 83 -4.36 16.83 -67.79
N VAL H 84 -5.24 17.52 -68.52
CA VAL H 84 -5.50 18.93 -68.25
C VAL H 84 -6.33 19.05 -66.96
N ASN H 85 -5.87 19.94 -66.06
CA ASN H 85 -6.50 20.21 -64.76
C ASN H 85 -6.58 18.95 -63.89
N GLU H 86 -5.61 18.05 -64.03
CA GLU H 86 -5.55 16.82 -63.27
C GLU H 86 -4.46 16.94 -62.22
N THR H 87 -4.76 16.51 -60.99
CA THR H 87 -3.84 16.62 -59.87
C THR H 87 -3.27 15.26 -59.50
N THR H 88 -2.05 15.30 -58.95
CA THR H 88 -1.41 14.12 -58.37
C THR H 88 -0.80 14.54 -57.05
N TYR H 89 -1.15 13.85 -55.97
CA TYR H 89 -0.78 14.31 -54.64
C TYR H 89 0.36 13.48 -54.07
N TYR H 90 1.15 14.12 -53.22
CA TYR H 90 2.26 13.43 -52.55
C TYR H 90 2.32 13.89 -51.11
N VAL H 91 2.33 12.95 -50.17
CA VAL H 91 2.59 13.28 -48.77
C VAL H 91 4.09 13.17 -48.55
N MET H 92 4.70 14.27 -48.15
CA MET H 92 6.11 14.30 -47.77
C MET H 92 6.21 14.22 -46.27
N TYR H 93 7.03 13.28 -45.80
CA TYR H 93 7.32 13.04 -44.39
C TYR H 93 8.75 13.48 -44.14
N PRO H 94 8.99 14.67 -43.62
CA PRO H 94 10.33 15.00 -43.13
C PRO H 94 10.52 14.42 -41.73
N ALA H 95 11.38 13.40 -41.64
CA ALA H 95 11.65 12.75 -40.37
C ALA H 95 13.10 12.93 -40.00
N SER H 96 13.38 12.98 -38.70
CA SER H 96 14.75 13.09 -38.25
C SER H 96 14.86 12.44 -36.88
N MET H 97 15.90 11.63 -36.69
CA MET H 97 16.17 11.03 -35.40
C MET H 97 16.89 11.99 -34.46
N ASP H 98 17.25 13.18 -34.93
CA ASP H 98 17.91 14.19 -34.12
C ASP H 98 16.94 15.25 -33.60
N PHE H 99 16.18 15.88 -34.49
CA PHE H 99 15.35 17.02 -34.13
C PHE H 99 13.89 16.75 -34.40
N ASN H 100 13.04 17.43 -33.62
CA ASN H 100 11.64 17.60 -34.02
C ASN H 100 11.58 18.56 -35.19
N LEU H 101 10.55 18.41 -36.02
CA LEU H 101 10.35 19.26 -37.18
C LEU H 101 8.93 19.80 -37.17
N LYS H 102 8.76 21.06 -37.60
CA LYS H 102 7.48 21.75 -37.40
C LYS H 102 6.40 21.28 -38.38
N PRO H 103 6.59 21.24 -39.74
CA PRO H 103 5.56 20.56 -40.54
C PRO H 103 5.80 19.06 -40.54
N ASN H 104 4.92 18.31 -39.86
CA ASN H 104 5.07 16.87 -39.80
C ASN H 104 4.86 16.23 -41.17
N ARG H 105 3.84 16.69 -41.90
CA ARG H 105 3.60 16.19 -43.25
C ARG H 105 3.30 17.36 -44.16
N ILE H 106 3.64 17.20 -45.43
CA ILE H 106 3.42 18.23 -46.43
C ILE H 106 2.70 17.62 -47.61
N LEU H 107 1.47 18.07 -47.85
CA LEU H 107 0.74 17.64 -49.03
C LEU H 107 1.27 18.39 -50.25
N ILE H 108 1.39 17.68 -51.36
CA ILE H 108 1.98 18.20 -52.59
C ILE H 108 0.96 18.02 -53.70
N GLU H 109 0.49 19.14 -54.26
CA GLU H 109 -0.38 19.14 -55.42
C GLU H 109 0.45 19.46 -56.65
N PHE H 110 0.25 18.70 -57.72
CA PHE H 110 1.04 18.75 -58.94
C PHE H 110 0.14 18.95 -60.15
N LYS H 111 -0.69 19.99 -60.11
CA LYS H 111 -1.76 20.17 -61.08
C LYS H 111 -1.20 20.54 -62.45
N ASN H 112 -1.55 19.74 -63.47
CA ASN H 112 -1.17 20.02 -64.85
C ASN H 112 -2.21 20.96 -65.45
N LEU H 113 -1.88 22.24 -65.51
CA LEU H 113 -2.81 23.27 -65.96
C LEU H 113 -2.94 23.25 -67.48
N GLU H 114 -3.95 23.99 -67.97
CA GLU H 114 -4.05 24.37 -69.36
C GLU H 114 -3.16 25.56 -69.70
N ASN H 115 -2.51 26.14 -68.68
CA ASN H 115 -1.56 27.24 -68.77
C ASN H 115 -0.31 26.92 -69.58
N GLY H 116 -0.06 25.66 -69.91
CA GLY H 116 1.19 25.24 -70.48
C GLY H 116 2.26 24.93 -69.47
N THR H 117 1.97 25.07 -68.17
CA THR H 117 2.92 24.88 -67.10
C THR H 117 2.49 23.71 -66.23
N LEU H 118 3.14 23.57 -65.08
CA LEU H 118 2.91 22.46 -64.17
C LEU H 118 2.92 23.04 -62.75
N GLN H 119 1.74 23.35 -62.23
CA GLN H 119 1.64 24.08 -60.97
C GLN H 119 1.92 23.16 -59.79
N LEU H 120 2.95 23.50 -59.02
CA LEU H 120 3.32 22.78 -57.80
C LEU H 120 2.89 23.63 -56.61
N ASN H 121 2.02 23.07 -55.78
CA ASN H 121 1.62 23.70 -54.53
C ASN H 121 1.89 22.75 -53.38
N ALA H 122 2.09 23.31 -52.19
CA ALA H 122 2.37 22.51 -51.01
C ALA H 122 1.58 23.06 -49.83
N PHE H 123 1.04 22.16 -49.02
CA PHE H 123 0.18 22.51 -47.90
C PHE H 123 0.70 21.85 -46.64
N LYS H 124 0.80 22.60 -45.56
CA LYS H 124 1.23 22.05 -44.28
C LYS H 124 0.13 21.17 -43.68
N ASN H 125 0.54 20.13 -42.98
CA ASN H 125 -0.41 19.29 -42.26
C ASN H 125 0.33 18.62 -41.11
N PHE H 126 -0.38 18.36 -40.02
CA PHE H 126 0.22 17.63 -38.92
C PHE H 126 -0.27 16.20 -38.93
N PHE H 127 0.40 15.37 -38.13
CA PHE H 127 0.10 13.96 -38.10
C PHE H 127 -1.20 13.69 -37.36
N GLY H 128 -2.11 12.97 -38.00
CA GLY H 128 -3.39 12.64 -37.43
C GLY H 128 -4.55 13.44 -37.95
N ARG H 129 -4.43 14.06 -39.12
CA ARG H 129 -5.49 14.85 -39.72
C ARG H 129 -5.58 14.50 -41.19
N GLU H 130 -6.79 14.48 -41.73
CA GLU H 130 -7.00 14.15 -43.14
C GLU H 130 -6.44 15.25 -44.04
N TYR H 131 -6.23 14.90 -45.30
CA TYR H 131 -5.59 15.80 -46.25
C TYR H 131 -6.56 16.47 -47.20
N PHE H 132 -7.74 15.88 -47.40
CA PHE H 132 -8.78 16.48 -48.20
C PHE H 132 -10.06 16.60 -47.38
N PRO H 133 -10.80 17.68 -47.52
CA PRO H 133 -12.05 17.83 -46.77
C PRO H 133 -13.13 16.91 -47.34
N SER H 134 -14.18 16.73 -46.56
CA SER H 134 -15.32 15.92 -46.99
C SER H 134 -16.08 16.66 -48.09
N LYS H 135 -16.69 15.88 -48.98
CA LYS H 135 -17.42 16.44 -50.12
C LYS H 135 -18.73 17.12 -49.71
N ASP H 136 -19.20 16.89 -48.49
CA ASP H 136 -20.43 17.54 -48.04
C ASP H 136 -20.19 19.02 -47.75
N ILE H 137 -19.09 19.35 -47.09
CA ILE H 137 -18.79 20.71 -46.70
C ILE H 137 -18.34 21.53 -47.91
N LEU H 143 -15.39 24.83 -46.02
CA LEU H 143 -14.47 23.84 -45.49
C LEU H 143 -13.16 24.48 -45.02
N GLN H 144 -12.57 23.91 -43.98
CA GLN H 144 -11.29 24.39 -43.48
C GLN H 144 -10.17 23.97 -44.41
N SER H 145 -9.32 24.92 -44.78
CA SER H 145 -8.19 24.64 -45.66
C SER H 145 -6.93 24.41 -44.85
N MET H 146 -5.94 23.79 -45.48
CA MET H 146 -4.64 23.57 -44.88
C MET H 146 -3.73 24.74 -45.22
N LYS H 147 -2.79 25.02 -44.31
CA LYS H 147 -1.91 26.17 -44.45
C LYS H 147 -0.94 25.96 -45.60
N VAL H 148 -0.92 26.91 -46.53
CA VAL H 148 -0.09 26.80 -47.72
C VAL H 148 1.36 27.08 -47.36
N HIS H 149 2.26 26.29 -47.94
CA HIS H 149 3.71 26.29 -47.96
C HIS H 149 4.22 26.96 -49.23
N PRO H 150 5.24 27.81 -49.15
CA PRO H 150 5.80 28.40 -50.36
C PRO H 150 6.59 27.36 -51.16
N TYR H 151 6.53 27.51 -52.49
CA TYR H 151 7.06 26.56 -53.47
C TYR H 151 6.56 25.15 -53.24
N HIS H 158 12.20 26.56 -52.95
CA HIS H 158 12.16 25.38 -52.11
C HIS H 158 11.20 25.54 -50.93
N LYS H 159 10.79 24.43 -50.34
CA LYS H 159 10.02 24.45 -49.12
C LYS H 159 10.95 24.63 -47.93
N ALA H 160 10.40 24.66 -46.72
CA ALA H 160 11.19 24.93 -45.53
C ALA H 160 10.55 24.27 -44.32
N PRO H 161 11.03 23.11 -43.92
CA PRO H 161 10.72 22.62 -42.57
C PRO H 161 11.47 23.42 -41.52
N ILE H 162 10.76 24.29 -40.82
CA ILE H 162 11.30 25.15 -39.77
C ILE H 162 11.37 24.38 -38.46
N ARG H 163 11.96 25.01 -37.43
CA ARG H 163 11.95 24.54 -36.05
C ARG H 163 12.66 23.20 -35.89
N SER H 164 13.99 23.22 -35.96
CA SER H 164 14.82 22.03 -35.83
C SER H 164 15.29 21.80 -34.40
N TYR H 165 14.43 22.10 -33.41
CA TYR H 165 14.74 21.83 -32.01
C TYR H 165 14.86 20.33 -31.76
N LEU H 166 15.80 19.96 -30.87
CA LEU H 166 16.23 18.58 -30.68
C LEU H 166 15.11 17.72 -30.09
N GLN H 167 15.22 16.41 -30.32
CA GLN H 167 14.10 15.51 -30.04
C GLN H 167 14.02 15.14 -28.57
N ALA H 168 15.14 15.17 -27.84
CA ALA H 168 15.23 15.02 -26.38
C ALA H 168 14.66 13.67 -25.92
N ARG H 169 15.39 12.62 -26.30
CA ARG H 169 14.99 11.26 -25.91
C ARG H 169 15.16 11.04 -24.41
N ASN H 170 16.22 11.59 -23.81
CA ASN H 170 16.55 11.28 -22.44
C ASN H 170 15.71 12.11 -21.47
N VAL H 171 15.13 11.43 -20.48
CA VAL H 171 14.33 12.06 -19.44
C VAL H 171 15.20 12.18 -18.20
N SER H 172 15.40 13.42 -17.73
CA SER H 172 16.18 13.64 -16.53
C SER H 172 15.37 13.26 -15.29
N ILE H 173 16.03 12.59 -14.36
CA ILE H 173 15.40 12.21 -13.10
C ILE H 173 16.38 12.37 -11.95
#